data_7QR8
#
_entry.id   7QR8
#
_cell.length_a   178.278
_cell.length_b   68.029
_cell.length_c   186.741
_cell.angle_alpha   90.000
_cell.angle_beta   110.740
_cell.angle_gamma   90.000
#
_symmetry.space_group_name_H-M   'C 1 2 1'
#
loop_
_entity.id
_entity.type
_entity.pdbx_description
1 polymer 'PTPRC sgRNA'
2 polymer 'CRISPR-associated endonuclease Cas9/Csn1'
3 polymer 'PTPRC off-target1 target strand'
4 polymer 'PTPRC off-target1 non-target strand'
5 non-polymer 'MAGNESIUM ION'
6 non-polymer 'POTASSIUM ION'
7 water water
#
loop_
_entity_poly.entity_id
_entity_poly.type
_entity_poly.pdbx_seq_one_letter_code
_entity_poly.pdbx_strand_id
1 'polyribonucleotide'
;GGGGCAAAACUCAACCCUACCCCGUUUUAGAGCUAGAAAUAGCAAGUUAAAAUAAGGCUAGUCCGUUAUCAACUUGAAAA
AGUGA
;
A
2 'polypeptide(L)'
;MDKKYSIGLAIGTNSVGWAVITDEYKVPSKKFKVLGNTDRHSIKKNLIGALLFDSGETAEATRLKRTARRRYTRRKNRIC
YLQEIFSNEMAKVDDSFFHRLEESFLVEEDKKHERHPIFGNIVDEVAYHEKYPTIYHLRKKLVDSTDKADLRLIYLALAH
MIKFRGHFLIEGDLNPDNSDVDKLFIQLVQTYNQLFEENPINASGVDAKAILSARLSKSRRLENLIAQLPGEKKNGLFGN
LIALSLGLTPNFKSNFDLAEDAKLQLSKDTYDDDLDNLLAQIGDQYADLFLAAKNLSDAILLSDILRVNTEITKAPLSAS
MIKRYDEHHQDLTLLKALVRQQLPEKYKEIFFDQSKNGYAGYIDGGASQEEFYKFIKPILEKMDGTEELLVKLNREDLLR
KQRTFDNGSIPHQIHLGELHAILRRQEDFYPFLKDNREKIEKILTFRIPYYVGPLARGNSRFAWMTRKSEETITPWNFEE
VVDKGASAQSFIERMTNFDKNLPNEKVLPKHSLLYEYFTVYNELTKVKYVTEGMRKPAFLSGEQKKAIVDLLFKTNRKVT
VKQLKEDYFKKIECFDSVEISGVEDRFNASLGTYHDLLKIIKDKDFLDNEENEDILEDIVLTLTLFEDREMIEERLKTYA
HLFDDKVMKQLKRRRYTGWGRLSRKLINGIRDKQSGKTILDFLKSDGFANRNFMQLIHDDSLTFKEDIQKAQVSGQGDSL
HEHIANLAGSPAIKKGILQTVKVVDELVKVMGRHKPENIVIEMARENQTTQKGQKNSRERMKRIEEGIKELGSQILKEHP
VENTQLQNEKLYLYYLQNGRDMYVDQELDINRLSDYDVDAIVPQSFLKDDSIDNKVLTRSDKNRGKSDNVPSEEVVKKMK
NYWRQLLNAKLITQRKFDNLTKAERGGLSELDKAGFIKRQLVETRQITKHVAQILDSRMNTKYDENDKLIREVKVITLKS
KLVSDFRKDFQFYKVREINNYHHAHDAYLNAVVGTALIKKYPKLESEFVYGDYKVYDVRKMIAKSEQEIGKATAKYFFYS
NIMNFFKTEITLANGEIRKRPLIETNGETGEIVWDKGRDFATVRKVLSMPQVNIVKKTEVQTGGFSKESILPKRNSDKLI
ARKKDWDPKKYGGFDSPTVAYSVLVVAKVEKGKSKKLKSVKELLGITIMERSSFEKNPIDFLEAKGYKEVKKDLIIKLPK
YSLFELENGRKRMLASAGELQKGNELALPSKYVNFLYLASHYEKLKGSPEDNEQKQLFVEQHKHYLDEIIEQISEFSKRV
ILADANLDKVLSAYNKHRDKPIREQAENIIHLFTLTNLGAPAAFKYFDTTIDRKRYTSTKEVLDATLIHQSITGLYETRI
DLSQLGGD
;
B
3 'polydeoxyribonucleotide'
;(DC)(DA)(DA)(DT)(DA)(DC)(DC)(DA)(DG)(DG)(DG)(DG)(DT)(DG)(DG)(DG)(DT)(DT)(DG)(DT)
(DG)(DT)(DA)(DT)(DT)(DG)(DC)(DT)
;
C
4 'polydeoxyribonucleotide' (DC)(DC)(DC)(DC)(DT)(DG)(DG)(DT)(DA)(DT)(DT)(DG) D
#
# COMPACT_ATOMS: atom_id res chain seq x y z
N LYS B 3 -9.77 35.49 31.70
CA LYS B 3 -8.43 35.03 32.04
C LYS B 3 -7.71 34.52 30.80
N LYS B 4 -6.43 34.20 30.94
CA LYS B 4 -5.62 33.65 29.87
C LYS B 4 -5.53 32.14 30.00
N TYR B 5 -5.39 31.47 28.87
CA TYR B 5 -5.31 30.01 28.85
C TYR B 5 -4.60 29.56 27.58
N SER B 6 -4.16 28.30 27.61
CA SER B 6 -3.53 27.66 26.48
C SER B 6 -4.15 26.28 26.27
N ILE B 7 -4.02 25.78 25.05
CA ILE B 7 -4.62 24.51 24.64
C ILE B 7 -3.50 23.54 24.26
N GLY B 8 -3.64 22.30 24.72
CA GLY B 8 -2.74 21.22 24.34
C GLY B 8 -3.51 20.15 23.58
N LEU B 9 -2.89 19.63 22.52
CA LEU B 9 -3.53 18.68 21.62
C LEU B 9 -2.58 17.54 21.30
N ALA B 10 -3.13 16.33 21.30
CA ALA B 10 -2.42 15.12 20.90
C ALA B 10 -3.25 14.46 19.80
N ILE B 11 -2.78 14.57 18.56
CA ILE B 11 -3.52 14.11 17.39
C ILE B 11 -3.03 12.72 17.02
N GLY B 12 -3.97 11.79 16.82
CA GLY B 12 -3.64 10.43 16.46
C GLY B 12 -4.53 9.93 15.34
N THR B 13 -4.31 8.66 14.98
CA THR B 13 -5.12 8.01 13.96
C THR B 13 -6.49 7.62 14.48
N ASN B 14 -6.67 7.56 15.80
CA ASN B 14 -7.95 7.17 16.39
C ASN B 14 -8.35 8.08 17.55
N SER B 15 -7.58 9.13 17.85
CA SER B 15 -7.88 9.93 19.03
C SER B 15 -7.32 11.32 18.88
N VAL B 16 -8.04 12.28 19.44
CA VAL B 16 -7.58 13.65 19.60
C VAL B 16 -7.71 13.98 21.09
N GLY B 17 -6.61 13.92 21.82
CA GLY B 17 -6.61 14.38 23.20
C GLY B 17 -6.49 15.89 23.26
N TRP B 18 -7.21 16.49 24.20
CA TRP B 18 -7.27 17.95 24.30
C TRP B 18 -7.27 18.36 25.76
N ALA B 19 -6.68 19.54 26.01
CA ALA B 19 -6.53 20.03 27.37
C ALA B 19 -6.46 21.55 27.36
N VAL B 20 -7.00 22.16 28.43
CA VAL B 20 -6.94 23.59 28.63
C VAL B 20 -6.21 23.86 29.94
N ILE B 21 -5.22 24.76 29.90
CA ILE B 21 -4.44 25.10 31.08
C ILE B 21 -4.45 26.61 31.25
N THR B 22 -4.30 27.04 32.51
CA THR B 22 -4.11 28.44 32.83
C THR B 22 -2.62 28.75 32.94
N ASP B 23 -2.29 30.01 33.23
CA ASP B 23 -0.89 30.41 33.37
C ASP B 23 -0.22 29.70 34.54
N GLU B 24 -0.99 29.18 35.49
CA GLU B 24 -0.47 28.40 36.60
C GLU B 24 -0.34 26.91 36.26
N TYR B 25 -0.48 26.55 34.98
CA TYR B 25 -0.46 25.17 34.52
C TYR B 25 -1.58 24.34 35.14
N LYS B 26 -2.64 25.00 35.60
CA LYS B 26 -3.79 24.35 36.20
C LYS B 26 -4.86 24.09 35.15
N VAL B 27 -5.68 23.08 35.40
CA VAL B 27 -6.81 22.75 34.55
C VAL B 27 -8.05 23.41 35.13
N PRO B 28 -8.72 24.30 34.40
CA PRO B 28 -9.95 24.89 34.92
C PRO B 28 -11.06 23.86 35.03
N SER B 29 -12.05 24.19 35.86
CA SER B 29 -13.28 23.43 35.96
C SER B 29 -14.45 24.39 35.78
N LYS B 30 -15.57 23.86 35.27
CA LYS B 30 -16.68 24.73 34.91
C LYS B 30 -17.99 24.02 35.15
N LYS B 31 -19.03 24.82 35.44
CA LYS B 31 -20.40 24.33 35.43
C LYS B 31 -20.95 24.46 34.02
N PHE B 32 -21.35 23.34 33.43
CA PHE B 32 -21.92 23.31 32.09
C PHE B 32 -23.40 22.98 32.19
N LYS B 33 -24.20 23.63 31.34
CA LYS B 33 -25.64 23.41 31.33
C LYS B 33 -25.97 22.05 30.74
N VAL B 34 -26.88 21.33 31.40
CA VAL B 34 -27.35 20.03 30.95
C VAL B 34 -28.77 20.19 30.44
N LEU B 35 -28.96 19.89 29.15
CA LEU B 35 -30.28 19.97 28.53
C LEU B 35 -30.99 18.62 28.61
N GLY B 36 -32.26 18.62 28.25
CA GLY B 36 -33.02 17.39 28.20
C GLY B 36 -34.30 17.41 29.03
N ASN B 37 -34.74 16.23 29.47
CA ASN B 37 -35.93 16.08 30.29
C ASN B 37 -35.62 15.42 31.63
N THR B 38 -34.37 15.46 32.07
CA THR B 38 -33.97 14.94 33.37
C THR B 38 -34.04 16.04 34.42
N ASP B 39 -33.84 15.65 35.69
CA ASP B 39 -33.89 16.60 36.78
C ASP B 39 -32.57 17.34 36.99
N ARG B 40 -31.49 16.90 36.35
CA ARG B 40 -30.21 17.58 36.43
C ARG B 40 -30.15 18.67 35.38
N HIS B 41 -29.84 19.89 35.81
CA HIS B 41 -29.80 21.05 34.92
C HIS B 41 -28.39 21.52 34.61
N SER B 42 -27.38 21.02 35.31
CA SER B 42 -25.99 21.41 35.09
C SER B 42 -25.09 20.36 35.71
N ILE B 43 -23.81 20.43 35.38
CA ILE B 43 -22.84 19.48 35.90
C ILE B 43 -21.45 20.13 35.88
N LYS B 44 -20.62 19.75 36.85
CA LYS B 44 -19.24 20.21 36.89
C LYS B 44 -18.37 19.33 35.99
N LYS B 45 -17.52 19.97 35.19
CA LYS B 45 -16.63 19.24 34.28
C LYS B 45 -15.26 19.89 34.27
N ASN B 46 -14.23 19.05 34.26
CA ASN B 46 -12.87 19.50 34.03
C ASN B 46 -12.63 19.67 32.53
N LEU B 47 -11.82 20.66 32.18
CA LEU B 47 -11.58 20.98 30.77
C LEU B 47 -10.48 20.13 30.17
N ILE B 48 -10.45 18.83 30.47
CA ILE B 48 -9.54 17.87 29.85
C ILE B 48 -10.40 16.78 29.22
N GLY B 49 -9.91 16.20 28.12
CA GLY B 49 -10.62 15.07 27.56
C GLY B 49 -9.91 14.52 26.35
N ALA B 50 -10.59 13.59 25.68
CA ALA B 50 -10.02 12.96 24.48
C ALA B 50 -11.17 12.45 23.63
N LEU B 51 -11.22 12.86 22.37
CA LEU B 51 -12.18 12.33 21.43
C LEU B 51 -11.63 11.05 20.82
N LEU B 52 -12.45 10.01 20.76
CA LEU B 52 -12.07 8.72 20.18
C LEU B 52 -12.93 8.44 18.96
N PHE B 53 -12.33 7.83 17.94
CA PHE B 53 -13.06 7.51 16.72
C PHE B 53 -12.45 6.28 16.05
N ASP B 54 -13.24 5.64 15.19
CA ASP B 54 -12.75 4.56 14.36
C ASP B 54 -11.89 5.13 13.24
N SER B 55 -10.91 4.34 12.81
CA SER B 55 -9.90 4.81 11.87
C SER B 55 -10.54 5.24 10.55
N GLY B 56 -9.99 6.30 9.96
CA GLY B 56 -10.40 6.68 8.62
C GLY B 56 -9.80 5.75 7.60
N GLU B 57 -10.62 5.38 6.61
CA GLU B 57 -10.24 4.39 5.61
C GLU B 57 -9.91 5.05 4.29
N THR B 58 -9.00 4.42 3.54
CA THR B 58 -8.63 4.91 2.23
C THR B 58 -9.72 4.56 1.21
N ALA B 59 -9.59 5.14 0.01
CA ALA B 59 -10.54 4.89 -1.07
C ALA B 59 -10.12 3.74 -1.97
N GLU B 60 -9.17 2.90 -1.54
CA GLU B 60 -8.67 1.84 -2.41
C GLU B 60 -9.70 0.74 -2.60
N ALA B 61 -10.25 0.22 -1.50
CA ALA B 61 -11.23 -0.86 -1.59
C ALA B 61 -12.46 -0.43 -2.39
N THR B 62 -12.91 0.81 -2.19
CA THR B 62 -14.04 1.33 -2.96
C THR B 62 -13.71 1.36 -4.44
N ARG B 63 -12.51 1.80 -4.80
CA ARG B 63 -12.10 1.85 -6.20
C ARG B 63 -12.03 0.46 -6.82
N LEU B 64 -11.51 -0.51 -6.08
CA LEU B 64 -11.43 -1.87 -6.60
C LEU B 64 -12.83 -2.44 -6.80
N LYS B 65 -13.74 -2.18 -5.87
CA LYS B 65 -15.13 -2.58 -6.06
C LYS B 65 -15.72 -1.94 -7.31
N ARG B 66 -15.45 -0.65 -7.52
CA ARG B 66 -15.98 0.05 -8.69
C ARG B 66 -15.46 -0.56 -9.99
N THR B 67 -14.16 -0.90 -10.02
CA THR B 67 -13.59 -1.49 -11.22
C THR B 67 -14.16 -2.88 -11.49
N ALA B 68 -14.33 -3.68 -10.44
CA ALA B 68 -14.95 -4.99 -10.63
C ALA B 68 -16.38 -4.86 -11.13
N ARG B 69 -17.12 -3.88 -10.61
CA ARG B 69 -18.47 -3.61 -11.09
C ARG B 69 -18.48 -3.33 -12.58
N ARG B 70 -17.65 -2.37 -13.01
CA ARG B 70 -17.60 -2.02 -14.43
C ARG B 70 -17.17 -3.21 -15.28
N ARG B 71 -16.25 -4.03 -14.78
CA ARG B 71 -15.80 -5.19 -15.54
C ARG B 71 -16.94 -6.19 -15.75
N TYR B 72 -17.68 -6.50 -14.69
CA TYR B 72 -18.82 -7.42 -14.84
C TYR B 72 -19.85 -6.86 -15.82
N THR B 73 -20.15 -5.57 -15.71
CA THR B 73 -21.09 -4.94 -16.64
C THR B 73 -20.64 -5.11 -18.09
N ARG B 74 -19.37 -4.83 -18.36
CA ARG B 74 -18.90 -4.86 -19.74
C ARG B 74 -18.75 -6.28 -20.27
N ARG B 75 -18.46 -7.26 -19.42
CA ARG B 75 -18.44 -8.65 -19.87
C ARG B 75 -19.85 -9.11 -20.25
N LYS B 76 -20.85 -8.77 -19.41
CA LYS B 76 -22.23 -9.05 -19.79
C LYS B 76 -22.58 -8.38 -21.11
N ASN B 77 -22.06 -7.17 -21.35
CA ASN B 77 -22.34 -6.49 -22.60
C ASN B 77 -21.70 -7.20 -23.79
N ARG B 78 -20.50 -7.76 -23.61
CA ARG B 78 -19.90 -8.57 -24.66
C ARG B 78 -20.79 -9.75 -25.04
N ILE B 79 -21.28 -10.48 -24.03
CA ILE B 79 -22.16 -11.60 -24.31
C ILE B 79 -23.43 -11.13 -25.00
N CYS B 80 -23.94 -9.96 -24.60
CA CYS B 80 -25.14 -9.41 -25.24
C CYS B 80 -24.90 -9.10 -26.71
N TYR B 81 -23.73 -8.56 -27.04
CA TYR B 81 -23.38 -8.32 -28.44
C TYR B 81 -23.38 -9.62 -29.23
N LEU B 82 -22.73 -10.65 -28.69
CA LEU B 82 -22.71 -11.94 -29.40
C LEU B 82 -24.12 -12.48 -29.63
N GLN B 83 -24.98 -12.37 -28.61
CA GLN B 83 -26.34 -12.89 -28.75
C GLN B 83 -27.15 -12.08 -29.76
N GLU B 84 -26.98 -10.76 -29.79
CA GLU B 84 -27.67 -9.95 -30.79
C GLU B 84 -27.22 -10.34 -32.19
N ILE B 85 -25.94 -10.65 -32.36
CA ILE B 85 -25.47 -11.12 -33.66
C ILE B 85 -26.14 -12.44 -34.03
N PHE B 86 -26.23 -13.37 -33.08
CA PHE B 86 -26.82 -14.67 -33.37
C PHE B 86 -28.35 -14.67 -33.40
N SER B 87 -28.98 -13.53 -33.07
CA SER B 87 -30.43 -13.47 -32.86
C SER B 87 -31.23 -14.12 -33.99
N ASN B 88 -31.12 -13.56 -35.21
CA ASN B 88 -32.08 -13.89 -36.25
C ASN B 88 -31.94 -15.31 -36.77
N GLU B 89 -30.71 -15.86 -36.79
CA GLU B 89 -30.53 -17.24 -37.24
C GLU B 89 -30.82 -18.23 -36.13
N MET B 90 -30.37 -17.94 -34.91
CA MET B 90 -30.73 -18.81 -33.78
C MET B 90 -32.24 -18.87 -33.59
N ALA B 91 -32.96 -17.83 -34.02
CA ALA B 91 -34.41 -17.89 -34.02
C ALA B 91 -34.91 -19.03 -34.89
N LYS B 92 -34.32 -19.21 -36.07
CA LYS B 92 -34.71 -20.31 -36.94
C LYS B 92 -34.29 -21.65 -36.34
N VAL B 93 -33.10 -21.72 -35.75
CA VAL B 93 -32.61 -23.00 -35.25
C VAL B 93 -33.32 -23.39 -33.95
N ASP B 94 -33.40 -22.46 -33.00
CA ASP B 94 -34.00 -22.76 -31.69
C ASP B 94 -34.48 -21.44 -31.08
N ASP B 95 -35.80 -21.22 -31.10
CA ASP B 95 -36.37 -19.93 -30.73
C ASP B 95 -36.33 -19.65 -29.24
N SER B 96 -35.84 -20.56 -28.40
CA SER B 96 -35.80 -20.36 -26.96
C SER B 96 -34.45 -20.71 -26.35
N PHE B 97 -33.40 -20.80 -27.19
CA PHE B 97 -32.08 -21.19 -26.70
C PHE B 97 -31.53 -20.16 -25.73
N PHE B 98 -31.50 -18.88 -26.14
CA PHE B 98 -30.95 -17.85 -25.28
C PHE B 98 -31.80 -17.63 -24.04
N HIS B 99 -33.11 -17.88 -24.12
CA HIS B 99 -33.94 -17.82 -22.92
C HIS B 99 -33.54 -18.89 -21.93
N ARG B 100 -33.33 -20.13 -22.41
CA ARG B 100 -32.90 -21.20 -21.53
C ARG B 100 -31.54 -20.91 -20.91
N LEU B 101 -30.65 -20.28 -21.69
CA LEU B 101 -29.35 -19.89 -21.13
C LEU B 101 -29.51 -18.80 -20.07
N GLU B 102 -30.42 -17.85 -20.30
CA GLU B 102 -30.60 -16.75 -19.37
C GLU B 102 -31.16 -17.22 -18.03
N GLU B 103 -32.10 -18.17 -18.06
CA GLU B 103 -32.76 -18.65 -16.85
C GLU B 103 -32.15 -19.94 -16.31
N SER B 104 -30.91 -20.26 -16.70
CA SER B 104 -30.28 -21.49 -16.25
C SER B 104 -30.15 -21.54 -14.73
N PHE B 105 -30.19 -20.39 -14.05
CA PHE B 105 -30.03 -20.35 -12.60
C PHE B 105 -31.30 -20.72 -11.87
N LEU B 106 -32.46 -20.49 -12.48
CA LEU B 106 -33.73 -20.73 -11.80
C LEU B 106 -33.96 -22.23 -11.62
N VAL B 107 -34.69 -22.58 -10.55
CA VAL B 107 -35.13 -23.96 -10.38
C VAL B 107 -36.25 -24.26 -11.35
N GLU B 108 -36.45 -25.55 -11.62
CA GLU B 108 -37.43 -25.98 -12.63
C GLU B 108 -38.83 -25.44 -12.33
N GLU B 109 -39.18 -25.31 -11.05
CA GLU B 109 -40.48 -24.76 -10.69
C GLU B 109 -40.64 -23.35 -11.23
N ASP B 110 -39.58 -22.55 -11.21
CA ASP B 110 -39.62 -21.19 -11.71
C ASP B 110 -39.18 -21.06 -13.16
N LYS B 111 -38.66 -22.12 -13.76
CA LYS B 111 -38.28 -22.06 -15.16
C LYS B 111 -39.51 -22.00 -16.05
N LYS B 112 -39.53 -21.02 -16.97
CA LYS B 112 -40.60 -20.91 -17.94
C LYS B 112 -40.37 -21.78 -19.18
N HIS B 113 -39.21 -22.43 -19.29
CA HIS B 113 -38.93 -23.31 -20.41
C HIS B 113 -38.40 -24.66 -19.92
N GLU B 114 -37.94 -25.49 -20.85
CA GLU B 114 -37.39 -26.80 -20.51
C GLU B 114 -36.09 -26.65 -19.72
N ARG B 115 -35.89 -27.55 -18.75
CA ARG B 115 -34.78 -27.45 -17.81
C ARG B 115 -33.43 -27.81 -18.42
N HIS B 116 -33.40 -28.43 -19.60
CA HIS B 116 -32.12 -28.78 -20.22
C HIS B 116 -31.68 -27.66 -21.16
N PRO B 117 -30.57 -26.97 -20.88
CA PRO B 117 -30.27 -25.70 -21.54
C PRO B 117 -29.99 -25.80 -23.04
N ILE B 118 -29.03 -26.66 -23.42
CA ILE B 118 -28.50 -26.61 -24.78
C ILE B 118 -29.54 -27.09 -25.79
N PHE B 119 -30.20 -28.21 -25.52
CA PHE B 119 -31.04 -28.86 -26.52
C PHE B 119 -32.50 -29.00 -26.14
N GLY B 120 -32.90 -28.63 -24.93
CA GLY B 120 -34.31 -28.68 -24.60
C GLY B 120 -34.90 -30.06 -24.44
N ASN B 121 -34.06 -31.10 -24.37
CA ASN B 121 -34.53 -32.45 -24.07
C ASN B 121 -33.40 -33.22 -23.40
N ILE B 122 -33.78 -34.25 -22.65
CA ILE B 122 -32.80 -34.94 -21.81
C ILE B 122 -31.85 -35.79 -22.65
N VAL B 123 -32.36 -36.45 -23.68
CA VAL B 123 -31.55 -37.38 -24.46
C VAL B 123 -30.41 -36.65 -25.15
N ASP B 124 -30.74 -35.59 -25.90
CA ASP B 124 -29.71 -34.85 -26.63
C ASP B 124 -28.71 -34.21 -25.68
N GLU B 125 -29.17 -33.72 -24.54
CA GLU B 125 -28.28 -33.08 -23.57
C GLU B 125 -27.28 -34.09 -23.01
N VAL B 126 -27.77 -35.26 -22.57
CA VAL B 126 -26.89 -36.28 -22.03
C VAL B 126 -25.92 -36.76 -23.11
N ALA B 127 -26.38 -36.86 -24.36
CA ALA B 127 -25.51 -37.28 -25.44
C ALA B 127 -24.40 -36.25 -25.68
N TYR B 128 -24.76 -34.96 -25.66
CA TYR B 128 -23.76 -33.91 -25.79
C TYR B 128 -22.68 -34.05 -24.71
N HIS B 129 -23.11 -34.20 -23.46
CA HIS B 129 -22.14 -34.25 -22.37
C HIS B 129 -21.28 -35.49 -22.46
N GLU B 130 -21.84 -36.62 -22.90
CA GLU B 130 -21.02 -37.82 -23.13
C GLU B 130 -19.98 -37.54 -24.22
N LYS B 131 -20.38 -36.86 -25.28
CA LYS B 131 -19.45 -36.58 -26.38
C LYS B 131 -18.37 -35.61 -25.94
N TYR B 132 -18.77 -34.48 -25.33
CA TYR B 132 -17.84 -33.44 -24.89
C TYR B 132 -17.91 -33.33 -23.38
N PRO B 133 -17.05 -34.04 -22.64
CA PRO B 133 -17.06 -33.91 -21.18
C PRO B 133 -16.79 -32.50 -20.70
N THR B 134 -15.95 -31.75 -21.40
CA THR B 134 -15.65 -30.37 -21.07
C THR B 134 -15.91 -29.48 -22.29
N ILE B 135 -15.99 -28.17 -22.04
CA ILE B 135 -16.17 -27.21 -23.11
C ILE B 135 -15.01 -27.25 -24.09
N TYR B 136 -13.81 -27.59 -23.60
CA TYR B 136 -12.63 -27.57 -24.45
C TYR B 136 -12.65 -28.71 -25.48
N HIS B 137 -13.30 -29.83 -25.15
CA HIS B 137 -13.55 -30.84 -26.17
C HIS B 137 -14.30 -30.25 -27.35
N LEU B 138 -15.42 -29.58 -27.07
CA LEU B 138 -16.21 -28.96 -28.13
C LEU B 138 -15.41 -27.90 -28.88
N ARG B 139 -14.60 -27.12 -28.15
CA ARG B 139 -13.81 -26.08 -28.79
C ARG B 139 -12.81 -26.67 -29.77
N LYS B 140 -12.03 -27.67 -29.33
CA LYS B 140 -11.07 -28.30 -30.23
C LYS B 140 -11.76 -28.97 -31.41
N LYS B 141 -12.91 -29.60 -31.16
CA LYS B 141 -13.65 -30.25 -32.24
C LYS B 141 -14.07 -29.23 -33.30
N LEU B 142 -14.67 -28.12 -32.85
CA LEU B 142 -15.11 -27.09 -33.78
C LEU B 142 -13.93 -26.46 -34.52
N VAL B 143 -12.76 -26.40 -33.87
CA VAL B 143 -11.57 -25.91 -34.56
C VAL B 143 -11.13 -26.89 -35.65
N ASP B 144 -11.14 -28.19 -35.34
CA ASP B 144 -10.57 -29.17 -36.24
C ASP B 144 -11.54 -29.68 -37.29
N SER B 145 -12.76 -30.02 -36.88
CA SER B 145 -13.68 -30.72 -37.78
C SER B 145 -14.06 -29.85 -38.96
N THR B 146 -14.35 -30.51 -40.08
CA THR B 146 -14.73 -29.84 -41.32
C THR B 146 -16.24 -29.77 -41.52
N ASP B 147 -17.01 -30.57 -40.78
CA ASP B 147 -18.43 -30.67 -40.98
C ASP B 147 -19.16 -29.43 -40.46
N LYS B 148 -20.39 -29.26 -40.92
CA LYS B 148 -21.26 -28.23 -40.37
C LYS B 148 -21.70 -28.63 -38.97
N ALA B 149 -21.72 -27.66 -38.06
CA ALA B 149 -22.05 -27.92 -36.67
C ALA B 149 -23.32 -27.19 -36.27
N ASP B 150 -23.92 -27.66 -35.18
CA ASP B 150 -25.11 -27.00 -34.64
C ASP B 150 -24.77 -25.58 -34.23
N LEU B 151 -25.64 -24.65 -34.62
CA LEU B 151 -25.41 -23.24 -34.31
C LEU B 151 -25.31 -23.00 -32.81
N ARG B 152 -26.00 -23.81 -32.01
CA ARG B 152 -25.97 -23.63 -30.57
C ARG B 152 -24.60 -23.99 -30.00
N LEU B 153 -23.96 -25.04 -30.50
CA LEU B 153 -22.63 -25.40 -30.04
C LEU B 153 -21.60 -24.38 -30.48
N ILE B 154 -21.74 -23.87 -31.71
CA ILE B 154 -20.89 -22.77 -32.16
C ILE B 154 -21.01 -21.58 -31.22
N TYR B 155 -22.25 -21.21 -30.88
CA TYR B 155 -22.44 -20.10 -29.94
C TYR B 155 -21.79 -20.39 -28.60
N LEU B 156 -21.97 -21.62 -28.08
CA LEU B 156 -21.39 -21.94 -26.78
C LEU B 156 -19.88 -21.80 -26.80
N ALA B 157 -19.23 -22.29 -27.85
CA ALA B 157 -17.76 -22.20 -27.93
C ALA B 157 -17.31 -20.75 -28.03
N LEU B 158 -17.91 -19.98 -28.93
CA LEU B 158 -17.52 -18.59 -29.08
C LEU B 158 -17.80 -17.79 -27.81
N ALA B 159 -18.90 -18.11 -27.13
CA ALA B 159 -19.25 -17.39 -25.90
C ALA B 159 -18.28 -17.72 -24.78
N HIS B 160 -17.85 -18.98 -24.69
CA HIS B 160 -16.85 -19.33 -23.69
C HIS B 160 -15.52 -18.66 -23.98
N MET B 161 -15.20 -18.46 -25.26
CA MET B 161 -13.96 -17.77 -25.59
C MET B 161 -14.05 -16.27 -25.33
N ILE B 162 -15.22 -15.68 -25.49
CA ILE B 162 -15.35 -14.23 -25.31
C ILE B 162 -15.55 -13.88 -23.84
N LYS B 163 -16.26 -14.73 -23.08
CA LYS B 163 -16.51 -14.43 -21.68
C LYS B 163 -15.23 -14.51 -20.85
N PHE B 164 -14.33 -15.44 -21.19
CA PHE B 164 -13.04 -15.60 -20.51
C PHE B 164 -11.97 -15.54 -21.60
N ARG B 165 -11.61 -14.32 -22.00
CA ARG B 165 -10.84 -14.09 -23.21
C ARG B 165 -9.34 -14.04 -23.00
N GLY B 166 -8.86 -14.10 -21.75
CA GLY B 166 -7.43 -14.07 -21.50
C GLY B 166 -6.88 -12.67 -21.32
N HIS B 167 -5.63 -12.60 -20.86
CA HIS B 167 -5.02 -11.35 -20.48
C HIS B 167 -4.57 -10.55 -21.71
N PHE B 168 -4.07 -9.34 -21.48
CA PHE B 168 -3.69 -8.41 -22.53
C PHE B 168 -2.30 -7.84 -22.28
N LEU B 169 -1.39 -8.65 -21.71
CA LEU B 169 -0.06 -8.17 -21.39
C LEU B 169 0.86 -8.10 -22.61
N ILE B 170 0.56 -8.86 -23.66
CA ILE B 170 1.36 -8.89 -24.88
C ILE B 170 0.67 -8.06 -25.95
N GLU B 171 1.45 -7.22 -26.64
CA GLU B 171 0.95 -6.39 -27.71
C GLU B 171 1.15 -7.06 -29.06
N GLY B 172 0.29 -6.70 -30.01
CA GLY B 172 0.38 -7.22 -31.36
C GLY B 172 0.04 -8.70 -31.46
N ASP B 173 0.36 -9.26 -32.62
CA ASP B 173 0.15 -10.67 -32.88
C ASP B 173 1.21 -11.51 -32.17
N LEU B 174 0.93 -12.80 -32.03
CA LEU B 174 1.77 -13.66 -31.20
C LEU B 174 3.00 -14.17 -31.93
N ASN B 175 3.10 -13.96 -33.24
CA ASN B 175 4.22 -14.40 -34.04
C ASN B 175 4.48 -15.89 -33.90
N PRO B 176 3.54 -16.74 -34.33
CA PRO B 176 3.62 -18.18 -34.04
C PRO B 176 4.59 -18.96 -34.90
N ASP B 177 5.47 -18.31 -35.67
CA ASP B 177 6.45 -19.08 -36.43
C ASP B 177 7.53 -19.64 -35.51
N ASN B 178 7.89 -18.89 -34.47
CA ASN B 178 8.85 -19.38 -33.48
C ASN B 178 8.09 -19.82 -32.22
N SER B 179 7.45 -20.99 -32.33
CA SER B 179 6.72 -21.58 -31.22
C SER B 179 7.41 -22.81 -30.64
N ASP B 180 8.17 -23.54 -31.45
CA ASP B 180 8.79 -24.77 -31.01
C ASP B 180 10.08 -24.47 -30.23
N VAL B 181 10.23 -25.12 -29.09
CA VAL B 181 11.43 -24.88 -28.24
C VAL B 181 12.66 -25.44 -28.94
N ASP B 182 12.56 -26.64 -29.51
CA ASP B 182 13.75 -27.24 -30.18
C ASP B 182 14.15 -26.39 -31.39
N LYS B 183 13.18 -25.94 -32.17
CA LYS B 183 13.47 -25.16 -33.40
C LYS B 183 14.22 -23.88 -33.04
N LEU B 184 13.92 -23.30 -31.88
CA LEU B 184 14.58 -22.07 -31.43
C LEU B 184 15.88 -22.37 -30.68
N PHE B 185 15.95 -23.47 -29.94
CA PHE B 185 17.20 -23.85 -29.30
C PHE B 185 18.26 -24.19 -30.33
N ILE B 186 17.87 -24.90 -31.40
CA ILE B 186 18.81 -25.24 -32.46
C ILE B 186 19.26 -23.98 -33.20
N GLN B 187 18.35 -23.02 -33.39
CA GLN B 187 18.75 -21.76 -34.02
C GLN B 187 19.66 -20.94 -33.11
N LEU B 188 19.43 -20.99 -31.80
CA LEU B 188 20.34 -20.34 -30.85
C LEU B 188 21.73 -20.98 -30.91
N VAL B 189 21.79 -22.30 -30.98
CA VAL B 189 23.07 -22.98 -31.15
C VAL B 189 23.72 -22.55 -32.46
N GLN B 190 22.91 -22.42 -33.52
CA GLN B 190 23.42 -21.94 -34.80
C GLN B 190 24.09 -20.59 -34.66
N THR B 191 23.39 -19.63 -34.05
CA THR B 191 23.94 -18.28 -33.93
C THR B 191 25.18 -18.26 -33.04
N TYR B 192 25.14 -18.99 -31.92
CA TYR B 192 26.29 -19.04 -31.03
C TYR B 192 27.51 -19.62 -31.73
N ASN B 193 27.34 -20.75 -32.43
CA ASN B 193 28.44 -21.32 -33.20
C ASN B 193 28.87 -20.40 -34.33
N GLN B 194 27.96 -19.57 -34.83
CA GLN B 194 28.35 -18.55 -35.80
C GLN B 194 29.36 -17.59 -35.22
N LEU B 195 29.10 -17.12 -33.99
CA LEU B 195 30.02 -16.17 -33.39
C LEU B 195 31.34 -16.81 -33.00
N PHE B 196 31.35 -18.10 -32.66
CA PHE B 196 32.55 -18.79 -32.18
C PHE B 196 32.79 -20.02 -33.04
N GLU B 197 33.58 -19.86 -34.10
CA GLU B 197 33.92 -21.00 -34.95
C GLU B 197 34.85 -21.98 -34.25
N GLU B 198 35.66 -21.50 -33.31
CA GLU B 198 36.72 -22.33 -32.74
C GLU B 198 36.22 -23.20 -31.60
N ASN B 199 35.26 -22.69 -30.82
CA ASN B 199 34.70 -23.41 -29.68
C ASN B 199 33.21 -23.61 -29.90
N PRO B 200 32.83 -24.57 -30.74
CA PRO B 200 31.40 -24.82 -30.98
C PRO B 200 30.81 -25.70 -29.88
N ILE B 201 29.48 -25.80 -29.91
CA ILE B 201 28.74 -26.68 -29.01
C ILE B 201 27.89 -27.61 -29.87
N ASN B 202 28.12 -28.91 -29.72
CA ASN B 202 27.39 -29.92 -30.50
C ASN B 202 26.11 -30.27 -29.74
N ALA B 203 24.97 -29.94 -30.34
CA ALA B 203 23.66 -30.21 -29.75
C ALA B 203 23.04 -31.50 -30.28
N SER B 204 23.87 -32.48 -30.63
CA SER B 204 23.37 -33.76 -31.11
C SER B 204 22.88 -34.60 -29.94
N GLY B 205 21.71 -35.22 -30.11
CA GLY B 205 21.12 -35.98 -29.04
C GLY B 205 20.62 -35.16 -27.88
N VAL B 206 20.52 -33.85 -28.02
CA VAL B 206 20.06 -32.97 -26.96
C VAL B 206 18.56 -32.79 -27.11
N ASP B 207 17.79 -33.41 -26.22
CA ASP B 207 16.33 -33.29 -26.23
C ASP B 207 15.95 -32.01 -25.50
N ALA B 208 15.97 -30.90 -26.24
CA ALA B 208 15.70 -29.60 -25.64
C ALA B 208 14.22 -29.42 -25.30
N LYS B 209 13.34 -30.06 -26.07
CA LYS B 209 11.90 -29.93 -25.81
C LYS B 209 11.55 -30.44 -24.42
N ALA B 210 12.00 -31.65 -24.08
CA ALA B 210 11.63 -32.23 -22.80
C ALA B 210 12.33 -31.53 -21.64
N ILE B 211 13.60 -31.13 -21.85
CA ILE B 211 14.38 -30.54 -20.76
C ILE B 211 13.92 -29.12 -20.46
N LEU B 212 13.69 -28.30 -21.48
CA LEU B 212 13.36 -26.89 -21.28
C LEU B 212 11.88 -26.65 -20.98
N SER B 213 10.98 -27.51 -21.45
CA SER B 213 9.57 -27.37 -21.17
C SER B 213 9.11 -28.19 -19.98
N ALA B 214 10.04 -28.79 -19.24
CA ALA B 214 9.68 -29.59 -18.08
C ALA B 214 9.08 -28.71 -16.99
N ARG B 215 8.28 -29.33 -16.12
CA ARG B 215 7.63 -28.63 -15.02
C ARG B 215 8.53 -28.60 -13.78
N LEU B 216 9.71 -28.03 -13.95
CA LEU B 216 10.69 -27.91 -12.89
C LEU B 216 11.11 -26.46 -12.74
N SER B 217 11.83 -26.17 -11.66
CA SER B 217 12.35 -24.83 -11.46
C SER B 217 13.33 -24.47 -12.57
N LYS B 218 13.45 -23.16 -12.81
CA LYS B 218 14.29 -22.69 -13.91
C LYS B 218 15.75 -23.12 -13.71
N SER B 219 16.24 -23.06 -12.47
CA SER B 219 17.62 -23.47 -12.21
C SER B 219 17.82 -24.96 -12.48
N ARG B 220 16.84 -25.78 -12.11
CA ARG B 220 16.95 -27.21 -12.36
C ARG B 220 16.97 -27.52 -13.85
N ARG B 221 16.12 -26.84 -14.62
CA ARG B 221 16.13 -27.05 -16.07
C ARG B 221 17.44 -26.58 -16.68
N LEU B 222 18.00 -25.47 -16.18
CA LEU B 222 19.31 -25.03 -16.65
C LEU B 222 20.38 -26.08 -16.36
N GLU B 223 20.38 -26.64 -15.15
CA GLU B 223 21.31 -27.69 -14.81
C GLU B 223 21.13 -28.90 -15.73
N ASN B 224 19.88 -29.30 -15.97
CA ASN B 224 19.64 -30.47 -16.79
C ASN B 224 20.09 -30.27 -18.23
N LEU B 225 19.98 -29.04 -18.73
CA LEU B 225 20.44 -28.79 -20.09
C LEU B 225 21.97 -28.73 -20.16
N ILE B 226 22.60 -28.04 -19.20
CA ILE B 226 24.05 -27.91 -19.22
C ILE B 226 24.72 -29.28 -19.02
N ALA B 227 24.13 -30.14 -18.18
CA ALA B 227 24.70 -31.47 -17.98
C ALA B 227 24.66 -32.32 -19.25
N GLN B 228 23.90 -31.92 -20.25
CA GLN B 228 23.86 -32.60 -21.53
C GLN B 228 24.88 -32.03 -22.52
N LEU B 229 25.72 -31.10 -22.09
CA LEU B 229 26.75 -30.49 -22.93
C LEU B 229 28.09 -30.62 -22.23
N PRO B 230 28.88 -31.64 -22.56
CA PRO B 230 30.18 -31.81 -21.90
C PRO B 230 31.13 -30.67 -22.25
N GLY B 231 32.00 -30.34 -21.29
CA GLY B 231 32.91 -29.23 -21.44
C GLY B 231 32.26 -27.86 -21.39
N GLU B 232 30.96 -27.77 -21.12
CA GLU B 232 30.26 -26.51 -21.01
C GLU B 232 29.66 -26.39 -19.61
N LYS B 233 29.77 -25.20 -19.02
CA LYS B 233 29.27 -24.97 -17.67
C LYS B 233 28.14 -23.96 -17.69
N LYS B 234 27.37 -23.93 -16.60
CA LYS B 234 26.16 -23.12 -16.56
C LYS B 234 26.46 -21.62 -16.50
N ASN B 235 27.66 -21.23 -16.08
CA ASN B 235 28.04 -19.83 -16.02
C ASN B 235 28.85 -19.39 -17.23
N GLY B 236 29.01 -20.26 -18.21
CA GLY B 236 29.57 -19.86 -19.49
C GLY B 236 28.58 -19.01 -20.27
N LEU B 237 29.03 -18.55 -21.44
CA LEU B 237 28.19 -17.66 -22.25
C LEU B 237 26.91 -18.37 -22.69
N PHE B 238 27.04 -19.60 -23.21
CA PHE B 238 25.85 -20.33 -23.63
C PHE B 238 24.98 -20.69 -22.43
N GLY B 239 25.60 -21.06 -21.31
CA GLY B 239 24.83 -21.32 -20.11
C GLY B 239 24.08 -20.10 -19.63
N ASN B 240 24.72 -18.93 -19.68
CA ASN B 240 24.04 -17.70 -19.30
C ASN B 240 22.93 -17.34 -20.28
N LEU B 241 23.12 -17.63 -21.58
CA LEU B 241 22.05 -17.38 -22.54
C LEU B 241 20.84 -18.28 -22.26
N ILE B 242 21.08 -19.56 -21.97
CA ILE B 242 19.98 -20.45 -21.61
C ILE B 242 19.31 -19.97 -20.33
N ALA B 243 20.09 -19.52 -19.36
CA ALA B 243 19.51 -19.00 -18.13
C ALA B 243 18.65 -17.77 -18.40
N LEU B 244 19.11 -16.90 -19.29
CA LEU B 244 18.31 -15.74 -19.69
C LEU B 244 17.01 -16.19 -20.36
N SER B 245 17.06 -17.25 -21.16
CA SER B 245 15.85 -17.76 -21.80
C SER B 245 14.89 -18.36 -20.79
N LEU B 246 15.42 -19.01 -19.75
CA LEU B 246 14.55 -19.61 -18.74
C LEU B 246 13.90 -18.59 -17.82
N GLY B 247 14.26 -17.32 -17.93
CA GLY B 247 13.72 -16.29 -17.08
C GLY B 247 14.57 -15.89 -15.91
N LEU B 248 15.81 -16.37 -15.85
CA LEU B 248 16.69 -16.06 -14.73
C LEU B 248 17.41 -14.73 -14.97
N THR B 249 18.29 -14.37 -14.04
CA THR B 249 19.06 -13.13 -14.09
C THR B 249 20.54 -13.48 -14.17
N PRO B 250 21.06 -13.78 -15.36
CA PRO B 250 22.49 -14.07 -15.49
C PRO B 250 23.32 -12.79 -15.46
N ASN B 251 24.61 -12.97 -15.24
CA ASN B 251 25.58 -11.88 -15.24
C ASN B 251 26.58 -12.14 -16.37
N PHE B 252 26.46 -11.37 -17.45
CA PHE B 252 27.35 -11.51 -18.60
C PHE B 252 28.66 -10.75 -18.45
N LYS B 253 28.89 -10.14 -17.28
CA LYS B 253 30.12 -9.38 -17.06
C LYS B 253 31.36 -10.25 -17.22
N SER B 254 31.31 -11.48 -16.67
CA SER B 254 32.47 -12.35 -16.70
C SER B 254 32.66 -13.02 -18.06
N ASN B 255 31.58 -13.21 -18.82
CA ASN B 255 31.69 -13.86 -20.11
C ASN B 255 32.43 -13.01 -21.13
N PHE B 256 32.35 -11.68 -20.99
CA PHE B 256 32.96 -10.76 -21.94
C PHE B 256 34.09 -9.95 -21.32
N ASP B 257 34.63 -10.40 -20.18
CA ASP B 257 35.76 -9.75 -19.52
C ASP B 257 35.45 -8.28 -19.21
N LEU B 258 34.23 -8.02 -18.74
CA LEU B 258 33.76 -6.65 -18.56
C LEU B 258 34.31 -6.03 -17.29
N ALA B 259 33.88 -4.79 -17.02
CA ALA B 259 34.34 -4.03 -15.86
C ALA B 259 33.43 -4.20 -14.65
N GLU B 260 32.11 -4.16 -14.85
CA GLU B 260 31.19 -4.31 -13.74
C GLU B 260 29.95 -5.07 -14.21
N ASP B 261 28.97 -5.18 -13.32
CA ASP B 261 27.84 -6.08 -13.50
C ASP B 261 27.12 -5.86 -14.82
N ALA B 262 26.74 -6.96 -15.46
CA ALA B 262 25.91 -6.95 -16.65
C ALA B 262 24.78 -7.96 -16.44
N LYS B 263 23.95 -7.68 -15.45
CA LYS B 263 22.83 -8.56 -15.12
C LYS B 263 21.65 -8.26 -16.05
N LEU B 264 21.11 -9.30 -16.68
CA LEU B 264 20.01 -9.16 -17.61
C LEU B 264 18.84 -10.02 -17.16
N GLN B 265 17.64 -9.56 -17.47
CA GLN B 265 16.43 -10.34 -17.23
C GLN B 265 15.36 -9.83 -18.19
N LEU B 266 14.77 -10.73 -18.98
CA LEU B 266 13.87 -10.32 -20.05
C LEU B 266 12.60 -9.66 -19.50
N SER B 267 12.23 -9.97 -18.26
CA SER B 267 10.95 -9.49 -17.75
C SER B 267 11.04 -8.06 -17.21
N LYS B 268 12.22 -7.62 -16.77
CA LYS B 268 12.35 -6.26 -16.26
C LYS B 268 12.11 -5.26 -17.38
N ASP B 269 11.45 -4.14 -17.03
CA ASP B 269 11.15 -3.12 -18.03
C ASP B 269 12.42 -2.44 -18.54
N THR B 270 13.45 -2.34 -17.71
CA THR B 270 14.70 -1.72 -18.13
C THR B 270 15.43 -2.54 -19.17
N TYR B 271 15.03 -3.80 -19.37
CA TYR B 271 15.87 -4.79 -20.06
C TYR B 271 16.44 -4.25 -21.36
N ASP B 272 15.56 -3.76 -22.26
CA ASP B 272 15.99 -3.23 -23.54
C ASP B 272 17.22 -2.36 -23.35
N ASP B 273 17.05 -1.25 -22.63
CA ASP B 273 18.16 -0.35 -22.33
C ASP B 273 19.35 -1.14 -21.82
N ASP B 274 19.15 -1.92 -20.75
CA ASP B 274 20.17 -2.79 -20.21
C ASP B 274 20.96 -3.48 -21.30
N LEU B 275 20.27 -4.30 -22.12
CA LEU B 275 20.98 -5.06 -23.13
C LEU B 275 21.75 -4.14 -24.06
N ASP B 276 21.10 -3.07 -24.53
CA ASP B 276 21.78 -2.15 -25.43
C ASP B 276 22.99 -1.53 -24.74
N ASN B 277 22.83 -1.18 -23.47
CA ASN B 277 23.97 -0.77 -22.66
C ASN B 277 25.09 -1.79 -22.80
N LEU B 278 24.78 -3.04 -22.46
CA LEU B 278 25.76 -4.10 -22.59
C LEU B 278 26.32 -4.18 -24.00
N LEU B 279 25.46 -4.02 -25.01
CA LEU B 279 25.93 -4.15 -26.38
C LEU B 279 26.97 -3.10 -26.71
N ALA B 280 26.88 -1.91 -26.10
CA ALA B 280 27.87 -0.87 -26.35
C ALA B 280 29.28 -1.36 -26.03
N GLN B 281 29.41 -2.29 -25.08
CA GLN B 281 30.73 -2.78 -24.72
C GLN B 281 31.33 -3.65 -25.82
N ILE B 282 30.50 -4.43 -26.53
CA ILE B 282 31.04 -5.48 -27.40
C ILE B 282 30.53 -5.40 -28.83
N GLY B 283 29.47 -4.64 -29.07
CA GLY B 283 29.04 -4.34 -30.42
C GLY B 283 27.80 -5.11 -30.84
N ASP B 284 27.55 -5.05 -32.14
CA ASP B 284 26.32 -5.58 -32.73
C ASP B 284 26.46 -7.02 -33.24
N GLN B 285 27.62 -7.64 -33.08
CA GLN B 285 27.76 -9.04 -33.46
C GLN B 285 26.84 -9.92 -32.64
N TYR B 286 26.65 -9.57 -31.37
CA TYR B 286 25.88 -10.38 -30.43
C TYR B 286 24.42 -9.96 -30.34
N ALA B 287 24.00 -8.98 -31.14
CA ALA B 287 22.62 -8.51 -31.07
C ALA B 287 21.63 -9.62 -31.41
N ASP B 288 21.80 -10.24 -32.58
CA ASP B 288 20.91 -11.32 -32.98
C ASP B 288 21.09 -12.58 -32.14
N LEU B 289 22.24 -12.74 -31.49
CA LEU B 289 22.42 -13.83 -30.53
C LEU B 289 21.47 -13.70 -29.35
N PHE B 290 21.51 -12.54 -28.68
CA PHE B 290 20.57 -12.27 -27.60
C PHE B 290 19.12 -12.27 -28.12
N LEU B 291 18.92 -11.88 -29.37
CA LEU B 291 17.59 -11.95 -29.96
C LEU B 291 17.09 -13.40 -30.03
N ALA B 292 17.95 -14.31 -30.48
CA ALA B 292 17.61 -15.73 -30.51
C ALA B 292 17.31 -16.25 -29.10
N ALA B 293 18.09 -15.78 -28.12
CA ALA B 293 17.82 -16.18 -26.75
C ALA B 293 16.43 -15.73 -26.30
N LYS B 294 16.06 -14.50 -26.64
CA LYS B 294 14.73 -13.99 -26.29
C LYS B 294 13.63 -14.78 -26.99
N ASN B 295 13.85 -15.16 -28.24
CA ASN B 295 12.88 -15.99 -28.94
C ASN B 295 12.70 -17.34 -28.25
N LEU B 296 13.81 -17.97 -27.86
CA LEU B 296 13.73 -19.23 -27.13
C LEU B 296 12.95 -19.05 -25.83
N SER B 297 13.16 -17.92 -25.15
CA SER B 297 12.40 -17.66 -23.92
C SER B 297 10.90 -17.58 -24.21
N ASP B 298 10.53 -16.88 -25.28
CA ASP B 298 9.11 -16.80 -25.65
C ASP B 298 8.53 -18.20 -25.92
N ALA B 299 9.30 -19.04 -26.60
CA ALA B 299 8.83 -20.39 -26.89
C ALA B 299 8.64 -21.19 -25.60
N ILE B 300 9.55 -21.02 -24.63
CA ILE B 300 9.41 -21.74 -23.37
C ILE B 300 8.17 -21.23 -22.62
N LEU B 301 7.93 -19.92 -22.66
CA LEU B 301 6.74 -19.36 -22.02
C LEU B 301 5.47 -19.95 -22.64
N LEU B 302 5.48 -20.17 -23.96
CA LEU B 302 4.33 -20.80 -24.60
C LEU B 302 4.19 -22.25 -24.19
N SER B 303 5.28 -23.02 -24.27
CA SER B 303 5.22 -24.43 -23.92
C SER B 303 4.89 -24.66 -22.46
N ASP B 304 5.03 -23.63 -21.62
CA ASP B 304 4.49 -23.70 -20.26
C ASP B 304 2.97 -23.83 -20.29
N ILE B 305 2.32 -23.16 -21.23
CA ILE B 305 0.85 -23.19 -21.34
C ILE B 305 0.39 -24.30 -22.29
N LEU B 306 0.92 -24.31 -23.51
CA LEU B 306 0.53 -25.28 -24.53
C LEU B 306 1.33 -26.55 -24.32
N ARG B 307 0.92 -27.32 -23.31
CA ARG B 307 1.63 -28.55 -22.94
C ARG B 307 1.39 -29.65 -23.95
N VAL B 308 0.74 -29.32 -25.06
CA VAL B 308 0.50 -30.28 -26.13
C VAL B 308 1.22 -29.79 -27.39
N ASN B 309 1.78 -30.76 -28.13
CA ASN B 309 2.41 -30.47 -29.40
C ASN B 309 1.41 -29.87 -30.38
N THR B 310 1.91 -29.01 -31.28
CA THR B 310 1.09 -28.26 -32.21
C THR B 310 1.00 -28.92 -33.59
N GLU B 311 1.24 -30.23 -33.67
CA GLU B 311 1.26 -30.90 -34.96
C GLU B 311 -0.13 -31.30 -35.46
N ILE B 312 -0.92 -31.94 -34.60
CA ILE B 312 -2.19 -32.52 -35.04
C ILE B 312 -3.33 -31.50 -35.07
N THR B 313 -3.38 -30.56 -34.13
CA THR B 313 -4.51 -29.65 -33.98
C THR B 313 -4.07 -28.21 -34.17
N LYS B 314 -5.06 -27.33 -34.31
CA LYS B 314 -4.85 -25.89 -34.28
C LYS B 314 -5.45 -25.25 -33.02
N ALA B 315 -5.90 -26.07 -32.08
CA ALA B 315 -6.41 -25.62 -30.78
C ALA B 315 -5.52 -26.21 -29.68
N PRO B 316 -4.31 -25.67 -29.51
CA PRO B 316 -3.38 -26.26 -28.53
C PRO B 316 -3.81 -26.02 -27.10
N LEU B 317 -4.47 -24.90 -26.81
CA LEU B 317 -4.94 -24.65 -25.45
C LEU B 317 -6.00 -25.68 -25.07
N SER B 318 -7.04 -25.81 -25.90
CA SER B 318 -8.08 -26.80 -25.64
C SER B 318 -7.51 -28.21 -25.60
N ALA B 319 -6.52 -28.50 -26.43
CA ALA B 319 -5.89 -29.82 -26.40
C ALA B 319 -5.12 -30.05 -25.11
N SER B 320 -4.49 -29.01 -24.57
CA SER B 320 -3.83 -29.15 -23.27
C SER B 320 -4.86 -29.38 -22.17
N MET B 321 -6.00 -28.70 -22.25
CA MET B 321 -7.07 -28.95 -21.30
C MET B 321 -7.59 -30.39 -21.41
N ILE B 322 -7.69 -30.90 -22.64
CA ILE B 322 -8.14 -32.27 -22.84
C ILE B 322 -7.10 -33.25 -22.31
N LYS B 323 -5.81 -32.93 -22.44
CA LYS B 323 -4.78 -33.77 -21.83
C LYS B 323 -4.92 -33.78 -20.31
N ARG B 324 -5.16 -32.61 -19.72
CA ARG B 324 -5.47 -32.56 -18.29
C ARG B 324 -6.60 -33.49 -17.93
N TYR B 325 -7.71 -33.41 -18.68
CA TYR B 325 -8.89 -34.21 -18.36
C TYR B 325 -8.59 -35.70 -18.49
N ASP B 326 -7.94 -36.10 -19.57
CA ASP B 326 -7.67 -37.52 -19.80
C ASP B 326 -6.74 -38.08 -18.75
N GLU B 327 -5.68 -37.32 -18.40
CA GLU B 327 -4.76 -37.79 -17.38
C GLU B 327 -5.43 -37.85 -16.01
N HIS B 328 -6.30 -36.87 -15.72
CA HIS B 328 -7.08 -36.92 -14.49
C HIS B 328 -7.93 -38.19 -14.45
N HIS B 329 -8.58 -38.52 -15.55
CA HIS B 329 -9.44 -39.71 -15.59
C HIS B 329 -8.62 -40.98 -15.36
N GLN B 330 -7.51 -41.12 -16.09
CA GLN B 330 -6.67 -42.30 -15.92
C GLN B 330 -6.16 -42.41 -14.49
N ASP B 331 -5.65 -41.31 -13.94
CA ASP B 331 -5.08 -41.34 -12.60
C ASP B 331 -6.13 -41.59 -11.53
N LEU B 332 -7.36 -41.10 -11.74
CA LEU B 332 -8.42 -41.34 -10.77
C LEU B 332 -8.86 -42.80 -10.80
N THR B 333 -9.02 -43.36 -12.00
CA THR B 333 -9.30 -44.80 -12.11
C THR B 333 -8.22 -45.61 -11.40
N LEU B 334 -6.96 -45.29 -11.66
CA LEU B 334 -5.86 -46.01 -11.05
C LEU B 334 -5.87 -45.84 -9.53
N LEU B 335 -6.09 -44.63 -9.05
CA LEU B 335 -6.06 -44.36 -7.61
C LEU B 335 -7.17 -45.10 -6.89
N LYS B 336 -8.38 -45.13 -7.48
CA LYS B 336 -9.46 -45.90 -6.88
C LYS B 336 -9.11 -47.39 -6.84
N ALA B 337 -8.56 -47.92 -7.93
CA ALA B 337 -8.16 -49.32 -7.93
C ALA B 337 -7.09 -49.60 -6.86
N LEU B 338 -6.12 -48.69 -6.73
CA LEU B 338 -5.07 -48.86 -5.73
C LEU B 338 -5.62 -48.85 -4.32
N VAL B 339 -6.53 -47.91 -4.05
CA VAL B 339 -7.11 -47.82 -2.71
C VAL B 339 -7.92 -49.07 -2.41
N ARG B 340 -8.72 -49.54 -3.36
CA ARG B 340 -9.43 -50.81 -3.17
C ARG B 340 -8.46 -51.95 -2.94
N GLN B 341 -7.26 -51.87 -3.52
CA GLN B 341 -6.27 -52.92 -3.33
C GLN B 341 -5.72 -52.91 -1.91
N GLN B 342 -5.26 -51.75 -1.45
CA GLN B 342 -4.43 -51.67 -0.25
C GLN B 342 -5.05 -50.93 0.92
N LEU B 343 -5.94 -49.96 0.67
CA LEU B 343 -6.57 -49.18 1.74
C LEU B 343 -8.08 -49.08 1.53
N PRO B 344 -8.79 -50.21 1.40
CA PRO B 344 -10.26 -50.15 1.26
C PRO B 344 -10.93 -49.61 2.50
N GLU B 345 -10.23 -49.67 3.64
CA GLU B 345 -10.69 -49.05 4.87
C GLU B 345 -10.88 -47.55 4.72
N LYS B 346 -10.15 -46.91 3.80
CA LYS B 346 -10.14 -45.46 3.67
C LYS B 346 -10.75 -44.95 2.37
N TYR B 347 -11.27 -45.83 1.52
CA TYR B 347 -11.82 -45.40 0.23
C TYR B 347 -12.95 -44.40 0.40
N LYS B 348 -13.87 -44.66 1.33
CA LYS B 348 -15.05 -43.83 1.46
C LYS B 348 -14.69 -42.43 1.95
N GLU B 349 -13.79 -42.34 2.93
CA GLU B 349 -13.34 -41.02 3.40
C GLU B 349 -12.71 -40.23 2.26
N ILE B 350 -12.01 -40.91 1.36
CA ILE B 350 -11.32 -40.22 0.28
C ILE B 350 -12.28 -39.77 -0.81
N PHE B 351 -13.31 -40.58 -1.09
CA PHE B 351 -14.16 -40.31 -2.25
C PHE B 351 -15.60 -39.94 -1.93
N PHE B 352 -16.04 -40.14 -0.69
CA PHE B 352 -17.41 -39.77 -0.32
C PHE B 352 -17.47 -38.63 0.69
N ASP B 353 -16.45 -38.47 1.52
CA ASP B 353 -16.46 -37.46 2.58
C ASP B 353 -16.08 -36.10 1.99
N GLN B 354 -17.05 -35.19 1.94
CA GLN B 354 -16.76 -33.84 1.50
C GLN B 354 -16.05 -33.02 2.57
N SER B 355 -16.35 -33.29 3.85
CA SER B 355 -15.72 -32.54 4.93
C SER B 355 -14.21 -32.76 4.96
N LYS B 356 -13.77 -34.00 4.76
CA LYS B 356 -12.35 -34.29 4.66
C LYS B 356 -11.80 -33.79 3.33
N ASN B 357 -10.48 -33.53 3.32
CA ASN B 357 -9.83 -32.98 2.14
C ASN B 357 -9.45 -34.07 1.14
N GLY B 358 -10.25 -35.13 1.05
CA GLY B 358 -10.03 -36.17 0.07
C GLY B 358 -10.38 -35.72 -1.33
N TYR B 359 -10.56 -36.67 -2.24
CA TYR B 359 -10.99 -36.32 -3.58
C TYR B 359 -12.40 -35.77 -3.58
N ALA B 360 -13.25 -36.23 -2.64
CA ALA B 360 -14.62 -35.75 -2.56
C ALA B 360 -14.65 -34.27 -2.19
N GLY B 361 -13.93 -33.88 -1.15
CA GLY B 361 -13.82 -32.46 -0.83
C GLY B 361 -13.13 -31.67 -1.93
N TYR B 362 -12.21 -32.32 -2.65
CA TYR B 362 -11.53 -31.67 -3.76
C TYR B 362 -12.50 -31.35 -4.88
N ILE B 363 -13.52 -32.19 -5.09
CA ILE B 363 -14.49 -31.98 -6.16
C ILE B 363 -15.74 -31.29 -5.62
N ASP B 364 -16.43 -31.95 -4.70
CA ASP B 364 -17.71 -31.46 -4.22
C ASP B 364 -17.59 -30.54 -3.00
N GLY B 365 -16.63 -30.79 -2.12
CA GLY B 365 -16.47 -29.97 -0.93
C GLY B 365 -15.77 -28.65 -1.20
N GLY B 366 -14.96 -28.20 -0.25
CA GLY B 366 -14.26 -26.93 -0.41
C GLY B 366 -12.75 -27.06 -0.37
N ALA B 367 -12.24 -28.27 -0.63
CA ALA B 367 -10.81 -28.51 -0.62
C ALA B 367 -10.18 -27.99 -1.90
N SER B 368 -8.96 -27.45 -1.78
CA SER B 368 -8.23 -26.90 -2.90
C SER B 368 -7.21 -27.92 -3.42
N GLN B 369 -6.63 -27.60 -4.57
CA GLN B 369 -5.62 -28.47 -5.16
C GLN B 369 -4.44 -28.66 -4.22
N GLU B 370 -3.99 -27.58 -3.59
CA GLU B 370 -2.90 -27.67 -2.62
C GLU B 370 -3.30 -28.48 -1.40
N GLU B 371 -4.50 -28.20 -0.87
CA GLU B 371 -5.02 -28.97 0.25
C GLU B 371 -5.18 -30.44 -0.10
N PHE B 372 -5.68 -30.71 -1.31
CA PHE B 372 -5.85 -32.10 -1.76
C PHE B 372 -4.51 -32.82 -1.85
N TYR B 373 -3.50 -32.13 -2.40
CA TYR B 373 -2.17 -32.72 -2.49
C TYR B 373 -1.61 -33.03 -1.11
N LYS B 374 -1.74 -32.08 -0.17
CA LYS B 374 -1.22 -32.32 1.17
C LYS B 374 -1.95 -33.46 1.86
N PHE B 375 -3.26 -33.57 1.62
CA PHE B 375 -4.03 -34.63 2.27
C PHE B 375 -3.70 -36.00 1.69
N ILE B 376 -3.43 -36.09 0.40
CA ILE B 376 -3.32 -37.38 -0.26
C ILE B 376 -1.86 -37.79 -0.53
N LYS B 377 -0.90 -36.93 -0.23
CA LYS B 377 0.51 -37.32 -0.41
C LYS B 377 0.92 -38.48 0.49
N PRO B 378 0.69 -38.46 1.80
CA PRO B 378 1.09 -39.63 2.62
C PRO B 378 0.31 -40.89 2.27
N ILE B 379 -0.94 -40.74 1.81
CA ILE B 379 -1.71 -41.91 1.37
C ILE B 379 -1.03 -42.55 0.16
N LEU B 380 -0.50 -41.74 -0.75
CA LEU B 380 0.25 -42.27 -1.88
C LEU B 380 1.57 -42.89 -1.43
N GLU B 381 2.24 -42.25 -0.47
CA GLU B 381 3.55 -42.76 -0.06
C GLU B 381 3.43 -44.07 0.70
N LYS B 382 2.39 -44.24 1.50
CA LYS B 382 2.20 -45.50 2.21
C LYS B 382 1.81 -46.62 1.25
N MET B 383 1.18 -46.27 0.13
CA MET B 383 0.75 -47.27 -0.85
C MET B 383 1.88 -47.62 -1.80
N ASP B 384 1.69 -48.74 -2.50
CA ASP B 384 2.64 -49.23 -3.50
C ASP B 384 2.05 -49.04 -4.88
N GLY B 385 2.94 -48.76 -5.84
CA GLY B 385 2.53 -48.52 -7.21
C GLY B 385 2.11 -47.10 -7.52
N THR B 386 2.46 -46.15 -6.65
CA THR B 386 2.05 -44.76 -6.81
C THR B 386 3.23 -43.84 -7.15
N GLU B 387 4.31 -44.39 -7.69
CA GLU B 387 5.49 -43.57 -8.00
C GLU B 387 5.17 -42.54 -9.06
N GLU B 388 4.48 -42.95 -10.13
CA GLU B 388 4.10 -42.01 -11.19
C GLU B 388 3.19 -40.92 -10.64
N LEU B 389 2.18 -41.31 -9.86
CA LEU B 389 1.28 -40.35 -9.25
C LEU B 389 2.02 -39.41 -8.30
N LEU B 390 3.02 -39.95 -7.57
CA LEU B 390 3.80 -39.12 -6.66
C LEU B 390 4.58 -38.05 -7.41
N VAL B 391 5.28 -38.47 -8.47
CA VAL B 391 6.01 -37.51 -9.29
C VAL B 391 5.07 -36.45 -9.84
N LYS B 392 3.89 -36.88 -10.33
CA LYS B 392 2.93 -35.93 -10.87
C LYS B 392 2.48 -34.93 -9.80
N LEU B 393 2.26 -35.39 -8.58
CA LEU B 393 1.91 -34.50 -7.48
C LEU B 393 3.01 -33.48 -7.24
N ASN B 394 4.26 -33.94 -7.19
CA ASN B 394 5.36 -33.03 -6.89
C ASN B 394 5.53 -31.96 -7.96
N ARG B 395 5.17 -32.26 -9.21
CA ARG B 395 5.22 -31.27 -10.28
C ARG B 395 4.01 -30.36 -10.30
N GLU B 396 3.13 -30.45 -9.30
CA GLU B 396 1.86 -29.70 -9.27
C GLU B 396 1.05 -29.97 -10.53
N ASP B 397 0.81 -31.25 -10.81
CA ASP B 397 0.23 -31.65 -12.07
C ASP B 397 -0.45 -33.01 -11.91
N LEU B 398 -1.39 -33.12 -10.96
CA LEU B 398 -2.09 -34.36 -10.69
C LEU B 398 -3.58 -34.09 -10.52
N LEU B 399 -4.40 -34.91 -11.19
CA LEU B 399 -5.86 -34.85 -11.08
C LEU B 399 -6.37 -33.42 -11.25
N ARG B 400 -5.75 -32.70 -12.18
CA ARG B 400 -5.98 -31.27 -12.32
C ARG B 400 -7.34 -30.98 -12.96
N LYS B 401 -7.95 -29.90 -12.52
CA LYS B 401 -9.12 -29.36 -13.18
C LYS B 401 -8.68 -28.56 -14.41
N GLN B 402 -9.65 -28.05 -15.17
CA GLN B 402 -9.35 -27.22 -16.32
C GLN B 402 -9.50 -25.73 -16.04
N ARG B 403 -10.35 -25.37 -15.08
CA ARG B 403 -10.50 -23.98 -14.65
C ARG B 403 -9.76 -23.83 -13.33
N THR B 404 -8.55 -23.27 -13.39
CA THR B 404 -7.66 -23.25 -12.23
C THR B 404 -7.06 -21.85 -12.08
N PHE B 405 -6.41 -21.64 -10.94
CA PHE B 405 -5.84 -20.35 -10.61
C PHE B 405 -4.71 -19.96 -11.54
N ASP B 406 -3.96 -20.94 -12.05
CA ASP B 406 -2.80 -20.65 -12.90
C ASP B 406 -3.18 -20.35 -14.35
N ASN B 407 -4.48 -20.32 -14.68
CA ASN B 407 -4.86 -19.93 -16.04
C ASN B 407 -4.74 -18.43 -16.29
N GLY B 408 -4.21 -17.65 -15.36
CA GLY B 408 -4.02 -16.23 -15.58
C GLY B 408 -2.90 -15.86 -16.53
N SER B 409 -2.01 -16.78 -16.85
CA SER B 409 -0.94 -16.50 -17.78
C SER B 409 -1.34 -16.71 -19.23
N ILE B 410 -2.58 -17.09 -19.51
CA ILE B 410 -3.06 -17.33 -20.86
C ILE B 410 -3.29 -16.00 -21.57
N PRO B 411 -2.55 -15.70 -22.63
CA PRO B 411 -2.81 -14.46 -23.39
C PRO B 411 -4.09 -14.59 -24.20
N HIS B 412 -4.67 -13.43 -24.53
CA HIS B 412 -5.91 -13.39 -25.28
C HIS B 412 -5.72 -13.77 -26.75
N GLN B 413 -4.50 -13.72 -27.26
CA GLN B 413 -4.26 -14.10 -28.64
C GLN B 413 -4.49 -15.59 -28.87
N ILE B 414 -4.33 -16.42 -27.84
CA ILE B 414 -4.56 -17.85 -27.99
C ILE B 414 -6.05 -18.14 -28.16
N HIS B 415 -6.87 -17.62 -27.23
CA HIS B 415 -8.33 -17.69 -27.40
C HIS B 415 -8.75 -17.11 -28.74
N LEU B 416 -8.11 -16.02 -29.16
CA LEU B 416 -8.43 -15.41 -30.43
C LEU B 416 -8.10 -16.33 -31.60
N GLY B 417 -6.98 -17.05 -31.51
CA GLY B 417 -6.66 -18.01 -32.56
C GLY B 417 -7.70 -19.10 -32.67
N GLU B 418 -8.11 -19.68 -31.53
CA GLU B 418 -9.12 -20.73 -31.58
C GLU B 418 -10.46 -20.19 -32.09
N LEU B 419 -10.84 -18.98 -31.66
CA LEU B 419 -12.10 -18.39 -32.10
C LEU B 419 -12.08 -18.09 -33.60
N HIS B 420 -10.98 -17.53 -34.09
CA HIS B 420 -10.85 -17.24 -35.52
C HIS B 420 -10.87 -18.53 -36.34
N ALA B 421 -10.29 -19.60 -35.79
CA ALA B 421 -10.33 -20.89 -36.48
C ALA B 421 -11.77 -21.40 -36.58
N ILE B 422 -12.52 -21.33 -35.49
CA ILE B 422 -13.91 -21.77 -35.52
C ILE B 422 -14.71 -20.94 -36.51
N LEU B 423 -14.48 -19.63 -36.54
CA LEU B 423 -15.17 -18.77 -37.48
C LEU B 423 -14.84 -19.15 -38.92
N ARG B 424 -13.56 -19.37 -39.22
CA ARG B 424 -13.16 -19.78 -40.56
C ARG B 424 -13.82 -21.10 -40.96
N ARG B 425 -13.89 -22.05 -40.01
CA ARG B 425 -14.50 -23.34 -40.33
C ARG B 425 -15.98 -23.18 -40.64
N GLN B 426 -16.72 -22.50 -39.77
CA GLN B 426 -18.18 -22.52 -39.83
C GLN B 426 -18.77 -21.40 -40.69
N GLU B 427 -17.95 -20.46 -41.18
CA GLU B 427 -18.48 -19.45 -42.09
C GLU B 427 -18.80 -20.05 -43.46
N ASP B 428 -18.26 -21.22 -43.77
CA ASP B 428 -18.59 -21.88 -45.03
C ASP B 428 -20.03 -22.39 -45.07
N PHE B 429 -20.69 -22.48 -43.92
CA PHE B 429 -22.07 -22.95 -43.84
C PHE B 429 -23.05 -21.89 -43.38
N TYR B 430 -22.60 -20.89 -42.63
CA TYR B 430 -23.48 -19.85 -42.11
C TYR B 430 -23.03 -18.50 -42.65
N PRO B 431 -23.75 -17.92 -43.61
CA PRO B 431 -23.29 -16.64 -44.20
C PRO B 431 -23.16 -15.50 -43.21
N PHE B 432 -24.01 -15.46 -42.18
CA PHE B 432 -23.91 -14.38 -41.19
C PHE B 432 -22.62 -14.48 -40.39
N LEU B 433 -22.10 -15.70 -40.20
CA LEU B 433 -20.81 -15.85 -39.57
C LEU B 433 -19.69 -15.31 -40.45
N LYS B 434 -19.84 -15.45 -41.78
CA LYS B 434 -18.84 -14.92 -42.69
C LYS B 434 -18.88 -13.40 -42.72
N ASP B 435 -20.07 -12.81 -42.72
CA ASP B 435 -20.16 -11.35 -42.76
C ASP B 435 -19.79 -10.70 -41.43
N ASN B 436 -20.02 -11.37 -40.32
CA ASN B 436 -19.76 -10.80 -38.99
C ASN B 436 -18.50 -11.37 -38.34
N ARG B 437 -17.59 -11.94 -39.14
CA ARG B 437 -16.38 -12.52 -38.58
C ARG B 437 -15.56 -11.46 -37.83
N GLU B 438 -15.35 -10.31 -38.47
CA GLU B 438 -14.53 -9.27 -37.86
C GLU B 438 -15.24 -8.61 -36.68
N LYS B 439 -16.57 -8.50 -36.72
CA LYS B 439 -17.32 -8.02 -35.55
C LYS B 439 -17.10 -8.93 -34.36
N ILE B 440 -17.29 -10.23 -34.56
CA ILE B 440 -17.16 -11.19 -33.46
C ILE B 440 -15.73 -11.21 -32.95
N GLU B 441 -14.75 -11.09 -33.85
CA GLU B 441 -13.36 -10.99 -33.40
C GLU B 441 -13.12 -9.73 -32.58
N LYS B 442 -13.69 -8.61 -33.03
CA LYS B 442 -13.54 -7.34 -32.31
C LYS B 442 -14.09 -7.47 -30.89
N ILE B 443 -15.24 -8.14 -30.75
CA ILE B 443 -15.83 -8.30 -29.42
C ILE B 443 -14.84 -8.95 -28.46
N LEU B 444 -14.03 -9.89 -28.96
CA LEU B 444 -13.02 -10.49 -28.10
C LEU B 444 -11.81 -9.57 -27.91
N THR B 445 -11.35 -8.93 -28.98
CA THR B 445 -10.11 -8.17 -28.90
C THR B 445 -10.30 -6.79 -28.28
N PHE B 446 -11.42 -6.13 -28.59
CA PHE B 446 -11.55 -4.72 -28.26
C PHE B 446 -11.57 -4.49 -26.75
N ARG B 447 -10.78 -3.51 -26.32
CA ARG B 447 -10.71 -3.07 -24.93
C ARG B 447 -10.80 -1.56 -24.91
N ILE B 448 -11.59 -1.01 -24.02
CA ILE B 448 -11.63 0.46 -23.89
C ILE B 448 -10.25 0.95 -23.51
N PRO B 449 -9.69 1.93 -24.22
CA PRO B 449 -8.31 2.36 -23.93
C PRO B 449 -8.18 2.94 -22.54
N TYR B 450 -7.00 2.76 -21.95
CA TYR B 450 -6.74 3.28 -20.62
C TYR B 450 -6.90 4.79 -20.55
N TYR B 451 -6.71 5.48 -21.68
CA TYR B 451 -6.75 6.93 -21.74
C TYR B 451 -8.12 7.48 -22.08
N VAL B 452 -9.19 6.66 -22.01
CA VAL B 452 -10.53 7.12 -22.31
C VAL B 452 -11.42 7.07 -21.08
N GLY B 453 -11.25 6.05 -20.22
CA GLY B 453 -12.01 5.96 -19.00
C GLY B 453 -13.45 5.57 -19.24
N PRO B 454 -14.29 5.75 -18.21
CA PRO B 454 -15.70 5.39 -18.34
C PRO B 454 -16.37 6.15 -19.47
N LEU B 455 -17.14 5.41 -20.29
CA LEU B 455 -17.87 5.99 -21.41
C LEU B 455 -19.16 6.65 -20.92
N ALA B 456 -19.01 7.63 -20.05
CA ALA B 456 -20.16 8.28 -19.44
C ALA B 456 -20.72 9.38 -20.34
N ARG B 457 -21.89 9.89 -19.95
CA ARG B 457 -22.52 11.00 -20.64
C ARG B 457 -23.00 12.03 -19.62
N GLY B 458 -22.04 12.60 -18.89
CA GLY B 458 -22.29 13.73 -18.02
C GLY B 458 -22.80 13.41 -16.63
N ASN B 459 -22.74 12.15 -16.20
CA ASN B 459 -23.21 11.78 -14.87
C ASN B 459 -22.21 10.90 -14.15
N SER B 460 -20.92 11.07 -14.41
CA SER B 460 -19.88 10.31 -13.73
C SER B 460 -18.74 11.25 -13.36
N ARG B 461 -18.42 11.33 -12.08
CA ARG B 461 -17.33 12.17 -11.62
C ARG B 461 -15.96 11.59 -11.94
N PHE B 462 -15.90 10.36 -12.47
CA PHE B 462 -14.64 9.74 -12.86
C PHE B 462 -14.34 9.90 -14.34
N ALA B 463 -15.35 10.12 -15.16
CA ALA B 463 -15.18 10.13 -16.60
C ALA B 463 -14.55 11.44 -17.08
N TRP B 464 -13.97 11.38 -18.28
CA TRP B 464 -13.40 12.56 -18.91
C TRP B 464 -13.49 12.50 -20.43
N MET B 465 -14.34 11.64 -20.98
CA MET B 465 -14.42 11.40 -22.42
C MET B 465 -15.46 12.31 -23.07
N THR B 466 -15.18 12.69 -24.31
CA THR B 466 -16.10 13.48 -25.13
C THR B 466 -16.45 12.70 -26.40
N ARG B 467 -17.64 12.97 -26.93
CA ARG B 467 -18.22 12.16 -28.00
C ARG B 467 -18.32 12.98 -29.28
N LYS B 468 -17.98 12.33 -30.41
CA LYS B 468 -18.14 12.97 -31.71
C LYS B 468 -19.62 13.04 -32.12
N SER B 469 -20.41 12.05 -31.72
CA SER B 469 -21.84 12.07 -32.00
C SER B 469 -22.57 11.44 -30.81
N GLU B 470 -23.89 11.66 -30.78
CA GLU B 470 -24.69 11.27 -29.62
C GLU B 470 -25.49 10.01 -29.92
N GLU B 471 -24.77 8.89 -30.07
CA GLU B 471 -25.39 7.58 -30.19
C GLU B 471 -24.57 6.58 -29.39
N THR B 472 -25.18 5.42 -29.14
CA THR B 472 -24.59 4.43 -28.24
C THR B 472 -23.24 3.96 -28.75
N ILE B 473 -22.29 3.81 -27.83
CA ILE B 473 -20.93 3.39 -28.14
C ILE B 473 -20.86 1.87 -28.09
N THR B 474 -20.45 1.27 -29.20
CA THR B 474 -20.21 -0.15 -29.33
C THR B 474 -18.74 -0.37 -29.67
N PRO B 475 -18.22 -1.59 -29.54
CA PRO B 475 -16.84 -1.86 -29.96
C PRO B 475 -16.59 -1.57 -31.43
N TRP B 476 -17.63 -1.56 -32.25
CA TRP B 476 -17.48 -1.41 -33.69
C TRP B 476 -17.45 0.05 -34.13
N ASN B 477 -18.26 0.90 -33.52
CA ASN B 477 -18.34 2.31 -33.91
C ASN B 477 -17.51 3.21 -33.01
N PHE B 478 -16.58 2.63 -32.24
CA PHE B 478 -15.85 3.40 -31.23
C PHE B 478 -15.07 4.55 -31.85
N GLU B 479 -14.45 4.32 -33.01
CA GLU B 479 -13.65 5.35 -33.64
C GLU B 479 -14.50 6.47 -34.24
N GLU B 480 -15.79 6.22 -34.46
CA GLU B 480 -16.67 7.21 -35.08
C GLU B 480 -17.50 7.98 -34.07
N VAL B 481 -17.79 7.40 -32.91
CA VAL B 481 -18.60 8.07 -31.91
C VAL B 481 -17.74 8.81 -30.89
N VAL B 482 -16.60 8.24 -30.50
CA VAL B 482 -15.74 8.83 -29.49
C VAL B 482 -14.71 9.73 -30.16
N ASP B 483 -14.68 10.99 -29.76
CA ASP B 483 -13.62 11.91 -30.17
C ASP B 483 -12.35 11.51 -29.43
N LYS B 484 -11.64 10.54 -30.00
CA LYS B 484 -10.43 10.03 -29.36
C LYS B 484 -9.38 11.13 -29.19
N GLY B 485 -9.32 12.07 -30.13
CA GLY B 485 -8.40 13.17 -30.02
C GLY B 485 -8.62 14.03 -28.79
N ALA B 486 -9.83 14.59 -28.67
CA ALA B 486 -10.14 15.44 -27.52
C ALA B 486 -10.14 14.64 -26.22
N SER B 487 -10.54 13.38 -26.26
CA SER B 487 -10.54 12.57 -25.05
C SER B 487 -9.12 12.30 -24.57
N ALA B 488 -8.20 12.01 -25.50
CA ALA B 488 -6.80 11.84 -25.12
C ALA B 488 -6.20 13.15 -24.63
N GLN B 489 -6.59 14.26 -25.25
CA GLN B 489 -6.14 15.57 -24.77
C GLN B 489 -6.58 15.81 -23.33
N SER B 490 -7.84 15.48 -23.03
CA SER B 490 -8.34 15.62 -21.66
C SER B 490 -7.64 14.66 -20.71
N PHE B 491 -7.30 13.46 -21.18
CA PHE B 491 -6.50 12.54 -20.39
C PHE B 491 -5.17 13.18 -20.00
N ILE B 492 -4.50 13.80 -20.99
CA ILE B 492 -3.24 14.49 -20.72
C ILE B 492 -3.43 15.57 -19.66
N GLU B 493 -4.43 16.43 -19.85
CA GLU B 493 -4.66 17.51 -18.90
C GLU B 493 -4.97 17.00 -17.50
N ARG B 494 -5.76 15.93 -17.41
CA ARG B 494 -6.10 15.35 -16.11
C ARG B 494 -4.89 14.74 -15.43
N MET B 495 -3.94 14.24 -16.22
CA MET B 495 -2.79 13.49 -15.73
C MET B 495 -1.65 14.37 -15.25
N THR B 496 -1.29 15.40 -16.02
CA THR B 496 -0.02 16.10 -15.83
C THR B 496 -0.14 17.26 -14.85
N ASN B 497 0.93 17.46 -14.06
CA ASN B 497 1.00 18.58 -13.13
C ASN B 497 1.24 19.89 -13.88
N PHE B 498 0.87 20.99 -13.22
CA PHE B 498 1.09 22.32 -13.75
C PHE B 498 2.36 22.91 -13.13
N ASP B 499 3.03 23.75 -13.91
CA ASP B 499 4.17 24.50 -13.40
C ASP B 499 3.71 25.47 -12.31
N LYS B 500 4.42 25.50 -11.19
CA LYS B 500 3.99 26.37 -10.10
C LYS B 500 4.33 27.82 -10.36
N ASN B 501 5.43 28.10 -11.06
CA ASN B 501 5.76 29.49 -11.37
C ASN B 501 4.83 30.03 -12.46
N LEU B 502 4.50 29.20 -13.43
CA LEU B 502 3.54 29.54 -14.48
C LEU B 502 2.40 28.54 -14.40
N PRO B 503 1.34 28.85 -13.64
CA PRO B 503 0.31 27.82 -13.35
C PRO B 503 -0.55 27.41 -14.53
N ASN B 504 -0.56 28.18 -15.61
CA ASN B 504 -1.34 27.84 -16.79
C ASN B 504 -0.53 27.09 -17.84
N GLU B 505 0.63 26.55 -17.46
CA GLU B 505 1.51 25.84 -18.38
C GLU B 505 1.80 24.45 -17.85
N LYS B 506 1.73 23.46 -18.74
CA LYS B 506 1.97 22.08 -18.34
C LYS B 506 3.44 21.83 -18.06
N VAL B 507 3.71 20.89 -17.16
CA VAL B 507 5.08 20.50 -16.84
C VAL B 507 5.67 19.66 -17.98
N LEU B 508 6.93 19.92 -18.29
CA LEU B 508 7.62 19.13 -19.31
C LEU B 508 7.83 17.70 -18.84
N PRO B 509 7.93 16.75 -19.77
CA PRO B 509 8.27 15.38 -19.37
C PRO B 509 9.65 15.31 -18.73
N LYS B 510 9.79 14.36 -17.80
CA LYS B 510 11.04 14.22 -17.06
C LYS B 510 12.22 13.93 -17.97
N HIS B 511 11.99 13.24 -19.08
CA HIS B 511 13.04 12.88 -20.02
C HIS B 511 13.03 13.76 -21.27
N SER B 512 12.44 14.94 -21.18
CA SER B 512 12.50 15.89 -22.28
C SER B 512 13.95 16.33 -22.51
N LEU B 513 14.33 16.44 -23.80
CA LEU B 513 15.67 16.91 -24.13
C LEU B 513 15.92 18.30 -23.56
N LEU B 514 14.96 19.21 -23.73
CA LEU B 514 15.10 20.54 -23.16
C LEU B 514 15.23 20.49 -21.65
N TYR B 515 14.48 19.60 -21.00
CA TYR B 515 14.51 19.54 -19.54
C TYR B 515 15.87 19.07 -19.03
N GLU B 516 16.45 18.06 -19.67
CA GLU B 516 17.76 17.59 -19.25
C GLU B 516 18.87 18.59 -19.63
N TYR B 517 18.72 19.27 -20.77
CA TYR B 517 19.60 20.41 -21.06
C TYR B 517 19.55 21.42 -19.93
N PHE B 518 18.34 21.73 -19.45
CA PHE B 518 18.18 22.68 -18.36
C PHE B 518 18.90 22.21 -17.11
N THR B 519 18.68 20.94 -16.72
CA THR B 519 19.32 20.43 -15.52
C THR B 519 20.85 20.47 -15.65
N VAL B 520 21.37 20.06 -16.81
CA VAL B 520 22.81 20.02 -17.02
C VAL B 520 23.41 21.42 -16.93
N TYR B 521 22.81 22.38 -17.64
CA TYR B 521 23.36 23.74 -17.62
C TYR B 521 23.19 24.39 -16.26
N ASN B 522 22.10 24.10 -15.55
CA ASN B 522 21.88 24.68 -14.24
C ASN B 522 22.92 24.17 -13.24
N GLU B 523 23.29 22.89 -13.35
CA GLU B 523 24.34 22.37 -12.48
C GLU B 523 25.72 22.87 -12.91
N LEU B 524 25.96 22.94 -14.22
CA LEU B 524 27.28 23.26 -14.74
C LEU B 524 27.63 24.73 -14.56
N THR B 525 26.61 25.60 -14.49
CA THR B 525 26.86 27.03 -14.34
C THR B 525 27.62 27.32 -13.05
N LYS B 526 27.17 26.74 -11.93
CA LYS B 526 27.80 26.94 -10.63
C LYS B 526 28.99 26.02 -10.40
N VAL B 527 29.80 25.76 -11.43
CA VAL B 527 31.03 25.00 -11.30
C VAL B 527 32.19 25.98 -11.39
N LYS B 528 33.02 26.03 -10.35
CA LYS B 528 34.23 26.84 -10.35
C LYS B 528 35.44 25.92 -10.39
N TYR B 529 36.56 26.48 -10.86
CA TYR B 529 37.80 25.72 -10.97
C TYR B 529 38.97 26.63 -10.69
N VAL B 530 40.05 26.05 -10.16
CA VAL B 530 41.25 26.81 -9.82
C VAL B 530 42.49 26.02 -10.23
N THR B 531 43.51 26.74 -10.69
CA THR B 531 44.83 26.19 -10.97
C THR B 531 45.89 27.04 -10.28
N GLU B 532 47.16 26.83 -10.61
CA GLU B 532 48.24 27.50 -9.90
C GLU B 532 48.29 28.99 -10.23
N GLY B 533 48.31 29.33 -11.52
CA GLY B 533 48.44 30.72 -11.92
C GLY B 533 47.18 31.54 -11.71
N MET B 534 46.23 31.01 -10.95
CA MET B 534 44.97 31.68 -10.68
C MET B 534 44.92 32.17 -9.25
N ARG B 535 44.50 33.42 -9.07
CA ARG B 535 44.34 33.97 -7.73
C ARG B 535 43.11 33.41 -7.04
N LYS B 536 42.02 33.23 -7.78
CA LYS B 536 40.72 32.88 -7.22
C LYS B 536 40.00 31.98 -8.20
N PRO B 537 39.21 31.01 -7.71
CA PRO B 537 38.41 30.18 -8.63
C PRO B 537 37.44 31.04 -9.43
N ALA B 538 37.16 30.61 -10.65
CA ALA B 538 36.32 31.35 -11.57
C ALA B 538 35.27 30.44 -12.18
N PHE B 539 34.18 31.07 -12.62
CA PHE B 539 33.11 30.37 -13.31
C PHE B 539 33.59 29.90 -14.69
N LEU B 540 32.78 29.06 -15.32
CA LEU B 540 32.98 28.69 -16.71
C LEU B 540 32.27 29.69 -17.60
N SER B 541 32.90 30.03 -18.72
CA SER B 541 32.27 30.92 -19.68
C SER B 541 31.28 30.13 -20.54
N GLY B 542 30.50 30.86 -21.34
CA GLY B 542 29.55 30.21 -22.24
C GLY B 542 30.25 29.32 -23.24
N GLU B 543 31.37 29.77 -23.79
CA GLU B 543 32.15 28.93 -24.70
C GLU B 543 32.66 27.69 -23.96
N GLN B 544 33.17 27.86 -22.74
CA GLN B 544 33.64 26.72 -21.96
C GLN B 544 32.52 25.72 -21.69
N LYS B 545 31.34 26.22 -21.32
CA LYS B 545 30.23 25.34 -20.99
C LYS B 545 29.74 24.60 -22.23
N LYS B 546 29.60 25.31 -23.36
CA LYS B 546 29.20 24.64 -24.59
C LYS B 546 30.23 23.59 -25.00
N ALA B 547 31.52 23.88 -24.78
CA ALA B 547 32.57 22.92 -25.11
C ALA B 547 32.48 21.68 -24.24
N ILE B 548 32.27 21.86 -22.93
CA ILE B 548 32.15 20.71 -22.04
C ILE B 548 30.91 19.90 -22.35
N VAL B 549 29.82 20.56 -22.78
CA VAL B 549 28.62 19.82 -23.17
C VAL B 549 28.87 19.00 -24.43
N ASP B 550 29.46 19.63 -25.46
CA ASP B 550 29.65 18.95 -26.73
C ASP B 550 30.71 17.86 -26.64
N LEU B 551 31.70 18.01 -25.77
CA LEU B 551 32.79 17.06 -25.71
C LEU B 551 32.57 15.93 -24.72
N LEU B 552 31.77 16.16 -23.68
CA LEU B 552 31.59 15.17 -22.62
C LEU B 552 30.14 14.73 -22.43
N PHE B 553 29.23 15.69 -22.26
CA PHE B 553 27.83 15.34 -22.01
C PHE B 553 27.14 14.72 -23.22
N LYS B 554 27.63 14.99 -24.43
CA LYS B 554 27.05 14.43 -25.63
C LYS B 554 27.80 13.22 -26.15
N THR B 555 28.83 12.75 -25.43
CA THR B 555 29.57 11.57 -25.82
C THR B 555 29.63 10.49 -24.73
N ASN B 556 29.16 10.79 -23.51
CA ASN B 556 29.15 9.81 -22.43
C ASN B 556 27.92 10.06 -21.57
N ARG B 557 27.27 8.96 -21.16
CA ARG B 557 25.99 9.08 -20.44
C ARG B 557 26.18 9.77 -19.10
N LYS B 558 27.25 9.44 -18.38
CA LYS B 558 27.57 10.09 -17.12
C LYS B 558 28.90 10.83 -17.26
N VAL B 559 28.98 12.00 -16.64
CA VAL B 559 30.17 12.83 -16.68
C VAL B 559 30.77 12.84 -15.29
N THR B 560 31.93 12.20 -15.14
CA THR B 560 32.62 12.15 -13.86
C THR B 560 33.53 13.37 -13.72
N VAL B 561 33.86 13.71 -12.47
CA VAL B 561 34.83 14.76 -12.20
C VAL B 561 36.19 14.37 -12.77
N LYS B 562 36.52 13.09 -12.71
CA LYS B 562 37.76 12.60 -13.30
C LYS B 562 37.79 12.88 -14.81
N GLN B 563 36.69 12.61 -15.49
CA GLN B 563 36.59 12.95 -16.91
C GLN B 563 36.69 14.44 -17.14
N LEU B 564 36.06 15.25 -16.27
CA LEU B 564 36.14 16.70 -16.42
C LEU B 564 37.57 17.18 -16.32
N LYS B 565 38.34 16.63 -15.40
CA LYS B 565 39.72 17.09 -15.21
C LYS B 565 40.62 16.59 -16.34
N GLU B 566 40.56 15.30 -16.65
CA GLU B 566 41.51 14.72 -17.60
C GLU B 566 41.10 14.96 -19.05
N ASP B 567 39.84 14.70 -19.39
CA ASP B 567 39.40 14.77 -20.78
C ASP B 567 39.18 16.19 -21.26
N TYR B 568 38.83 17.13 -20.38
CA TYR B 568 38.66 18.51 -20.81
C TYR B 568 39.85 19.39 -20.45
N PHE B 569 40.12 19.55 -19.15
CA PHE B 569 41.12 20.54 -18.74
C PHE B 569 42.54 20.14 -19.13
N LYS B 570 42.84 18.84 -19.14
CA LYS B 570 44.17 18.42 -19.60
C LYS B 570 44.27 18.51 -21.12
N LYS B 571 43.20 18.12 -21.83
CA LYS B 571 43.27 18.04 -23.28
C LYS B 571 43.13 19.41 -23.95
N ILE B 572 42.28 20.28 -23.41
CA ILE B 572 41.98 21.56 -24.03
C ILE B 572 42.69 22.71 -23.32
N GLU B 573 42.53 22.80 -22.01
CA GLU B 573 43.11 23.91 -21.26
C GLU B 573 44.56 23.67 -20.86
N CYS B 574 45.07 22.46 -21.06
CA CYS B 574 46.48 22.11 -20.80
C CYS B 574 46.85 22.31 -19.33
N PHE B 575 45.99 21.85 -18.43
CA PHE B 575 46.25 21.92 -17.00
C PHE B 575 46.75 20.58 -16.51
N ASP B 576 47.92 20.56 -15.87
CA ASP B 576 48.37 19.34 -15.22
C ASP B 576 47.54 19.04 -13.96
N SER B 577 47.00 20.06 -13.32
CA SER B 577 46.19 19.90 -12.13
C SER B 577 45.15 21.00 -12.08
N VAL B 578 44.02 20.69 -11.44
CA VAL B 578 42.92 21.65 -11.29
C VAL B 578 42.08 21.19 -10.12
N GLU B 579 41.43 22.15 -9.46
CA GLU B 579 40.47 21.86 -8.39
C GLU B 579 39.10 22.32 -8.84
N ILE B 580 38.13 21.41 -8.76
CA ILE B 580 36.76 21.65 -9.19
C ILE B 580 35.87 21.85 -7.96
N SER B 581 34.89 22.73 -8.09
CA SER B 581 33.94 22.98 -7.02
C SER B 581 32.55 23.15 -7.61
N GLY B 582 31.56 22.69 -6.86
CA GLY B 582 30.19 22.66 -7.32
C GLY B 582 29.72 21.28 -7.76
N VAL B 583 30.67 20.38 -7.98
CA VAL B 583 30.34 19.00 -8.42
C VAL B 583 31.35 18.05 -7.81
N GLU B 584 30.89 16.96 -7.21
CA GLU B 584 31.80 15.95 -6.60
C GLU B 584 31.46 14.61 -7.23
N ASP B 585 32.44 13.70 -7.33
CA ASP B 585 32.22 12.37 -7.93
C ASP B 585 31.75 12.56 -9.37
N ARG B 586 30.44 12.48 -9.58
CA ARG B 586 29.88 12.55 -10.95
C ARG B 586 28.81 13.62 -11.00
N PHE B 587 28.48 14.08 -12.20
CA PHE B 587 27.44 15.08 -12.42
C PHE B 587 26.07 14.45 -12.25
N ASN B 588 25.28 14.95 -11.30
CA ASN B 588 23.94 14.43 -11.08
C ASN B 588 23.10 14.50 -12.35
N ALA B 589 23.17 15.60 -13.07
CA ALA B 589 22.44 15.74 -14.32
C ALA B 589 23.17 15.06 -15.46
N SER B 590 22.40 14.66 -16.48
CA SER B 590 22.96 14.00 -17.64
C SER B 590 21.96 14.13 -18.80
N LEU B 591 22.40 13.70 -19.97
CA LEU B 591 21.57 13.78 -21.17
C LEU B 591 21.21 12.38 -21.68
N GLY B 592 20.53 11.60 -20.85
CA GLY B 592 20.23 10.23 -21.23
C GLY B 592 19.32 10.14 -22.45
N THR B 593 18.33 11.02 -22.52
CA THR B 593 17.44 11.05 -23.69
C THR B 593 18.22 11.36 -24.96
N TYR B 594 19.22 12.24 -24.86
CA TYR B 594 20.06 12.54 -26.02
C TYR B 594 20.74 11.28 -26.53
N HIS B 595 21.33 10.49 -25.62
CA HIS B 595 22.02 9.29 -26.04
C HIS B 595 21.04 8.23 -26.57
N ASP B 596 19.86 8.14 -25.97
CA ASP B 596 18.85 7.22 -26.49
C ASP B 596 18.48 7.57 -27.93
N LEU B 597 18.12 8.82 -28.17
CA LEU B 597 17.73 9.23 -29.52
C LEU B 597 18.91 9.20 -30.48
N LEU B 598 20.14 9.35 -29.97
CA LEU B 598 21.31 9.20 -30.82
C LEU B 598 21.47 7.76 -31.29
N LYS B 599 21.33 6.81 -30.36
CA LYS B 599 21.42 5.42 -30.73
C LYS B 599 20.31 5.02 -31.69
N ILE B 600 19.12 5.58 -31.51
CA ILE B 600 17.98 5.18 -32.33
C ILE B 600 18.04 5.83 -33.71
N ILE B 601 18.12 7.16 -33.75
CA ILE B 601 18.01 7.89 -35.01
C ILE B 601 19.32 7.86 -35.79
N LYS B 602 20.45 7.72 -35.10
CA LYS B 602 21.77 7.64 -35.74
C LYS B 602 22.09 8.91 -36.53
N ASP B 603 21.74 10.05 -35.97
CA ASP B 603 21.91 11.32 -36.68
C ASP B 603 22.19 12.41 -35.63
N LYS B 604 23.45 12.47 -35.20
CA LYS B 604 23.85 13.46 -34.19
C LYS B 604 23.59 14.88 -34.69
N ASP B 605 23.70 15.10 -36.00
CA ASP B 605 23.40 16.41 -36.55
C ASP B 605 21.93 16.76 -36.38
N PHE B 606 21.05 15.79 -36.59
CA PHE B 606 19.61 16.02 -36.42
C PHE B 606 19.29 16.43 -35.00
N LEU B 607 19.98 15.84 -34.02
CA LEU B 607 19.73 16.17 -32.62
C LEU B 607 20.21 17.57 -32.29
N ASP B 608 21.30 18.01 -32.89
CA ASP B 608 21.94 19.28 -32.54
C ASP B 608 21.43 20.45 -33.36
N ASN B 609 20.37 20.27 -34.14
CA ASN B 609 19.79 21.36 -34.92
C ASN B 609 18.66 21.99 -34.09
N GLU B 610 18.81 23.28 -33.78
CA GLU B 610 17.78 24.02 -33.07
C GLU B 610 16.44 23.98 -33.79
N GLU B 611 16.44 23.66 -35.08
CA GLU B 611 15.20 23.58 -35.85
C GLU B 611 14.39 22.34 -35.47
N ASN B 612 15.05 21.30 -34.98
CA ASN B 612 14.37 20.06 -34.59
C ASN B 612 13.94 20.05 -33.14
N GLU B 613 14.06 21.19 -32.43
CA GLU B 613 13.74 21.21 -31.01
C GLU B 613 12.28 20.84 -30.78
N ASP B 614 11.37 21.44 -31.55
CA ASP B 614 9.94 21.21 -31.36
C ASP B 614 9.55 19.77 -31.70
N ILE B 615 10.09 19.22 -32.78
CA ILE B 615 9.69 17.88 -33.19
C ILE B 615 10.16 16.85 -32.17
N LEU B 616 11.39 16.99 -31.66
CA LEU B 616 11.88 16.04 -30.67
C LEU B 616 11.14 16.20 -29.34
N GLU B 617 10.76 17.44 -28.99
CA GLU B 617 9.97 17.63 -27.78
C GLU B 617 8.61 16.94 -27.90
N ASP B 618 7.95 17.08 -29.06
CA ASP B 618 6.68 16.41 -29.25
C ASP B 618 6.84 14.89 -29.26
N ILE B 619 7.95 14.39 -29.81
CA ILE B 619 8.19 12.96 -29.80
C ILE B 619 8.32 12.43 -28.38
N VAL B 620 9.11 13.13 -27.54
CA VAL B 620 9.27 12.69 -26.16
C VAL B 620 7.96 12.81 -25.40
N LEU B 621 7.17 13.85 -25.68
CA LEU B 621 5.87 13.99 -25.04
C LEU B 621 4.97 12.81 -25.38
N THR B 622 4.89 12.46 -26.66
CA THR B 622 4.06 11.32 -27.07
C THR B 622 4.57 10.02 -26.44
N LEU B 623 5.89 9.84 -26.37
CA LEU B 623 6.44 8.63 -25.77
C LEU B 623 6.21 8.57 -24.27
N THR B 624 6.00 9.71 -23.61
CA THR B 624 5.76 9.70 -22.18
C THR B 624 4.28 9.61 -21.83
N LEU B 625 3.40 10.21 -22.64
CA LEU B 625 1.98 10.21 -22.32
C LEU B 625 1.39 8.81 -22.34
N PHE B 626 1.80 7.98 -23.30
CA PHE B 626 1.09 6.75 -23.61
C PHE B 626 1.99 5.54 -23.50
N GLU B 627 1.36 4.40 -23.25
CA GLU B 627 1.99 3.09 -23.32
C GLU B 627 1.41 2.24 -24.43
N ASP B 628 0.43 2.77 -25.17
CA ASP B 628 -0.26 2.04 -26.23
C ASP B 628 0.50 2.16 -27.54
N ARG B 629 0.70 1.03 -28.21
CA ARG B 629 1.41 1.03 -29.49
C ARG B 629 0.62 1.77 -30.56
N GLU B 630 -0.71 1.56 -30.59
CA GLU B 630 -1.54 2.20 -31.60
C GLU B 630 -1.43 3.72 -31.53
N MET B 631 -1.57 4.27 -30.32
CA MET B 631 -1.56 5.72 -30.16
C MET B 631 -0.19 6.31 -30.47
N ILE B 632 0.87 5.65 -30.01
CA ILE B 632 2.23 6.10 -30.30
C ILE B 632 2.46 6.14 -31.81
N GLU B 633 2.09 5.06 -32.49
CA GLU B 633 2.20 5.01 -33.94
C GLU B 633 1.38 6.11 -34.59
N GLU B 634 0.21 6.42 -34.01
CA GLU B 634 -0.67 7.43 -34.59
C GLU B 634 -0.07 8.83 -34.49
N ARG B 635 0.56 9.16 -33.36
CA ARG B 635 1.02 10.53 -33.15
C ARG B 635 2.35 10.84 -33.81
N LEU B 636 3.14 9.81 -34.17
CA LEU B 636 4.43 10.02 -34.81
C LEU B 636 4.36 9.90 -36.33
N LYS B 637 3.15 9.89 -36.90
CA LYS B 637 2.99 9.81 -38.34
C LYS B 637 3.36 11.13 -39.02
N THR B 638 3.12 12.26 -38.35
CA THR B 638 3.51 13.55 -38.92
C THR B 638 5.01 13.65 -39.11
N TYR B 639 5.79 12.85 -38.38
CA TYR B 639 7.23 12.85 -38.50
C TYR B 639 7.74 11.61 -39.23
N ALA B 640 6.84 10.84 -39.85
CA ALA B 640 7.25 9.62 -40.53
C ALA B 640 8.09 9.91 -41.76
N HIS B 641 7.94 11.08 -42.36
CA HIS B 641 8.72 11.39 -43.56
C HIS B 641 10.18 11.69 -43.24
N LEU B 642 10.50 11.99 -41.98
CA LEU B 642 11.87 12.33 -41.61
C LEU B 642 12.73 11.14 -41.26
N PHE B 643 12.13 9.97 -41.00
CA PHE B 643 12.89 8.79 -40.61
C PHE B 643 12.47 7.59 -41.45
N ASP B 644 13.34 6.59 -41.48
CA ASP B 644 13.07 5.35 -42.19
C ASP B 644 12.32 4.39 -41.28
N ASP B 645 11.94 3.23 -41.83
CA ASP B 645 11.09 2.31 -41.07
C ASP B 645 11.83 1.65 -39.91
N LYS B 646 13.13 1.37 -40.08
CA LYS B 646 13.88 0.75 -39.00
C LYS B 646 13.97 1.68 -37.79
N VAL B 647 14.34 2.94 -38.02
CA VAL B 647 14.38 3.91 -36.93
C VAL B 647 13.00 4.14 -36.35
N MET B 648 11.98 4.12 -37.21
CA MET B 648 10.60 4.32 -36.74
C MET B 648 10.18 3.20 -35.79
N LYS B 649 10.53 1.95 -36.11
CA LYS B 649 10.21 0.84 -35.23
C LYS B 649 10.98 0.94 -33.91
N GLN B 650 12.29 1.16 -34.01
CA GLN B 650 13.12 1.39 -32.82
C GLN B 650 12.51 2.47 -31.93
N LEU B 651 12.02 3.55 -32.53
CA LEU B 651 11.48 4.67 -31.79
C LEU B 651 10.14 4.31 -31.15
N LYS B 652 9.29 3.61 -31.88
CA LYS B 652 8.03 3.14 -31.32
C LYS B 652 8.27 2.33 -30.06
N ARG B 653 9.32 1.50 -30.05
CA ARG B 653 9.63 0.75 -28.84
C ARG B 653 10.13 1.64 -27.71
N ARG B 654 10.67 2.82 -28.02
CA ARG B 654 11.21 3.70 -26.98
C ARG B 654 10.09 4.21 -26.08
N ARG B 655 10.25 4.03 -24.76
CA ARG B 655 9.20 4.36 -23.82
C ARG B 655 9.80 5.10 -22.62
N TYR B 656 9.03 6.06 -22.09
CA TYR B 656 9.47 6.87 -20.96
C TYR B 656 8.33 7.06 -19.98
N THR B 657 8.68 7.22 -18.70
CA THR B 657 7.73 7.58 -17.66
C THR B 657 8.31 8.71 -16.81
N GLY B 658 7.43 9.40 -16.10
CA GLY B 658 7.84 10.46 -15.22
C GLY B 658 7.69 11.83 -15.87
N TRP B 659 7.56 12.84 -15.01
CA TRP B 659 7.39 14.22 -15.45
C TRP B 659 8.26 15.13 -14.60
N GLY B 660 8.73 16.20 -15.21
CA GLY B 660 9.58 17.15 -14.51
C GLY B 660 8.82 17.97 -13.47
N ARG B 661 9.28 19.19 -13.23
CA ARG B 661 8.59 20.09 -12.31
C ARG B 661 8.51 21.51 -12.86
N LEU B 662 8.95 21.74 -14.09
CA LEU B 662 8.96 23.07 -14.69
C LEU B 662 8.39 23.00 -16.09
N SER B 663 7.66 24.05 -16.48
CA SER B 663 7.09 24.11 -17.82
C SER B 663 8.15 24.52 -18.83
N ARG B 664 7.82 24.33 -20.12
CA ARG B 664 8.73 24.73 -21.17
C ARG B 664 8.76 26.24 -21.37
N LYS B 665 7.64 26.91 -21.12
CA LYS B 665 7.62 28.36 -21.23
C LYS B 665 8.50 29.01 -20.15
N LEU B 666 8.66 28.34 -19.01
CA LEU B 666 9.59 28.83 -18.00
C LEU B 666 11.04 28.60 -18.42
N ILE B 667 11.34 27.40 -18.94
CA ILE B 667 12.71 27.05 -19.25
C ILE B 667 13.23 27.87 -20.43
N ASN B 668 12.50 27.86 -21.55
CA ASN B 668 12.97 28.45 -22.79
C ASN B 668 11.82 29.15 -23.52
N GLY B 669 10.91 29.75 -22.77
CA GLY B 669 9.78 30.44 -23.36
C GLY B 669 9.78 31.94 -23.07
N ILE B 670 9.48 32.31 -21.82
CA ILE B 670 9.53 33.71 -21.45
C ILE B 670 10.96 34.19 -21.50
N ARG B 671 11.14 35.45 -21.87
CA ARG B 671 12.46 36.05 -21.99
C ARG B 671 12.52 37.32 -21.16
N ASP B 672 13.71 37.68 -20.71
CA ASP B 672 13.88 38.96 -20.05
C ASP B 672 13.62 40.08 -21.04
N LYS B 673 12.83 41.07 -20.61
CA LYS B 673 12.48 42.17 -21.50
C LYS B 673 13.71 42.87 -22.03
N GLN B 674 14.65 43.20 -21.15
CA GLN B 674 15.85 43.93 -21.55
C GLN B 674 16.77 43.04 -22.39
N SER B 675 17.18 41.90 -21.82
CA SER B 675 18.18 41.06 -22.49
C SER B 675 17.61 40.33 -23.69
N GLY B 676 16.31 40.01 -23.67
CA GLY B 676 15.74 39.21 -24.73
C GLY B 676 16.16 37.75 -24.67
N LYS B 677 16.64 37.30 -23.52
CA LYS B 677 17.16 35.96 -23.33
C LYS B 677 16.24 35.16 -22.43
N THR B 678 16.14 33.86 -22.68
CA THR B 678 15.34 32.97 -21.85
C THR B 678 16.16 32.51 -20.66
N ILE B 679 15.51 31.75 -19.77
CA ILE B 679 16.21 31.18 -18.61
C ILE B 679 17.36 30.31 -19.07
N LEU B 680 17.10 29.45 -20.08
CA LEU B 680 18.16 28.59 -20.60
C LEU B 680 19.24 29.41 -21.29
N ASP B 681 18.89 30.54 -21.89
CA ASP B 681 19.90 31.41 -22.50
C ASP B 681 20.87 31.93 -21.45
N PHE B 682 20.37 32.35 -20.29
CA PHE B 682 21.25 32.76 -19.21
C PHE B 682 22.03 31.58 -18.66
N LEU B 683 21.39 30.41 -18.57
CA LEU B 683 22.08 29.23 -18.04
C LEU B 683 23.23 28.81 -18.94
N LYS B 684 23.14 29.10 -20.24
CA LYS B 684 24.25 28.83 -21.14
C LYS B 684 25.33 29.90 -21.02
N SER B 685 24.92 31.17 -21.00
CA SER B 685 25.88 32.28 -20.92
C SER B 685 25.26 33.40 -20.11
N ASP B 686 25.95 33.80 -19.04
CA ASP B 686 25.56 34.97 -18.26
C ASP B 686 26.81 35.77 -17.90
N GLY B 687 27.60 36.10 -18.92
CA GLY B 687 28.84 36.80 -18.73
C GLY B 687 29.77 36.12 -17.76
N PHE B 688 30.08 36.81 -16.66
CA PHE B 688 30.82 36.22 -15.55
C PHE B 688 29.96 36.07 -14.30
N ALA B 689 28.69 36.47 -14.35
CA ALA B 689 27.82 36.34 -13.18
C ALA B 689 27.42 34.89 -12.96
N ASN B 690 27.07 34.17 -14.04
CA ASN B 690 26.70 32.76 -13.98
C ASN B 690 25.57 32.52 -12.99
N ARG B 691 24.45 33.21 -13.20
CA ARG B 691 23.30 33.05 -12.33
C ARG B 691 22.54 31.77 -12.69
N ASN B 692 22.04 31.08 -11.66
CA ASN B 692 21.29 29.85 -11.86
C ASN B 692 19.79 30.14 -11.77
N PHE B 693 18.98 29.08 -11.76
CA PHE B 693 17.54 29.22 -11.87
C PHE B 693 16.95 30.04 -10.72
N MET B 694 17.33 29.71 -9.49
CA MET B 694 16.83 30.45 -8.33
C MET B 694 17.24 31.92 -8.41
N GLN B 695 18.52 32.18 -8.66
CA GLN B 695 18.98 33.55 -8.84
C GLN B 695 18.29 34.23 -10.02
N LEU B 696 17.97 33.46 -11.06
CA LEU B 696 17.37 34.07 -12.26
C LEU B 696 15.93 34.47 -12.03
N ILE B 697 15.18 33.76 -11.20
CA ILE B 697 13.79 34.16 -10.96
C ILE B 697 13.66 35.03 -9.73
N HIS B 698 14.75 35.27 -8.99
CA HIS B 698 14.73 36.10 -7.79
C HIS B 698 15.56 37.37 -7.94
N ASP B 699 15.98 37.70 -9.16
CA ASP B 699 16.82 38.87 -9.40
C ASP B 699 15.92 40.04 -9.80
N ASP B 700 15.88 41.06 -8.93
CA ASP B 700 15.09 42.25 -9.25
C ASP B 700 15.59 42.93 -10.51
N SER B 701 16.86 42.71 -10.85
CA SER B 701 17.45 43.41 -11.99
C SER B 701 16.88 42.94 -13.33
N LEU B 702 16.17 41.80 -13.36
CA LEU B 702 15.75 41.26 -14.64
C LEU B 702 14.30 40.80 -14.55
N THR B 703 13.70 40.61 -15.73
CA THR B 703 12.25 40.68 -15.88
C THR B 703 11.52 39.55 -15.17
N PHE B 704 12.13 38.37 -15.09
CA PHE B 704 11.41 37.13 -14.84
C PHE B 704 10.48 37.23 -13.63
N LYS B 705 11.01 37.61 -12.48
CA LYS B 705 10.24 37.73 -11.24
C LYS B 705 8.92 38.47 -11.46
N GLU B 706 8.98 39.56 -12.23
CA GLU B 706 7.77 40.36 -12.49
C GLU B 706 6.74 39.55 -13.26
N ASP B 707 7.16 38.86 -14.32
CA ASP B 707 6.23 38.05 -15.11
C ASP B 707 5.70 36.87 -14.31
N ILE B 708 6.51 36.29 -13.42
CA ILE B 708 6.04 35.20 -12.57
C ILE B 708 4.94 35.69 -11.65
N GLN B 709 5.17 36.84 -10.99
CA GLN B 709 4.14 37.40 -10.11
C GLN B 709 2.90 37.80 -10.90
N LYS B 710 3.09 38.27 -12.14
CA LYS B 710 1.95 38.58 -13.00
C LYS B 710 1.17 37.33 -13.36
N ALA B 711 1.84 36.18 -13.39
CA ALA B 711 1.20 34.94 -13.84
C ALA B 711 0.40 34.28 -12.72
N GLN B 712 0.99 34.11 -11.55
CA GLN B 712 0.38 33.29 -10.49
C GLN B 712 -0.96 33.85 -10.05
N VAL B 713 -1.89 32.94 -9.75
CA VAL B 713 -3.23 33.27 -9.30
C VAL B 713 -3.57 32.37 -8.12
N SER B 714 -4.10 32.98 -7.06
CA SER B 714 -4.62 32.21 -5.93
C SER B 714 -6.12 32.04 -6.14
N GLY B 715 -6.52 30.83 -6.50
CA GLY B 715 -7.87 30.57 -6.96
C GLY B 715 -8.91 30.62 -5.85
N GLN B 716 -10.10 30.13 -6.19
CA GLN B 716 -11.21 30.14 -5.25
C GLN B 716 -10.88 29.24 -4.07
N GLY B 717 -10.93 29.81 -2.86
CA GLY B 717 -10.40 29.11 -1.70
C GLY B 717 -11.19 27.85 -1.38
N ASP B 718 -10.47 26.83 -0.94
CA ASP B 718 -11.09 25.60 -0.47
C ASP B 718 -11.75 25.85 0.89
N SER B 719 -12.73 25.02 1.21
CA SER B 719 -13.26 24.99 2.56
C SER B 719 -12.23 24.36 3.49
N LEU B 720 -12.55 24.30 4.78
CA LEU B 720 -11.68 23.61 5.72
C LEU B 720 -11.57 22.13 5.36
N HIS B 721 -12.71 21.49 5.13
CA HIS B 721 -12.74 20.07 4.79
C HIS B 721 -12.03 19.83 3.47
N GLU B 722 -12.29 20.67 2.47
CA GLU B 722 -11.60 20.54 1.18
C GLU B 722 -10.09 20.68 1.35
N HIS B 723 -9.67 21.72 2.07
CA HIS B 723 -8.24 21.97 2.27
C HIS B 723 -7.57 20.78 2.94
N ILE B 724 -8.22 20.23 3.98
CA ILE B 724 -7.64 19.08 4.68
C ILE B 724 -7.58 17.87 3.76
N ALA B 725 -8.63 17.66 2.96
CA ALA B 725 -8.64 16.52 2.04
C ALA B 725 -7.52 16.62 1.02
N ASN B 726 -7.25 17.81 0.51
CA ASN B 726 -6.19 18.02 -0.47
C ASN B 726 -4.80 17.92 0.12
N LEU B 727 -4.67 17.75 1.43
CA LEU B 727 -3.37 17.62 2.05
C LEU B 727 -2.77 16.25 1.75
N ALA B 728 -1.44 16.22 1.59
CA ALA B 728 -0.75 14.95 1.43
C ALA B 728 -0.67 14.25 2.79
N GLY B 729 -1.04 12.99 2.81
CA GLY B 729 -1.08 12.23 4.05
C GLY B 729 -2.14 11.14 3.97
N SER B 730 -2.15 10.31 5.00
CA SER B 730 -3.10 9.20 5.00
C SER B 730 -4.47 9.68 5.50
N PRO B 731 -5.56 9.16 4.93
CA PRO B 731 -6.89 9.64 5.34
C PRO B 731 -7.18 9.49 6.83
N ALA B 732 -6.52 8.55 7.51
CA ALA B 732 -6.70 8.41 8.96
C ALA B 732 -6.20 9.65 9.68
N ILE B 733 -4.95 10.05 9.40
CA ILE B 733 -4.40 11.20 10.11
C ILE B 733 -5.13 12.48 9.69
N LYS B 734 -5.69 12.52 8.47
CA LYS B 734 -6.42 13.71 8.05
C LYS B 734 -7.78 13.81 8.74
N LYS B 735 -8.45 12.68 8.94
CA LYS B 735 -9.63 12.66 9.80
C LYS B 735 -9.28 13.16 11.19
N GLY B 736 -8.14 12.70 11.73
CA GLY B 736 -7.69 13.21 13.02
C GLY B 736 -7.49 14.72 13.03
N ILE B 737 -6.93 15.26 11.93
CA ILE B 737 -6.67 16.69 11.84
C ILE B 737 -7.98 17.48 11.83
N LEU B 738 -8.96 17.02 11.06
CA LEU B 738 -10.24 17.71 11.03
C LEU B 738 -10.92 17.68 12.39
N GLN B 739 -10.89 16.52 13.07
CA GLN B 739 -11.44 16.44 14.41
C GLN B 739 -10.71 17.38 15.36
N THR B 740 -9.40 17.53 15.19
CA THR B 740 -8.64 18.45 16.01
C THR B 740 -9.11 19.89 15.83
N VAL B 741 -9.31 20.29 14.58
CA VAL B 741 -9.79 21.66 14.31
C VAL B 741 -11.16 21.88 14.96
N LYS B 742 -12.04 20.88 14.86
CA LYS B 742 -13.38 21.04 15.45
C LYS B 742 -13.30 21.11 16.98
N VAL B 743 -12.43 20.31 17.60
CA VAL B 743 -12.22 20.38 19.04
C VAL B 743 -11.76 21.78 19.43
N VAL B 744 -10.82 22.34 18.68
CA VAL B 744 -10.29 23.66 19.01
C VAL B 744 -11.38 24.73 18.87
N ASP B 745 -12.20 24.61 17.83
CA ASP B 745 -13.31 25.54 17.66
C ASP B 745 -14.22 25.52 18.89
N GLU B 746 -14.64 24.32 19.32
CA GLU B 746 -15.53 24.24 20.47
C GLU B 746 -14.86 24.71 21.75
N LEU B 747 -13.56 24.47 21.91
CA LEU B 747 -12.88 24.93 23.12
C LEU B 747 -12.80 26.44 23.17
N VAL B 748 -12.57 27.09 22.02
CA VAL B 748 -12.64 28.54 21.99
C VAL B 748 -14.05 29.00 22.33
N LYS B 749 -15.06 28.29 21.83
CA LYS B 749 -16.43 28.62 22.18
C LYS B 749 -16.70 28.51 23.67
N VAL B 750 -16.03 27.57 24.35
CA VAL B 750 -16.27 27.36 25.77
C VAL B 750 -15.67 28.49 26.60
N MET B 751 -14.48 28.97 26.22
CA MET B 751 -13.80 30.03 26.96
C MET B 751 -14.33 31.43 26.63
N GLY B 752 -15.63 31.56 26.40
CA GLY B 752 -16.22 32.85 26.08
C GLY B 752 -15.70 33.48 24.82
N ARG B 753 -15.36 32.67 23.81
CA ARG B 753 -14.83 33.12 22.52
C ARG B 753 -13.48 33.83 22.64
N HIS B 754 -12.78 33.67 23.76
CA HIS B 754 -11.45 34.23 23.90
C HIS B 754 -10.42 33.29 23.29
N LYS B 755 -9.67 33.79 22.32
CA LYS B 755 -8.62 32.99 21.70
C LYS B 755 -7.52 32.70 22.71
N PRO B 756 -6.96 31.50 22.72
CA PRO B 756 -5.91 31.18 23.68
C PRO B 756 -4.63 31.96 23.37
N GLU B 757 -3.67 31.85 24.29
CA GLU B 757 -2.34 32.41 24.05
C GLU B 757 -1.44 31.44 23.32
N ASN B 758 -1.51 30.16 23.66
CA ASN B 758 -0.69 29.14 23.04
C ASN B 758 -1.56 27.94 22.67
N ILE B 759 -1.19 27.29 21.56
CA ILE B 759 -1.74 26.00 21.17
C ILE B 759 -0.57 25.09 20.88
N VAL B 760 -0.34 24.11 21.73
CA VAL B 760 0.71 23.12 21.54
C VAL B 760 0.10 21.90 20.88
N ILE B 761 0.68 21.48 19.76
CA ILE B 761 0.19 20.31 19.04
C ILE B 761 1.29 19.26 19.01
N GLU B 762 0.89 18.00 19.21
CA GLU B 762 1.77 16.86 19.08
C GLU B 762 1.10 15.82 18.17
N MET B 763 1.90 15.16 17.35
CA MET B 763 1.36 14.16 16.41
C MET B 763 2.12 12.85 16.59
N ALA B 764 1.40 11.75 16.75
CA ALA B 764 2.00 10.43 16.87
C ALA B 764 2.68 10.05 15.56
N ARG B 765 3.91 9.51 15.66
CA ARG B 765 4.65 9.15 14.45
C ARG B 765 3.93 8.07 13.65
N GLU B 766 3.32 7.11 14.34
CA GLU B 766 2.62 6.01 13.68
C GLU B 766 1.23 6.42 13.21
N ASN B 776 1.68 -7.41 5.46
CA ASN B 776 3.01 -7.29 6.04
C ASN B 776 3.86 -8.51 5.74
N SER B 777 3.33 -9.69 6.10
CA SER B 777 4.06 -10.93 5.89
C SER B 777 4.38 -11.14 4.41
N ARG B 778 3.41 -10.86 3.54
CA ARG B 778 3.61 -11.12 2.12
C ARG B 778 4.68 -10.21 1.52
N GLU B 779 4.72 -8.94 1.94
CA GLU B 779 5.70 -8.02 1.37
C GLU B 779 7.12 -8.37 1.80
N ARG B 780 7.31 -8.78 3.05
CA ARG B 780 8.65 -9.15 3.49
C ARG B 780 9.08 -10.49 2.88
N MET B 781 8.13 -11.43 2.74
CA MET B 781 8.42 -12.64 2.00
C MET B 781 8.80 -12.33 0.56
N LYS B 782 8.14 -11.32 -0.04
CA LYS B 782 8.47 -10.91 -1.39
C LYS B 782 9.87 -10.31 -1.46
N ARG B 783 10.23 -9.50 -0.46
CA ARG B 783 11.59 -8.98 -0.36
C ARG B 783 12.60 -10.13 -0.38
N ILE B 784 12.39 -11.13 0.48
CA ILE B 784 13.32 -12.26 0.55
C ILE B 784 13.33 -13.04 -0.76
N GLU B 785 12.15 -13.23 -1.36
CA GLU B 785 12.01 -14.05 -2.55
C GLU B 785 12.72 -13.40 -3.73
N GLU B 786 12.51 -12.10 -3.93
CA GLU B 786 13.24 -11.39 -4.98
C GLU B 786 14.72 -11.28 -4.65
N GLY B 787 15.06 -11.18 -3.37
CA GLY B 787 16.46 -10.99 -3.01
C GLY B 787 17.32 -12.19 -3.30
N ILE B 788 16.85 -13.39 -2.94
CA ILE B 788 17.64 -14.58 -3.25
C ILE B 788 17.64 -14.85 -4.75
N LYS B 789 16.53 -14.57 -5.43
CA LYS B 789 16.46 -14.67 -6.88
C LYS B 789 17.56 -13.85 -7.53
N GLU B 790 17.70 -12.59 -7.10
CA GLU B 790 18.76 -11.72 -7.63
C GLU B 790 20.13 -12.23 -7.21
N LEU B 791 20.26 -12.70 -5.96
CA LEU B 791 21.54 -13.23 -5.49
C LEU B 791 21.91 -14.55 -6.15
N GLY B 792 20.95 -15.21 -6.81
CA GLY B 792 21.20 -16.51 -7.38
C GLY B 792 21.51 -17.60 -6.37
N SER B 793 21.15 -17.39 -5.11
CA SER B 793 21.46 -18.34 -4.05
C SER B 793 20.41 -19.45 -3.99
N GLN B 794 20.68 -20.44 -3.14
CA GLN B 794 19.80 -21.60 -2.98
C GLN B 794 19.41 -21.82 -1.52
N ILE B 795 19.47 -20.78 -0.69
CA ILE B 795 19.18 -20.97 0.74
C ILE B 795 17.70 -21.29 0.95
N LEU B 796 16.82 -20.74 0.10
CA LEU B 796 15.42 -21.12 0.16
C LEU B 796 15.24 -22.61 -0.12
N LYS B 797 16.01 -23.14 -1.07
CA LYS B 797 15.99 -24.57 -1.34
C LYS B 797 16.43 -25.38 -0.13
N GLU B 798 17.47 -24.91 0.56
CA GLU B 798 18.01 -25.66 1.69
C GLU B 798 17.17 -25.51 2.94
N HIS B 799 16.54 -24.36 3.15
CA HIS B 799 15.79 -24.07 4.37
C HIS B 799 14.42 -23.51 4.04
N PRO B 800 13.37 -24.33 4.14
CA PRO B 800 12.02 -23.84 3.84
C PRO B 800 11.46 -23.05 5.00
N VAL B 801 10.72 -21.99 4.68
CA VAL B 801 10.17 -21.08 5.68
C VAL B 801 8.86 -20.50 5.18
N GLU B 802 7.85 -20.51 6.06
CA GLU B 802 6.56 -19.94 5.76
C GLU B 802 6.55 -18.44 5.97
N ASN B 803 5.54 -17.77 5.41
CA ASN B 803 5.46 -16.32 5.50
C ASN B 803 5.19 -15.86 6.93
N THR B 804 4.35 -16.59 7.67
CA THR B 804 4.04 -16.20 9.04
C THR B 804 5.25 -16.34 9.95
N GLN B 805 6.13 -17.31 9.70
CA GLN B 805 7.31 -17.51 10.52
C GLN B 805 8.16 -16.27 10.65
N LEU B 806 8.00 -15.30 9.73
CA LEU B 806 8.78 -14.09 9.76
C LEU B 806 8.25 -13.04 10.73
N GLN B 807 7.28 -13.40 11.57
CA GLN B 807 6.92 -12.54 12.70
C GLN B 807 8.13 -12.27 13.58
N ASN B 808 8.94 -13.31 13.79
CA ASN B 808 10.20 -13.15 14.49
C ASN B 808 11.16 -12.30 13.65
N GLU B 809 11.86 -11.37 14.32
CA GLU B 809 12.76 -10.49 13.59
C GLU B 809 14.12 -11.11 13.35
N LYS B 810 14.57 -12.02 14.23
CA LYS B 810 15.86 -12.66 14.02
C LYS B 810 15.86 -13.54 12.79
N LEU B 811 14.78 -14.31 12.58
CA LEU B 811 14.70 -15.17 11.40
C LEU B 811 14.59 -14.35 10.12
N TYR B 812 13.81 -13.26 10.17
CA TYR B 812 13.73 -12.34 9.05
C TYR B 812 15.11 -11.79 8.69
N LEU B 813 15.83 -11.29 9.69
CA LEU B 813 17.18 -10.78 9.45
C LEU B 813 18.09 -11.87 8.90
N TYR B 814 17.99 -13.09 9.43
CA TYR B 814 18.82 -14.17 8.94
C TYR B 814 18.59 -14.42 7.46
N TYR B 815 17.35 -14.74 7.08
CA TYR B 815 17.08 -15.02 5.67
C TYR B 815 17.30 -13.80 4.79
N LEU B 816 17.34 -12.60 5.36
CA LEU B 816 17.81 -11.45 4.60
C LEU B 816 19.32 -11.48 4.38
N GLN B 817 20.05 -12.08 5.31
CA GLN B 817 21.51 -12.09 5.29
C GLN B 817 22.09 -13.34 4.66
N ASN B 818 21.26 -14.19 4.08
CA ASN B 818 21.71 -15.35 3.30
C ASN B 818 22.63 -16.25 4.12
N GLY B 819 22.24 -16.51 5.36
CA GLY B 819 22.98 -17.41 6.22
C GLY B 819 24.29 -16.81 6.71
N ARG B 820 24.68 -15.70 6.08
CA ARG B 820 25.93 -15.04 6.40
C ARG B 820 25.77 -14.13 7.62
N ASP B 821 26.88 -13.94 8.33
CA ASP B 821 26.97 -12.93 9.38
C ASP B 821 27.37 -11.62 8.73
N MET B 822 26.74 -10.53 9.20
CA MET B 822 26.93 -9.24 8.57
C MET B 822 28.25 -8.58 8.95
N TYR B 823 28.85 -8.97 10.07
CA TYR B 823 30.15 -8.43 10.46
C TYR B 823 31.27 -9.44 10.28
N VAL B 824 30.96 -10.72 10.11
CA VAL B 824 31.95 -11.77 9.95
C VAL B 824 31.57 -12.59 8.73
N ASP B 825 32.52 -12.81 7.83
CA ASP B 825 32.27 -13.68 6.68
C ASP B 825 32.23 -15.13 7.14
N GLN B 826 31.15 -15.52 7.80
CA GLN B 826 30.96 -16.89 8.27
C GLN B 826 29.49 -17.24 8.21
N GLU B 827 29.19 -18.49 7.83
CA GLU B 827 27.81 -18.94 7.80
C GLU B 827 27.23 -18.96 9.20
N LEU B 828 25.95 -18.65 9.30
CA LEU B 828 25.23 -18.68 10.56
C LEU B 828 24.38 -19.94 10.66
N ASP B 829 24.22 -20.42 11.89
CA ASP B 829 23.49 -21.65 12.15
C ASP B 829 22.01 -21.35 12.38
N ILE B 830 21.15 -22.13 11.74
CA ILE B 830 19.71 -21.93 11.89
C ILE B 830 19.26 -22.30 13.29
N ASN B 831 19.70 -23.46 13.78
CA ASN B 831 19.22 -23.96 15.07
C ASN B 831 19.83 -23.20 16.24
N ARG B 832 20.95 -22.54 16.03
CA ARG B 832 21.60 -21.74 17.07
C ARG B 832 21.14 -20.29 17.07
N LEU B 833 20.03 -19.97 16.40
CA LEU B 833 19.54 -18.61 16.32
C LEU B 833 19.19 -18.02 17.67
N SER B 834 19.12 -18.83 18.73
CA SER B 834 18.79 -18.30 20.04
C SER B 834 19.93 -17.46 20.60
N ASP B 835 21.17 -17.93 20.44
CA ASP B 835 22.32 -17.22 21.02
C ASP B 835 22.62 -15.92 20.28
N TYR B 836 22.30 -15.84 19.00
CA TYR B 836 22.80 -14.77 18.14
C TYR B 836 22.25 -13.42 18.56
N ASP B 837 22.87 -12.36 18.03
CA ASP B 837 22.65 -11.00 18.51
C ASP B 837 22.12 -10.11 17.39
N VAL B 838 21.06 -9.37 17.69
CA VAL B 838 20.58 -8.29 16.82
C VAL B 838 21.22 -7.00 17.29
N ASP B 839 22.11 -6.44 16.46
CA ASP B 839 22.81 -5.21 16.77
C ASP B 839 22.27 -4.07 15.92
N ALA B 840 22.33 -2.86 16.48
CA ALA B 840 21.96 -1.66 15.75
C ALA B 840 23.17 -1.13 15.01
N ILE B 841 23.01 -0.89 13.71
CA ILE B 841 24.14 -0.42 12.89
C ILE B 841 24.65 0.91 13.43
N VAL B 842 23.81 1.94 13.42
CA VAL B 842 24.03 3.15 14.19
C VAL B 842 23.41 2.93 15.57
N PRO B 843 24.19 3.00 16.65
CA PRO B 843 23.77 2.39 17.91
C PRO B 843 22.57 3.08 18.54
N GLN B 844 21.93 2.33 19.45
CA GLN B 844 20.70 2.78 20.10
C GLN B 844 20.95 3.95 21.04
N SER B 845 22.15 4.04 21.63
CA SER B 845 22.46 5.14 22.53
C SER B 845 22.35 6.47 21.81
N PHE B 846 22.74 6.52 20.54
CA PHE B 846 22.74 7.76 19.79
C PHE B 846 21.44 7.98 19.02
N LEU B 847 20.89 6.92 18.42
CA LEU B 847 19.65 7.04 17.66
C LEU B 847 18.73 5.88 18.02
N LYS B 848 17.44 6.20 18.23
CA LYS B 848 16.46 5.17 18.54
C LYS B 848 15.79 4.72 17.25
N ASP B 849 16.49 3.86 16.51
CA ASP B 849 15.98 3.29 15.27
C ASP B 849 15.91 1.78 15.46
N ASP B 850 14.77 1.30 15.97
CA ASP B 850 14.55 -0.12 16.17
C ASP B 850 14.05 -0.81 14.92
N SER B 851 14.02 -0.10 13.78
CA SER B 851 13.61 -0.70 12.53
C SER B 851 14.68 -1.64 12.01
N ILE B 852 14.27 -2.58 11.15
CA ILE B 852 15.17 -3.57 10.54
C ILE B 852 16.20 -2.82 9.70
N ASP B 853 15.87 -1.58 9.33
CA ASP B 853 16.80 -0.77 8.56
C ASP B 853 18.03 -0.39 9.35
N ASN B 854 17.90 -0.17 10.65
CA ASN B 854 19.05 0.01 11.54
C ASN B 854 19.31 -1.23 12.37
N LYS B 855 18.90 -2.39 11.90
CA LYS B 855 19.11 -3.64 12.62
C LYS B 855 19.91 -4.61 11.76
N VAL B 856 20.60 -5.52 12.44
CA VAL B 856 21.54 -6.39 11.76
C VAL B 856 21.76 -7.63 12.62
N LEU B 857 21.76 -8.81 12.01
CA LEU B 857 21.89 -10.05 12.77
C LEU B 857 23.31 -10.56 12.65
N THR B 858 24.00 -10.68 13.78
CA THR B 858 25.38 -11.12 13.81
C THR B 858 25.55 -12.21 14.87
N ARG B 859 26.68 -12.92 14.76
CA ARG B 859 27.00 -13.95 15.74
C ARG B 859 27.16 -13.36 17.13
N SER B 860 27.90 -12.25 17.22
CA SER B 860 28.16 -11.61 18.49
C SER B 860 28.23 -10.10 18.27
N ASP B 861 27.73 -9.34 19.25
CA ASP B 861 27.86 -7.89 19.20
C ASP B 861 29.32 -7.46 19.13
N LYS B 862 30.19 -8.17 19.85
CA LYS B 862 31.60 -7.79 19.95
C LYS B 862 32.23 -7.58 18.58
N ASN B 863 31.90 -8.45 17.62
CA ASN B 863 32.54 -8.41 16.31
C ASN B 863 32.22 -7.16 15.51
N ARG B 864 31.31 -6.30 15.98
CA ARG B 864 31.06 -5.04 15.29
C ARG B 864 32.20 -4.05 15.46
N GLY B 865 33.12 -4.29 16.38
CA GLY B 865 34.13 -3.31 16.73
C GLY B 865 33.70 -2.46 17.90
N LYS B 866 34.04 -1.17 17.87
CA LYS B 866 33.64 -0.28 18.95
C LYS B 866 32.17 0.11 18.80
N SER B 867 31.58 0.52 19.91
CA SER B 867 30.15 0.75 19.97
C SER B 867 29.77 2.20 19.69
N ASP B 868 30.53 3.16 20.22
CA ASP B 868 30.11 4.56 20.13
C ASP B 868 30.05 5.03 18.68
N ASN B 869 31.04 4.66 17.87
CA ASN B 869 31.05 5.07 16.48
C ASN B 869 30.30 4.05 15.62
N VAL B 870 30.30 4.25 14.31
CA VAL B 870 29.75 3.31 13.35
C VAL B 870 30.77 2.19 13.18
N PRO B 871 30.35 0.93 12.82
CA PRO B 871 31.30 -0.19 12.73
C PRO B 871 32.68 0.14 12.20
N SER B 872 33.71 -0.45 12.81
CA SER B 872 35.10 -0.07 12.56
C SER B 872 35.47 -0.26 11.09
N GLU B 873 36.39 0.58 10.63
CA GLU B 873 36.84 0.58 9.23
C GLU B 873 37.24 -0.81 8.78
N GLU B 874 37.79 -1.63 9.68
CA GLU B 874 38.22 -2.97 9.30
C GLU B 874 37.03 -3.82 8.84
N VAL B 875 35.93 -3.74 9.58
CA VAL B 875 34.72 -4.49 9.21
C VAL B 875 34.18 -4.01 7.88
N VAL B 876 34.33 -2.71 7.59
CA VAL B 876 33.90 -2.18 6.29
C VAL B 876 34.75 -2.80 5.18
N LYS B 877 36.07 -2.66 5.29
CA LYS B 877 36.98 -3.23 4.30
C LYS B 877 36.68 -4.70 4.08
N LYS B 878 36.30 -5.41 5.15
CA LYS B 878 35.92 -6.82 5.00
C LYS B 878 34.64 -6.98 4.20
N MET B 879 33.52 -6.47 4.74
CA MET B 879 32.19 -6.86 4.29
C MET B 879 31.57 -5.94 3.23
N LYS B 880 32.32 -4.99 2.67
CA LYS B 880 31.75 -4.04 1.72
C LYS B 880 31.16 -4.74 0.49
N ASN B 881 31.88 -5.72 -0.06
CA ASN B 881 31.38 -6.39 -1.27
C ASN B 881 30.10 -7.15 -1.00
N TYR B 882 30.06 -7.90 0.10
CA TYR B 882 28.85 -8.62 0.48
C TYR B 882 27.71 -7.66 0.76
N TRP B 883 28.00 -6.50 1.34
CA TRP B 883 26.96 -5.51 1.59
C TRP B 883 26.39 -4.95 0.30
N ARG B 884 27.26 -4.67 -0.68
CA ARG B 884 26.76 -4.19 -1.97
C ARG B 884 25.98 -5.27 -2.70
N GLN B 885 26.38 -6.53 -2.55
CA GLN B 885 25.62 -7.62 -3.15
C GLN B 885 24.24 -7.73 -2.52
N LEU B 886 24.14 -7.53 -1.20
CA LEU B 886 22.82 -7.50 -0.58
C LEU B 886 22.05 -6.24 -0.97
N LEU B 887 22.76 -5.17 -1.33
CA LEU B 887 22.09 -3.95 -1.77
C LEU B 887 21.48 -4.12 -3.16
N ASN B 888 22.17 -4.82 -4.05
CA ASN B 888 21.62 -5.06 -5.38
C ASN B 888 20.42 -5.99 -5.33
N ALA B 889 20.44 -6.97 -4.42
CA ALA B 889 19.30 -7.85 -4.22
C ALA B 889 18.15 -7.15 -3.50
N LYS B 890 18.32 -5.88 -3.14
CA LYS B 890 17.34 -5.10 -2.39
C LYS B 890 17.00 -5.70 -1.04
N LEU B 891 17.77 -6.70 -0.58
CA LEU B 891 17.62 -7.19 0.78
C LEU B 891 18.04 -6.15 1.80
N ILE B 892 18.99 -5.28 1.43
CA ILE B 892 19.45 -4.19 2.28
C ILE B 892 19.24 -2.89 1.52
N THR B 893 18.68 -1.90 2.20
CA THR B 893 18.37 -0.63 1.55
C THR B 893 19.63 0.25 1.47
N GLN B 894 19.53 1.31 0.67
CA GLN B 894 20.65 2.21 0.48
C GLN B 894 20.97 2.97 1.77
N ARG B 895 19.94 3.32 2.55
CA ARG B 895 20.17 3.93 3.85
C ARG B 895 20.94 2.99 4.77
N LYS B 896 20.51 1.72 4.82
CA LYS B 896 21.19 0.72 5.64
C LYS B 896 22.62 0.49 5.15
N PHE B 897 22.81 0.45 3.83
CA PHE B 897 24.16 0.25 3.27
C PHE B 897 25.07 1.41 3.63
N ASP B 898 24.59 2.65 3.43
CA ASP B 898 25.39 3.82 3.73
C ASP B 898 25.73 3.90 5.22
N ASN B 899 24.79 3.52 6.08
CA ASN B 899 25.11 3.50 7.50
C ASN B 899 26.10 2.40 7.84
N LEU B 900 26.07 1.28 7.10
CA LEU B 900 27.03 0.21 7.35
C LEU B 900 28.45 0.64 7.00
N THR B 901 28.62 1.46 5.96
CA THR B 901 29.94 1.80 5.43
C THR B 901 30.37 3.22 5.76
N LYS B 902 29.76 3.85 6.77
CA LYS B 902 30.07 5.24 7.05
C LYS B 902 31.48 5.42 7.61
N ALA B 903 32.08 4.36 8.16
CA ALA B 903 33.40 4.50 8.78
C ALA B 903 34.47 4.89 7.75
N GLU B 904 34.40 4.31 6.56
CA GLU B 904 35.33 4.69 5.50
C GLU B 904 35.23 6.18 5.17
N ARG B 905 34.08 6.79 5.46
CA ARG B 905 33.90 8.22 5.29
C ARG B 905 34.15 9.00 6.58
N GLY B 906 34.77 8.36 7.57
CA GLY B 906 35.11 9.02 8.82
C GLY B 906 34.17 8.76 9.97
N GLY B 907 33.29 7.76 9.85
CA GLY B 907 32.34 7.52 10.93
C GLY B 907 31.31 8.64 11.00
N LEU B 908 31.03 9.11 12.21
CA LEU B 908 30.06 10.17 12.44
C LEU B 908 30.76 11.38 13.05
N SER B 909 30.55 12.53 12.44
CA SER B 909 31.15 13.78 12.91
C SER B 909 30.38 14.30 14.12
N GLU B 910 30.92 15.37 14.72
CA GLU B 910 30.23 16.02 15.84
C GLU B 910 28.91 16.62 15.39
N LEU B 911 28.92 17.25 14.20
CA LEU B 911 27.69 17.78 13.62
C LEU B 911 26.63 16.69 13.46
N ASP B 912 27.07 15.47 13.12
CA ASP B 912 26.12 14.36 12.96
C ASP B 912 25.36 14.09 14.25
N LYS B 913 26.08 13.96 15.36
CA LYS B 913 25.43 13.64 16.64
C LYS B 913 24.55 14.79 17.10
N ALA B 914 25.05 16.02 16.99
CA ALA B 914 24.25 17.19 17.36
C ALA B 914 22.96 17.24 16.54
N GLY B 915 23.05 16.98 15.24
CA GLY B 915 21.86 17.03 14.40
C GLY B 915 20.90 15.90 14.70
N PHE B 916 21.43 14.72 15.06
CA PHE B 916 20.54 13.63 15.48
C PHE B 916 19.71 14.05 16.68
N ILE B 917 20.34 14.67 17.67
CA ILE B 917 19.58 15.15 18.83
C ILE B 917 18.55 16.19 18.40
N LYS B 918 19.00 17.18 17.62
CA LYS B 918 18.10 18.26 17.23
C LYS B 918 16.89 17.74 16.47
N ARG B 919 17.07 16.71 15.64
CA ARG B 919 15.94 16.12 14.94
C ARG B 919 15.06 15.32 15.88
N GLN B 920 15.65 14.69 16.91
CA GLN B 920 14.85 14.04 17.93
C GLN B 920 13.95 15.03 18.65
N LEU B 921 14.36 16.30 18.74
CA LEU B 921 13.58 17.25 19.52
C LEU B 921 12.68 18.18 18.71
N VAL B 922 13.08 18.54 17.48
CA VAL B 922 12.32 19.49 16.66
C VAL B 922 11.59 18.73 15.56
N GLU B 923 10.31 19.01 15.40
CA GLU B 923 9.48 18.31 14.41
C GLU B 923 9.63 18.94 13.04
N THR B 924 9.87 18.10 12.03
CA THR B 924 10.04 18.63 10.65
C THR B 924 9.04 17.97 9.71
N ARG B 925 8.19 17.08 10.21
CA ARG B 925 7.25 16.38 9.34
C ARG B 925 6.25 17.37 8.74
N GLN B 926 6.05 17.27 7.42
CA GLN B 926 5.29 18.28 6.69
C GLN B 926 3.84 18.34 7.13
N ILE B 927 3.24 17.19 7.48
CA ILE B 927 1.83 17.16 7.85
C ILE B 927 1.60 17.98 9.11
N THR B 928 2.55 17.94 10.05
CA THR B 928 2.43 18.72 11.28
C THR B 928 2.52 20.22 10.97
N LYS B 929 3.40 20.60 10.04
CA LYS B 929 3.49 21.99 9.63
C LYS B 929 2.20 22.44 8.96
N HIS B 930 1.55 21.56 8.19
CA HIS B 930 0.28 21.91 7.57
C HIS B 930 -0.80 22.14 8.63
N VAL B 931 -0.85 21.27 9.64
CA VAL B 931 -1.81 21.46 10.72
C VAL B 931 -1.55 22.76 11.46
N ALA B 932 -0.28 23.05 11.73
CA ALA B 932 0.09 24.30 12.37
C ALA B 932 -0.34 25.49 11.54
N GLN B 933 -0.16 25.41 10.22
CA GLN B 933 -0.60 26.48 9.33
C GLN B 933 -2.11 26.68 9.41
N ILE B 934 -2.87 25.59 9.42
CA ILE B 934 -4.33 25.70 9.47
C ILE B 934 -4.76 26.38 10.76
N LEU B 935 -4.25 25.89 11.90
CA LEU B 935 -4.62 26.48 13.18
C LEU B 935 -4.19 27.94 13.27
N ASP B 936 -3.00 28.26 12.76
CA ASP B 936 -2.49 29.63 12.82
C ASP B 936 -3.35 30.56 11.98
N SER B 937 -3.70 30.13 10.76
CA SER B 937 -4.50 30.96 9.87
C SER B 937 -5.95 31.07 10.34
N ARG B 938 -6.42 30.14 11.17
CA ARG B 938 -7.74 30.28 11.77
C ARG B 938 -7.74 31.16 13.01
N MET B 939 -6.66 31.16 13.79
CA MET B 939 -6.64 31.97 15.00
C MET B 939 -6.24 33.42 14.71
N ASN B 940 -5.15 33.63 13.99
CA ASN B 940 -4.59 34.95 13.74
C ASN B 940 -5.08 35.44 12.38
N THR B 941 -6.03 36.38 12.39
CA THR B 941 -6.68 36.83 11.17
C THR B 941 -6.52 38.33 10.91
N LYS B 942 -5.87 39.08 11.80
CA LYS B 942 -5.80 40.53 11.69
C LYS B 942 -4.39 40.99 11.33
N TYR B 943 -4.31 42.24 10.88
CA TYR B 943 -3.04 42.84 10.45
C TYR B 943 -2.84 44.18 11.14
N ASP B 944 -1.57 44.57 11.25
CA ASP B 944 -1.21 45.79 11.94
C ASP B 944 -1.04 46.94 10.94
N GLU B 945 -0.45 48.04 11.42
CA GLU B 945 -0.22 49.20 10.55
C GLU B 945 0.73 48.85 9.40
N ASN B 946 1.65 47.91 9.63
CA ASN B 946 2.56 47.45 8.59
C ASN B 946 1.98 46.32 7.74
N ASP B 947 0.71 45.97 7.96
CA ASP B 947 0.03 44.90 7.23
C ASP B 947 0.73 43.56 7.40
N LYS B 948 1.42 43.37 8.53
CA LYS B 948 1.98 42.09 8.88
C LYS B 948 1.06 41.37 9.85
N LEU B 949 1.07 40.04 9.78
CA LEU B 949 0.10 39.24 10.53
C LEU B 949 0.27 39.44 12.04
N ILE B 950 -0.85 39.56 12.73
CA ILE B 950 -0.86 39.74 14.19
C ILE B 950 -0.99 38.37 14.82
N ARG B 951 0.11 37.87 15.39
CA ARG B 951 0.18 36.50 15.91
C ARG B 951 -0.25 36.48 17.38
N GLU B 952 -1.53 36.74 17.59
CA GLU B 952 -2.09 36.74 18.95
C GLU B 952 -2.07 35.36 19.57
N VAL B 953 -2.15 34.31 18.75
CA VAL B 953 -2.06 32.93 19.21
C VAL B 953 -0.79 32.33 18.64
N LYS B 954 -0.04 31.60 19.47
CA LYS B 954 1.21 30.98 19.06
C LYS B 954 1.02 29.48 18.95
N VAL B 955 1.33 28.93 17.77
CA VAL B 955 1.13 27.52 17.50
C VAL B 955 2.48 26.83 17.69
N ILE B 956 2.65 26.16 18.83
CA ILE B 956 3.86 25.41 19.15
C ILE B 956 3.68 23.98 18.70
N THR B 957 4.77 23.37 18.22
CA THR B 957 4.75 22.02 17.68
C THR B 957 5.80 21.19 18.42
N LEU B 958 5.41 20.02 18.92
CA LEU B 958 6.31 19.18 19.69
C LEU B 958 6.37 17.78 19.11
N LYS B 959 7.48 17.10 19.41
CA LYS B 959 7.63 15.68 19.14
C LYS B 959 7.40 14.90 20.43
N SER B 960 6.93 13.65 20.28
CA SER B 960 6.52 12.86 21.43
C SER B 960 7.66 12.56 22.39
N LYS B 961 8.91 12.66 21.94
CA LYS B 961 10.03 12.33 22.82
C LYS B 961 10.15 13.31 23.97
N LEU B 962 9.79 14.58 23.77
CA LEU B 962 9.86 15.55 24.85
C LEU B 962 8.99 15.13 26.02
N VAL B 963 7.69 14.93 25.77
CA VAL B 963 6.78 14.60 26.86
C VAL B 963 7.03 13.20 27.39
N SER B 964 7.44 12.27 26.52
CA SER B 964 7.79 10.93 26.99
C SER B 964 8.97 10.99 27.96
N ASP B 965 10.02 11.74 27.60
CA ASP B 965 11.16 11.92 28.49
C ASP B 965 10.74 12.62 29.77
N PHE B 966 9.81 13.57 29.68
CA PHE B 966 9.32 14.26 30.87
C PHE B 966 8.67 13.27 31.83
N ARG B 967 7.77 12.43 31.31
CA ARG B 967 7.13 11.41 32.14
C ARG B 967 8.16 10.47 32.74
N LYS B 968 9.18 10.07 31.96
CA LYS B 968 10.17 9.14 32.47
C LYS B 968 11.09 9.79 33.51
N ASP B 969 11.35 11.09 33.37
CA ASP B 969 12.22 11.79 34.30
C ASP B 969 11.52 12.03 35.63
N PHE B 970 10.27 12.52 35.60
CA PHE B 970 9.58 12.91 36.81
C PHE B 970 8.51 11.92 37.22
N GLN B 971 8.51 10.73 36.63
CA GLN B 971 7.71 9.60 37.09
C GLN B 971 6.21 9.89 37.01
N PHE B 972 5.82 10.62 35.97
CA PHE B 972 4.41 10.70 35.57
C PHE B 972 4.13 9.67 34.47
N TYR B 973 4.38 8.41 34.81
CA TYR B 973 4.39 7.34 33.83
C TYR B 973 3.03 7.18 33.18
N LYS B 974 3.04 6.54 32.00
CA LYS B 974 1.83 6.18 31.30
C LYS B 974 1.77 4.66 31.13
N VAL B 975 0.58 4.10 31.33
CA VAL B 975 0.29 2.72 30.99
C VAL B 975 -0.92 2.75 30.08
N ARG B 976 -0.72 2.33 28.83
CA ARG B 976 -1.76 2.50 27.81
C ARG B 976 -2.98 1.62 28.06
N GLU B 977 -2.77 0.43 28.61
CA GLU B 977 -3.83 -0.56 28.71
C GLU B 977 -4.80 -0.30 29.86
N ILE B 978 -4.51 0.66 30.74
CA ILE B 978 -5.38 0.91 31.89
C ILE B 978 -6.70 1.52 31.42
N ASN B 979 -6.64 2.66 30.75
CA ASN B 979 -7.83 3.32 30.23
C ASN B 979 -7.43 4.21 29.06
N ASN B 980 -8.32 5.10 28.66
CA ASN B 980 -8.06 6.04 27.57
C ASN B 980 -7.70 7.42 28.06
N TYR B 981 -7.41 7.59 29.35
CA TYR B 981 -7.05 8.90 29.88
C TYR B 981 -5.68 9.37 29.41
N HIS B 982 -4.81 8.46 28.97
CA HIS B 982 -3.44 8.84 28.64
C HIS B 982 -3.39 9.77 27.44
N HIS B 983 -4.38 9.72 26.55
CA HIS B 983 -4.43 10.68 25.45
C HIS B 983 -4.64 12.10 25.98
N ALA B 984 -5.63 12.28 26.85
CA ALA B 984 -5.86 13.58 27.46
C ALA B 984 -4.66 14.03 28.29
N HIS B 985 -4.02 13.10 28.99
CA HIS B 985 -2.86 13.47 29.79
C HIS B 985 -1.69 13.89 28.92
N ASP B 986 -1.50 13.21 27.78
CA ASP B 986 -0.49 13.63 26.82
C ASP B 986 -0.77 15.04 26.32
N ALA B 987 -2.03 15.34 26.03
CA ALA B 987 -2.38 16.69 25.58
C ALA B 987 -2.07 17.73 26.66
N TYR B 988 -2.43 17.43 27.90
CA TYR B 988 -2.16 18.36 29.00
C TYR B 988 -0.67 18.60 29.18
N LEU B 989 0.12 17.52 29.17
CA LEU B 989 1.56 17.67 29.32
C LEU B 989 2.18 18.38 28.12
N ASN B 990 1.60 18.19 26.93
CA ASN B 990 2.03 18.96 25.76
C ASN B 990 1.85 20.45 26.02
N ALA B 991 0.65 20.85 26.44
CA ALA B 991 0.41 22.26 26.75
C ALA B 991 1.42 22.77 27.77
N VAL B 992 1.56 22.05 28.88
CA VAL B 992 2.44 22.49 29.96
C VAL B 992 3.87 22.66 29.46
N VAL B 993 4.41 21.61 28.85
CA VAL B 993 5.83 21.60 28.48
C VAL B 993 6.11 22.62 27.38
N GLY B 994 5.26 22.69 26.36
CA GLY B 994 5.48 23.66 25.30
C GLY B 994 5.44 25.09 25.82
N THR B 995 4.41 25.41 26.61
CA THR B 995 4.30 26.76 27.16
C THR B 995 5.50 27.11 28.02
N ALA B 996 5.89 26.20 28.94
CA ALA B 996 7.01 26.47 29.82
C ALA B 996 8.31 26.60 29.04
N LEU B 997 8.50 25.75 28.03
CA LEU B 997 9.74 25.75 27.25
C LEU B 997 9.89 27.06 26.49
N ILE B 998 8.81 27.52 25.84
CA ILE B 998 8.93 28.78 25.11
C ILE B 998 8.94 29.98 26.05
N LYS B 999 8.43 29.84 27.28
CA LYS B 999 8.57 30.92 28.25
C LYS B 999 10.02 31.05 28.72
N LYS B 1000 10.70 29.91 28.90
CA LYS B 1000 12.07 29.94 29.40
C LYS B 1000 13.03 30.46 28.33
N TYR B 1001 12.85 30.04 27.08
CA TYR B 1001 13.75 30.42 25.99
C TYR B 1001 12.92 31.00 24.83
N PRO B 1002 12.65 32.30 24.86
CA PRO B 1002 11.91 32.90 23.73
C PRO B 1002 12.63 32.77 22.40
N LYS B 1003 13.96 32.76 22.40
CA LYS B 1003 14.71 32.60 21.15
C LYS B 1003 14.36 31.31 20.42
N LEU B 1004 13.83 30.31 21.15
CA LEU B 1004 13.45 29.05 20.54
C LEU B 1004 12.20 29.15 19.68
N GLU B 1005 11.50 30.29 19.67
CA GLU B 1005 10.26 30.38 18.90
C GLU B 1005 10.49 30.02 17.44
N SER B 1006 11.63 30.44 16.88
CA SER B 1006 11.95 30.12 15.49
C SER B 1006 11.83 28.62 15.23
N GLU B 1007 12.28 27.80 16.18
CA GLU B 1007 12.26 26.35 16.02
C GLU B 1007 10.92 25.73 16.39
N PHE B 1008 10.08 26.43 17.17
CA PHE B 1008 8.92 25.78 17.76
C PHE B 1008 7.58 26.43 17.47
N VAL B 1009 7.55 27.71 17.06
CA VAL B 1009 6.31 28.40 16.75
C VAL B 1009 6.21 28.54 15.25
N TYR B 1010 5.01 28.31 14.72
CA TYR B 1010 4.78 28.45 13.29
C TYR B 1010 4.77 29.93 12.91
N GLY B 1011 5.45 30.25 11.82
CA GLY B 1011 5.53 31.61 11.32
C GLY B 1011 6.96 32.09 11.18
N ASP B 1012 7.09 33.24 10.53
CA ASP B 1012 8.40 33.87 10.33
C ASP B 1012 8.60 35.04 11.28
N ALA B 1032 30.90 24.77 17.15
CA ALA B 1032 31.48 23.45 16.98
C ALA B 1032 30.65 22.39 17.70
N THR B 1033 31.07 22.04 18.91
CA THR B 1033 30.39 21.05 19.72
C THR B 1033 29.28 21.65 20.57
N ALA B 1034 28.98 22.94 20.40
CA ALA B 1034 28.07 23.62 21.31
C ALA B 1034 26.65 23.07 21.20
N LYS B 1035 26.24 22.68 20.00
CA LYS B 1035 24.86 22.21 19.83
C LYS B 1035 24.64 20.87 20.51
N TYR B 1036 25.66 20.00 20.50
CA TYR B 1036 25.53 18.71 21.18
C TYR B 1036 25.25 18.88 22.66
N PHE B 1037 25.74 19.97 23.24
CA PHE B 1037 25.47 20.26 24.65
C PHE B 1037 24.17 21.04 24.84
N PHE B 1038 23.88 21.97 23.94
CA PHE B 1038 22.71 22.83 24.10
C PHE B 1038 21.41 22.04 23.98
N TYR B 1039 21.19 21.42 22.83
CA TYR B 1039 19.94 20.70 22.60
C TYR B 1039 19.80 19.47 23.49
N SER B 1040 20.90 18.96 24.02
CA SER B 1040 20.83 17.85 24.98
C SER B 1040 20.57 18.34 26.41
N ASN B 1041 20.60 19.65 26.64
CA ASN B 1041 20.43 20.22 27.97
C ASN B 1041 19.30 21.24 28.04
N ILE B 1042 18.49 21.35 26.98
CA ILE B 1042 17.46 22.37 26.91
C ILE B 1042 16.39 22.14 27.98
N MET B 1043 16.11 20.88 28.31
CA MET B 1043 15.05 20.53 29.25
C MET B 1043 15.57 20.28 30.66
N ASN B 1044 16.80 20.73 30.96
CA ASN B 1044 17.36 20.54 32.29
C ASN B 1044 16.78 21.50 33.32
N PHE B 1045 16.19 22.60 32.89
CA PHE B 1045 15.67 23.59 33.82
C PHE B 1045 14.49 23.06 34.64
N PHE B 1046 13.95 21.90 34.28
CA PHE B 1046 12.96 21.26 35.14
C PHE B 1046 13.63 20.52 36.29
N LYS B 1047 14.79 19.93 36.03
CA LYS B 1047 15.49 19.14 37.04
C LYS B 1047 16.00 20.04 38.17
N THR B 1048 16.18 19.43 39.34
CA THR B 1048 16.78 20.11 40.48
C THR B 1048 18.28 19.87 40.57
N GLU B 1049 18.73 18.64 40.28
CA GLU B 1049 20.14 18.31 40.26
C GLU B 1049 20.55 17.86 38.86
N ILE B 1050 21.85 17.89 38.60
CA ILE B 1050 22.40 17.62 37.27
C ILE B 1050 23.66 16.79 37.41
N THR B 1051 23.89 15.93 36.43
CA THR B 1051 25.15 15.18 36.33
C THR B 1051 26.36 16.11 36.31
N ILE B 1057 26.51 17.79 40.04
CA ILE B 1057 27.28 19.03 40.08
C ILE B 1057 26.45 20.16 40.69
N ARG B 1058 26.10 21.14 39.87
CA ARG B 1058 25.37 22.31 40.34
C ARG B 1058 23.90 21.97 40.58
N LYS B 1059 23.35 22.52 41.65
CA LYS B 1059 21.93 22.45 41.91
C LYS B 1059 21.23 23.64 41.26
N ARG B 1060 20.19 23.37 40.58
CA ARG B 1060 19.52 24.49 39.93
C ARG B 1060 18.53 25.14 40.89
N PRO B 1061 18.25 26.43 40.69
CA PRO B 1061 17.33 27.13 41.61
C PRO B 1061 15.96 26.48 41.65
N LEU B 1062 15.39 26.42 42.85
CA LEU B 1062 14.05 25.85 43.00
C LEU B 1062 13.02 26.62 42.17
N ILE B 1063 13.20 27.92 42.01
CA ILE B 1063 12.38 28.72 41.10
C ILE B 1063 13.14 28.89 39.80
N GLU B 1064 12.43 28.81 38.68
CA GLU B 1064 13.01 28.89 37.35
C GLU B 1064 12.34 30.04 36.62
N THR B 1065 13.15 30.99 36.17
CA THR B 1065 12.67 32.25 35.63
C THR B 1065 13.26 32.50 34.26
N ASN B 1066 12.62 33.40 33.52
CA ASN B 1066 13.21 33.92 32.29
C ASN B 1066 14.29 34.94 32.67
N GLY B 1067 15.49 34.76 32.10
CA GLY B 1067 16.61 35.59 32.50
C GLY B 1067 16.41 37.06 32.19
N GLU B 1068 15.74 37.36 31.08
CA GLU B 1068 15.53 38.74 30.65
C GLU B 1068 14.32 39.37 31.34
N THR B 1069 13.14 38.81 31.10
CA THR B 1069 11.91 39.40 31.64
C THR B 1069 11.80 39.24 33.15
N GLY B 1070 12.51 38.27 33.74
CA GLY B 1070 12.35 38.00 35.15
C GLY B 1070 11.09 37.26 35.52
N GLU B 1071 10.20 37.00 34.57
CA GLU B 1071 8.98 36.28 34.85
C GLU B 1071 9.28 34.84 35.24
N ILE B 1072 8.45 34.30 36.13
CA ILE B 1072 8.61 32.93 36.62
C ILE B 1072 8.06 31.96 35.58
N VAL B 1073 8.80 30.89 35.32
CA VAL B 1073 8.35 29.90 34.34
C VAL B 1073 8.09 28.55 34.99
N TRP B 1074 8.77 28.24 36.10
CA TRP B 1074 8.56 26.93 36.71
C TRP B 1074 8.92 26.95 38.18
N ASP B 1075 7.97 26.61 39.04
CA ASP B 1075 8.23 26.40 40.46
C ASP B 1075 8.38 24.91 40.69
N LYS B 1076 9.60 24.49 41.03
CA LYS B 1076 9.86 23.08 41.28
C LYS B 1076 9.26 22.58 42.58
N GLY B 1077 8.67 23.45 43.39
CA GLY B 1077 8.05 23.04 44.63
C GLY B 1077 6.55 22.85 44.51
N ARG B 1078 5.93 23.50 43.51
CA ARG B 1078 4.47 23.49 43.39
C ARG B 1078 3.97 22.98 42.06
N ASP B 1079 4.59 23.39 40.94
CA ASP B 1079 4.05 23.05 39.62
C ASP B 1079 4.08 21.55 39.35
N PHE B 1080 5.06 20.83 39.90
CA PHE B 1080 5.03 19.38 39.82
C PHE B 1080 3.82 18.80 40.55
N ALA B 1081 3.52 19.35 41.74
CA ALA B 1081 2.33 18.94 42.46
C ALA B 1081 1.07 19.25 41.67
N THR B 1082 1.07 20.37 40.95
CA THR B 1082 -0.08 20.70 40.11
C THR B 1082 -0.25 19.68 39.00
N VAL B 1083 0.84 19.31 38.33
CA VAL B 1083 0.78 18.30 37.28
C VAL B 1083 0.26 16.98 37.85
N ARG B 1084 0.74 16.61 39.04
CA ARG B 1084 0.30 15.36 39.66
C ARG B 1084 -1.19 15.38 39.97
N LYS B 1085 -1.67 16.48 40.57
CA LYS B 1085 -3.08 16.60 40.89
C LYS B 1085 -3.94 16.56 39.63
N VAL B 1086 -3.46 17.16 38.54
CA VAL B 1086 -4.21 17.11 37.29
C VAL B 1086 -4.28 15.69 36.76
N LEU B 1087 -3.14 14.98 36.77
CA LEU B 1087 -3.13 13.61 36.27
C LEU B 1087 -3.95 12.67 37.13
N SER B 1088 -4.12 12.98 38.42
CA SER B 1088 -4.88 12.10 39.31
C SER B 1088 -6.38 12.31 39.24
N MET B 1089 -6.86 13.30 38.49
CA MET B 1089 -8.29 13.61 38.46
C MET B 1089 -9.09 12.46 37.85
N PRO B 1090 -10.11 11.95 38.55
CA PRO B 1090 -10.90 10.83 37.99
C PRO B 1090 -11.85 11.24 36.88
N GLN B 1091 -12.28 12.50 36.81
CA GLN B 1091 -13.26 12.93 35.81
C GLN B 1091 -12.54 13.51 34.61
N VAL B 1092 -12.48 12.72 33.53
CA VAL B 1092 -11.90 13.14 32.25
C VAL B 1092 -12.92 12.88 31.16
N ASN B 1093 -13.12 13.85 30.28
CA ASN B 1093 -14.20 13.81 29.29
C ASN B 1093 -13.77 12.95 28.10
N ILE B 1094 -13.99 11.65 28.19
CA ILE B 1094 -13.69 10.72 27.11
C ILE B 1094 -14.94 10.56 26.26
N VAL B 1095 -14.82 10.82 24.96
CA VAL B 1095 -15.97 10.80 24.05
C VAL B 1095 -15.65 9.89 22.88
N LYS B 1096 -16.42 8.81 22.75
CA LYS B 1096 -16.36 7.97 21.56
C LYS B 1096 -17.27 8.58 20.50
N LYS B 1097 -16.68 8.92 19.35
CA LYS B 1097 -17.43 9.58 18.28
C LYS B 1097 -18.48 8.63 17.72
N THR B 1098 -19.75 8.97 17.90
CA THR B 1098 -20.82 8.19 17.30
C THR B 1098 -20.79 8.35 15.79
N GLU B 1099 -20.95 7.23 15.08
CA GLU B 1099 -20.82 7.23 13.63
C GLU B 1099 -21.83 6.28 13.01
N VAL B 1100 -22.48 6.75 11.94
CA VAL B 1100 -23.28 5.86 11.11
C VAL B 1100 -22.35 4.93 10.34
N GLN B 1101 -22.69 3.65 10.29
CA GLN B 1101 -21.87 2.67 9.59
C GLN B 1101 -22.14 2.75 8.09
N THR B 1102 -21.07 2.64 7.30
CA THR B 1102 -21.15 2.65 5.85
C THR B 1102 -20.33 1.49 5.30
N GLY B 1103 -20.49 1.23 4.01
CA GLY B 1103 -19.68 0.24 3.31
C GLY B 1103 -20.53 -0.85 2.68
N GLY B 1104 -19.97 -2.05 2.66
CA GLY B 1104 -20.69 -3.17 2.08
C GLY B 1104 -21.95 -3.51 2.83
N PHE B 1105 -22.94 -4.01 2.10
CA PHE B 1105 -24.24 -4.32 2.69
C PHE B 1105 -24.13 -5.40 3.77
N SER B 1106 -23.27 -6.39 3.55
CA SER B 1106 -23.18 -7.54 4.44
C SER B 1106 -21.85 -8.24 4.16
N LYS B 1107 -21.69 -9.41 4.77
CA LYS B 1107 -20.62 -10.31 4.35
C LYS B 1107 -20.82 -10.68 2.89
N GLU B 1108 -19.72 -10.80 2.16
CA GLU B 1108 -19.79 -11.00 0.73
C GLU B 1108 -20.07 -12.45 0.35
N SER B 1109 -19.88 -13.39 1.26
CA SER B 1109 -20.02 -14.80 0.94
C SER B 1109 -21.44 -15.11 0.46
N ILE B 1110 -21.52 -15.86 -0.64
CA ILE B 1110 -22.80 -16.35 -1.15
C ILE B 1110 -23.06 -17.71 -0.54
N LEU B 1111 -23.99 -17.77 0.44
CA LEU B 1111 -24.27 -18.95 1.24
C LEU B 1111 -25.27 -19.86 0.53
N PRO B 1112 -25.20 -21.16 0.78
CA PRO B 1112 -26.18 -22.09 0.20
C PRO B 1112 -27.57 -21.85 0.75
N LYS B 1113 -28.55 -22.50 0.12
CA LYS B 1113 -29.93 -22.35 0.54
C LYS B 1113 -30.12 -22.87 1.97
N ARG B 1114 -31.01 -22.21 2.69
CA ARG B 1114 -31.24 -22.53 4.10
C ARG B 1114 -32.59 -21.94 4.50
N ASN B 1115 -33.26 -22.63 5.42
CA ASN B 1115 -34.54 -22.16 5.96
C ASN B 1115 -34.24 -21.21 7.11
N SER B 1116 -34.11 -19.93 6.80
CA SER B 1116 -33.78 -18.92 7.79
C SER B 1116 -34.12 -17.54 7.24
N ASP B 1117 -34.84 -16.74 8.01
CA ASP B 1117 -35.20 -15.39 7.57
C ASP B 1117 -34.02 -14.43 7.62
N LYS B 1118 -32.85 -14.87 8.08
CA LYS B 1118 -31.66 -14.04 8.03
C LYS B 1118 -31.05 -13.99 6.63
N LEU B 1119 -31.36 -14.96 5.77
CA LEU B 1119 -30.83 -14.96 4.42
C LEU B 1119 -31.46 -13.85 3.58
N ILE B 1120 -30.63 -13.16 2.81
CA ILE B 1120 -31.06 -12.05 1.98
C ILE B 1120 -30.88 -12.44 0.52
N ALA B 1121 -31.90 -12.14 -0.30
CA ALA B 1121 -31.87 -12.52 -1.70
C ALA B 1121 -30.85 -11.70 -2.46
N ARG B 1122 -30.05 -12.36 -3.28
CA ARG B 1122 -29.08 -11.68 -4.14
C ARG B 1122 -29.71 -11.07 -5.38
N LYS B 1123 -30.94 -11.46 -5.71
CA LYS B 1123 -31.72 -10.84 -6.76
C LYS B 1123 -33.17 -10.76 -6.28
N LYS B 1124 -33.94 -9.89 -6.93
CA LYS B 1124 -35.30 -9.63 -6.45
C LYS B 1124 -36.14 -10.90 -6.37
N ASP B 1125 -36.05 -11.75 -7.40
CA ASP B 1125 -36.90 -12.92 -7.51
C ASP B 1125 -36.24 -14.21 -7.06
N TRP B 1126 -35.05 -14.14 -6.46
CA TRP B 1126 -34.30 -15.32 -6.06
C TRP B 1126 -34.56 -15.59 -4.59
N ASP B 1127 -35.66 -16.31 -4.31
CA ASP B 1127 -36.03 -16.69 -2.96
C ASP B 1127 -34.87 -17.42 -2.28
N PRO B 1128 -34.31 -16.87 -1.20
CA PRO B 1128 -33.13 -17.50 -0.58
C PRO B 1128 -33.38 -18.92 -0.11
N LYS B 1129 -34.63 -19.28 0.21
CA LYS B 1129 -34.94 -20.64 0.59
C LYS B 1129 -34.69 -21.63 -0.54
N LYS B 1130 -34.68 -21.16 -1.79
CA LYS B 1130 -34.37 -21.98 -2.95
C LYS B 1130 -32.98 -21.75 -3.51
N TYR B 1131 -32.49 -20.51 -3.47
CA TYR B 1131 -31.28 -20.13 -4.19
C TYR B 1131 -30.13 -19.68 -3.30
N GLY B 1132 -30.31 -19.64 -1.97
CA GLY B 1132 -29.29 -19.12 -1.10
C GLY B 1132 -29.13 -17.62 -1.24
N GLY B 1133 -28.20 -17.06 -0.48
CA GLY B 1133 -27.97 -15.63 -0.52
C GLY B 1133 -27.01 -15.18 0.55
N PHE B 1134 -27.15 -13.92 0.95
CA PHE B 1134 -26.28 -13.32 1.95
C PHE B 1134 -26.89 -13.41 3.34
N ASP B 1135 -26.05 -13.18 4.34
CA ASP B 1135 -26.49 -12.95 5.71
C ASP B 1135 -25.52 -11.95 6.33
N SER B 1136 -25.71 -11.71 7.63
CA SER B 1136 -24.84 -10.82 8.41
C SER B 1136 -24.76 -9.43 7.78
N PRO B 1137 -25.84 -8.66 7.72
CA PRO B 1137 -25.74 -7.30 7.24
C PRO B 1137 -25.21 -6.37 8.32
N THR B 1138 -24.66 -5.25 7.87
CA THR B 1138 -24.17 -4.22 8.79
C THR B 1138 -25.27 -3.19 9.02
N VAL B 1139 -25.56 -2.92 10.29
CA VAL B 1139 -26.55 -1.91 10.65
C VAL B 1139 -25.93 -0.54 10.46
N ALA B 1140 -26.54 0.27 9.59
CA ALA B 1140 -26.10 1.66 9.45
C ALA B 1140 -26.35 2.44 10.73
N TYR B 1141 -27.58 2.38 11.25
CA TYR B 1141 -27.91 2.96 12.54
C TYR B 1141 -29.22 2.34 13.03
N SER B 1142 -29.34 2.21 14.34
CA SER B 1142 -30.57 1.72 14.93
C SER B 1142 -31.60 2.84 15.01
N VAL B 1143 -32.86 2.46 15.20
CA VAL B 1143 -33.96 3.40 15.33
C VAL B 1143 -34.84 2.96 16.48
N LEU B 1144 -35.11 3.87 17.41
CA LEU B 1144 -36.01 3.58 18.52
C LEU B 1144 -37.44 3.79 18.06
N VAL B 1145 -38.24 2.72 18.11
CA VAL B 1145 -39.62 2.74 17.60
C VAL B 1145 -40.57 2.59 18.78
N VAL B 1146 -41.55 3.49 18.85
CA VAL B 1146 -42.65 3.41 19.79
C VAL B 1146 -43.91 3.26 18.96
N ALA B 1147 -44.48 2.06 18.95
CA ALA B 1147 -45.63 1.76 18.09
C ALA B 1147 -46.32 0.52 18.64
N LYS B 1148 -47.30 0.04 17.88
CA LYS B 1148 -48.06 -1.16 18.22
C LYS B 1148 -47.88 -2.20 17.12
N VAL B 1149 -47.89 -3.48 17.52
CA VAL B 1149 -47.76 -4.59 16.61
C VAL B 1149 -48.90 -5.56 16.83
N GLU B 1150 -49.26 -6.28 15.77
CA GLU B 1150 -50.32 -7.30 15.89
C GLU B 1150 -49.82 -8.48 16.69
N LYS B 1151 -50.65 -8.97 17.60
CA LYS B 1151 -50.32 -10.11 18.44
C LYS B 1151 -51.33 -11.22 18.21
N GLY B 1152 -50.83 -12.42 17.93
CA GLY B 1152 -51.69 -13.59 17.79
C GLY B 1152 -52.49 -13.59 16.50
N LYS B 1153 -53.35 -14.61 16.38
CA LYS B 1153 -54.20 -14.74 15.20
C LYS B 1153 -55.20 -13.59 15.13
N SER B 1154 -55.70 -13.14 16.29
CA SER B 1154 -56.65 -12.03 16.34
C SER B 1154 -56.05 -10.71 15.89
N LYS B 1155 -54.72 -10.62 15.75
CA LYS B 1155 -54.04 -9.40 15.35
C LYS B 1155 -54.36 -8.25 16.31
N LYS B 1156 -54.47 -8.56 17.60
CA LYS B 1156 -54.74 -7.54 18.59
C LYS B 1156 -53.51 -6.66 18.80
N LEU B 1157 -53.73 -5.35 18.75
CA LEU B 1157 -52.62 -4.40 18.83
C LEU B 1157 -52.05 -4.37 20.25
N LYS B 1158 -50.77 -4.72 20.36
CA LYS B 1158 -50.03 -4.63 21.61
C LYS B 1158 -48.91 -3.60 21.46
N SER B 1159 -48.73 -2.77 22.49
CA SER B 1159 -47.74 -1.70 22.43
C SER B 1159 -46.34 -2.25 22.68
N VAL B 1160 -45.36 -1.70 21.95
CA VAL B 1160 -43.97 -2.13 22.04
C VAL B 1160 -43.05 -0.91 22.00
N LYS B 1161 -41.85 -1.09 22.54
CA LYS B 1161 -40.78 -0.10 22.45
C LYS B 1161 -39.48 -0.88 22.32
N GLU B 1162 -38.88 -0.86 21.13
CA GLU B 1162 -37.74 -1.72 20.86
C GLU B 1162 -36.79 -1.00 19.90
N LEU B 1163 -35.66 -1.64 19.63
CA LEU B 1163 -34.66 -1.10 18.71
C LEU B 1163 -34.72 -1.86 17.40
N LEU B 1164 -34.99 -1.14 16.32
CA LEU B 1164 -34.92 -1.70 14.97
C LEU B 1164 -33.66 -1.19 14.30
N GLY B 1165 -32.76 -2.12 13.96
CA GLY B 1165 -31.56 -1.75 13.24
C GLY B 1165 -31.82 -1.58 11.76
N ILE B 1166 -31.67 -0.35 11.26
CA ILE B 1166 -31.75 -0.10 9.84
C ILE B 1166 -30.44 -0.53 9.21
N THR B 1167 -30.49 -1.48 8.29
CA THR B 1167 -29.26 -1.90 7.63
C THR B 1167 -28.82 -0.85 6.61
N ILE B 1168 -27.57 -0.97 6.18
CA ILE B 1168 -27.05 -0.08 5.15
C ILE B 1168 -27.89 -0.17 3.88
N MET B 1169 -28.35 -1.38 3.55
CA MET B 1169 -29.14 -1.56 2.33
C MET B 1169 -30.54 -1.00 2.48
N GLU B 1170 -31.09 -0.98 3.70
CA GLU B 1170 -32.43 -0.46 3.95
C GLU B 1170 -32.46 1.04 4.19
N ARG B 1171 -31.30 1.69 4.30
CA ARG B 1171 -31.24 3.05 4.82
C ARG B 1171 -31.94 4.05 3.91
N SER B 1172 -31.67 3.97 2.60
CA SER B 1172 -32.27 4.93 1.67
C SER B 1172 -33.78 4.83 1.67
N SER B 1173 -34.32 3.61 1.63
CA SER B 1173 -35.76 3.42 1.61
C SER B 1173 -36.39 3.88 2.94
N PHE B 1174 -35.69 3.68 4.05
CA PHE B 1174 -36.19 4.16 5.32
C PHE B 1174 -36.23 5.68 5.37
N GLU B 1175 -35.19 6.34 4.87
CA GLU B 1175 -35.13 7.80 4.97
C GLU B 1175 -36.06 8.46 3.96
N LYS B 1176 -36.35 7.81 2.83
CA LYS B 1176 -37.30 8.37 1.89
C LYS B 1176 -38.69 8.49 2.50
N ASN B 1177 -39.11 7.46 3.23
CA ASN B 1177 -40.37 7.50 3.96
C ASN B 1177 -40.31 6.57 5.17
N PRO B 1178 -39.96 7.07 6.35
CA PRO B 1178 -39.79 6.17 7.50
C PRO B 1178 -41.08 5.50 7.95
N ILE B 1179 -42.22 6.17 7.80
CA ILE B 1179 -43.48 5.62 8.27
C ILE B 1179 -43.87 4.39 7.44
N ASP B 1180 -43.82 4.51 6.11
CA ASP B 1180 -44.15 3.37 5.26
C ASP B 1180 -43.17 2.22 5.47
N PHE B 1181 -41.89 2.55 5.66
CA PHE B 1181 -40.89 1.51 5.94
C PHE B 1181 -41.24 0.75 7.21
N LEU B 1182 -41.51 1.48 8.29
CA LEU B 1182 -41.82 0.82 9.57
C LEU B 1182 -43.12 0.05 9.51
N GLU B 1183 -44.11 0.55 8.75
CA GLU B 1183 -45.38 -0.17 8.65
C GLU B 1183 -45.21 -1.45 7.84
N ALA B 1184 -44.39 -1.42 6.79
CA ALA B 1184 -44.10 -2.64 6.06
C ALA B 1184 -43.39 -3.66 6.94
N LYS B 1185 -42.59 -3.20 7.90
CA LYS B 1185 -41.94 -4.10 8.84
C LYS B 1185 -42.91 -4.73 9.83
N GLY B 1186 -44.11 -4.17 9.96
CA GLY B 1186 -45.13 -4.72 10.84
C GLY B 1186 -45.60 -3.77 11.93
N TYR B 1187 -44.95 -2.62 12.14
CA TYR B 1187 -45.36 -1.70 13.18
C TYR B 1187 -46.58 -0.91 12.75
N LYS B 1188 -47.46 -0.62 13.71
CA LYS B 1188 -48.68 0.13 13.46
C LYS B 1188 -48.77 1.29 14.44
N GLU B 1189 -49.31 2.41 13.96
CA GLU B 1189 -49.45 3.63 14.76
C GLU B 1189 -48.12 4.04 15.39
N VAL B 1190 -47.17 4.35 14.52
CA VAL B 1190 -45.83 4.70 14.97
C VAL B 1190 -45.80 6.16 15.38
N LYS B 1191 -45.34 6.42 16.61
CA LYS B 1191 -45.11 7.78 17.07
C LYS B 1191 -43.98 8.40 16.25
N LYS B 1192 -44.34 9.11 15.19
CA LYS B 1192 -43.35 9.61 14.23
C LYS B 1192 -42.35 10.56 14.90
N ASP B 1193 -42.79 11.30 15.91
CA ASP B 1193 -41.93 12.29 16.56
C ASP B 1193 -41.07 11.71 17.68
N LEU B 1194 -41.37 10.49 18.14
CA LEU B 1194 -40.52 9.84 19.14
C LEU B 1194 -39.46 8.96 18.51
N ILE B 1195 -39.38 8.92 17.18
CA ILE B 1195 -38.36 8.14 16.51
C ILE B 1195 -37.00 8.77 16.79
N ILE B 1196 -36.10 8.00 17.39
CA ILE B 1196 -34.76 8.45 17.72
C ILE B 1196 -33.76 7.66 16.87
N LYS B 1197 -32.95 8.38 16.11
CA LYS B 1197 -31.87 7.79 15.34
C LYS B 1197 -30.67 7.55 16.25
N LEU B 1198 -30.15 6.32 16.26
CA LEU B 1198 -29.09 5.92 17.18
C LEU B 1198 -27.94 5.34 16.37
N PRO B 1199 -26.91 6.14 16.08
CA PRO B 1199 -25.74 5.59 15.40
C PRO B 1199 -24.97 4.65 16.29
N LYS B 1200 -23.91 4.04 15.76
CA LYS B 1200 -23.06 3.19 16.58
C LYS B 1200 -22.41 4.02 17.69
N TYR B 1201 -22.18 3.36 18.83
CA TYR B 1201 -21.56 3.94 20.02
C TYR B 1201 -22.44 4.98 20.73
N SER B 1202 -23.75 4.93 20.52
CA SER B 1202 -24.64 5.81 21.26
C SER B 1202 -24.53 5.51 22.75
N LEU B 1203 -24.42 6.56 23.56
CA LEU B 1203 -24.10 6.43 24.97
C LEU B 1203 -25.37 6.39 25.81
N PHE B 1204 -25.48 5.39 26.67
CA PHE B 1204 -26.57 5.27 27.64
C PHE B 1204 -25.97 5.12 29.03
N GLU B 1205 -26.64 5.70 30.01
CA GLU B 1205 -26.31 5.50 31.41
C GLU B 1205 -27.47 4.82 32.11
N LEU B 1206 -27.14 3.82 32.94
CA LEU B 1206 -28.13 3.09 33.72
C LEU B 1206 -27.99 3.39 35.21
N GLU B 1207 -27.92 2.34 36.02
CA GLU B 1207 -27.81 2.55 37.45
C GLU B 1207 -26.34 2.57 37.89
N ASN B 1208 -26.11 3.16 39.06
CA ASN B 1208 -24.77 3.24 39.67
C ASN B 1208 -23.74 3.85 38.75
N GLY B 1209 -24.17 4.71 37.81
CA GLY B 1209 -23.22 5.25 36.87
C GLY B 1209 -22.77 4.30 35.78
N ARG B 1210 -23.33 3.10 35.72
CA ARG B 1210 -23.00 2.15 34.67
C ARG B 1210 -23.39 2.73 33.31
N LYS B 1211 -22.52 2.54 32.33
CA LYS B 1211 -22.72 3.08 31.00
C LYS B 1211 -22.56 2.00 29.95
N ARG B 1212 -23.36 2.10 28.89
CA ARG B 1212 -23.31 1.20 27.76
C ARG B 1212 -23.24 2.00 26.47
N MET B 1213 -22.65 1.41 25.44
CA MET B 1213 -22.62 2.02 24.12
C MET B 1213 -23.31 1.10 23.14
N LEU B 1214 -23.91 1.68 22.10
CA LEU B 1214 -24.63 0.89 21.12
C LEU B 1214 -23.62 0.28 20.14
N ALA B 1215 -23.44 -1.03 20.21
CA ALA B 1215 -22.63 -1.75 19.23
C ALA B 1215 -23.43 -2.16 18.00
N SER B 1216 -24.75 -2.28 18.14
CA SER B 1216 -25.66 -2.69 17.08
C SER B 1216 -27.08 -2.51 17.58
N ALA B 1217 -28.06 -3.03 16.85
CA ALA B 1217 -29.42 -3.05 17.38
C ALA B 1217 -29.60 -4.12 18.44
N GLY B 1218 -28.70 -5.09 18.52
CA GLY B 1218 -28.84 -6.18 19.47
C GLY B 1218 -27.59 -6.51 20.25
N GLU B 1219 -26.67 -5.56 20.40
CA GLU B 1219 -25.49 -5.78 21.21
C GLU B 1219 -24.95 -4.45 21.73
N LEU B 1220 -24.37 -4.50 22.93
CA LEU B 1220 -23.83 -3.32 23.60
C LEU B 1220 -22.35 -3.49 23.89
N GLN B 1221 -21.64 -2.37 23.94
CA GLN B 1221 -20.25 -2.29 24.34
C GLN B 1221 -20.14 -1.67 25.73
N LYS B 1222 -19.06 -2.00 26.44
CA LYS B 1222 -18.77 -1.38 27.72
C LYS B 1222 -18.58 0.12 27.54
N GLY B 1223 -19.20 0.90 28.42
CA GLY B 1223 -19.22 2.35 28.26
C GLY B 1223 -18.56 3.15 29.36
N ASN B 1224 -17.80 2.51 30.24
CA ASN B 1224 -17.22 3.18 31.39
C ASN B 1224 -15.70 3.15 31.33
N GLU B 1225 -15.07 4.13 31.98
CA GLU B 1225 -13.63 4.22 32.12
C GLU B 1225 -13.25 3.96 33.56
N LEU B 1226 -12.25 3.11 33.77
CA LEU B 1226 -11.74 2.80 35.10
C LEU B 1226 -10.69 3.86 35.47
N ALA B 1227 -11.06 4.76 36.38
CA ALA B 1227 -10.17 5.81 36.84
C ALA B 1227 -9.30 5.27 37.97
N LEU B 1228 -8.28 4.51 37.58
CA LEU B 1228 -7.36 3.94 38.56
C LEU B 1228 -6.49 5.03 39.15
N PRO B 1229 -6.29 5.07 40.46
CA PRO B 1229 -5.45 6.12 41.05
C PRO B 1229 -4.02 6.08 40.51
N SER B 1230 -3.36 7.24 40.57
CA SER B 1230 -2.05 7.38 39.95
C SER B 1230 -1.00 6.50 40.63
N LYS B 1231 -1.14 6.28 41.94
CA LYS B 1231 -0.19 5.44 42.67
C LYS B 1231 -0.08 4.06 42.01
N TYR B 1232 -1.23 3.46 41.71
CA TYR B 1232 -1.24 2.12 41.12
C TYR B 1232 -0.74 2.14 39.67
N VAL B 1233 -1.00 3.22 38.93
CA VAL B 1233 -0.47 3.32 37.57
C VAL B 1233 1.05 3.33 37.60
N ASN B 1234 1.64 4.13 38.49
CA ASN B 1234 3.09 4.20 38.58
C ASN B 1234 3.68 2.89 39.10
N PHE B 1235 3.01 2.26 40.08
CA PHE B 1235 3.48 0.97 40.58
C PHE B 1235 3.43 -0.10 39.49
N LEU B 1236 2.38 -0.11 38.69
CA LEU B 1236 2.29 -1.08 37.59
C LEU B 1236 3.35 -0.83 36.54
N TYR B 1237 3.62 0.43 36.22
CA TYR B 1237 4.68 0.74 35.27
C TYR B 1237 6.02 0.21 35.79
N LEU B 1238 6.37 0.55 37.02
CA LEU B 1238 7.69 0.19 37.54
C LEU B 1238 7.82 -1.30 37.77
N ALA B 1239 6.80 -1.95 38.31
CA ALA B 1239 6.90 -3.37 38.63
C ALA B 1239 6.94 -4.23 37.37
N SER B 1240 6.32 -3.78 36.29
CA SER B 1240 6.30 -4.56 35.06
C SER B 1240 7.51 -4.31 34.18
N HIS B 1241 8.42 -3.41 34.57
CA HIS B 1241 9.54 -2.99 33.73
C HIS B 1241 9.02 -2.57 32.35
N TYR B 1242 8.19 -1.52 32.36
CA TYR B 1242 7.33 -1.25 31.21
C TYR B 1242 8.13 -0.80 29.98
N GLU B 1243 9.17 0.00 30.17
CA GLU B 1243 9.93 0.47 29.03
C GLU B 1243 11.42 0.18 29.18
N LYS B 1244 12.16 1.08 29.81
CA LYS B 1244 13.57 0.88 30.08
C LYS B 1244 13.83 1.06 31.57
N LEU B 1245 14.97 0.55 32.02
CA LEU B 1245 15.38 0.80 33.39
C LEU B 1245 16.22 2.07 33.45
N LYS B 1246 16.12 2.78 34.58
CA LYS B 1246 16.56 4.17 34.68
C LYS B 1246 18.00 4.37 34.21
N GLY B 1247 18.84 3.34 34.32
CA GLY B 1247 20.25 3.48 33.98
C GLY B 1247 21.09 4.05 35.09
N SER B 1248 20.48 4.56 36.14
CA SER B 1248 21.19 4.96 37.35
C SER B 1248 21.08 3.82 38.34
N PRO B 1249 22.17 3.06 38.54
CA PRO B 1249 22.11 1.90 39.43
C PRO B 1249 21.52 2.22 40.79
N GLU B 1250 21.90 3.35 41.39
CA GLU B 1250 21.30 3.78 42.64
C GLU B 1250 19.79 3.97 42.48
N ASP B 1251 19.38 4.66 41.40
CA ASP B 1251 17.96 4.88 41.15
C ASP B 1251 17.24 3.59 40.79
N ASN B 1252 17.93 2.67 40.11
CA ASN B 1252 17.34 1.37 39.84
C ASN B 1252 17.02 0.63 41.12
N GLU B 1253 17.95 0.65 42.08
CA GLU B 1253 17.67 0.04 43.38
C GLU B 1253 16.59 0.81 44.13
N GLN B 1254 16.53 2.14 43.96
CA GLN B 1254 15.45 2.92 44.56
C GLN B 1254 14.10 2.43 44.06
N LYS B 1255 13.95 2.27 42.74
CA LYS B 1255 12.67 1.87 42.17
C LYS B 1255 12.32 0.43 42.53
N GLN B 1256 13.31 -0.47 42.51
CA GLN B 1256 13.06 -1.84 42.92
C GLN B 1256 12.63 -1.91 44.38
N LEU B 1257 13.28 -1.12 45.25
CA LEU B 1257 12.89 -1.07 46.66
C LEU B 1257 11.49 -0.51 46.83
N PHE B 1258 11.13 0.51 46.03
CA PHE B 1258 9.76 1.03 46.09
C PHE B 1258 8.76 -0.04 45.70
N VAL B 1259 9.07 -0.81 44.65
CA VAL B 1259 8.18 -1.88 44.21
C VAL B 1259 7.98 -2.89 45.33
N GLU B 1260 9.08 -3.31 45.95
CA GLU B 1260 8.98 -4.34 47.00
C GLU B 1260 8.33 -3.79 48.27
N GLN B 1261 8.48 -2.50 48.55
CA GLN B 1261 7.85 -1.93 49.74
C GLN B 1261 6.35 -1.79 49.56
N HIS B 1262 5.91 -1.44 48.35
CA HIS B 1262 4.51 -1.25 48.04
C HIS B 1262 3.91 -2.45 47.31
N LYS B 1263 4.39 -3.65 47.61
CA LYS B 1263 3.91 -4.86 46.95
C LYS B 1263 2.41 -5.04 47.15
N HIS B 1264 1.91 -4.70 48.34
CA HIS B 1264 0.50 -4.88 48.65
C HIS B 1264 -0.40 -4.23 47.61
N TYR B 1265 0.10 -3.20 46.90
CA TYR B 1265 -0.67 -2.54 45.85
C TYR B 1265 -1.31 -3.56 44.91
N LEU B 1266 -0.59 -4.64 44.62
CA LEU B 1266 -1.12 -5.76 43.84
C LEU B 1266 -2.54 -6.07 44.28
N ASP B 1267 -2.68 -6.59 45.50
CA ASP B 1267 -4.01 -6.87 46.04
C ASP B 1267 -4.92 -5.66 45.90
N GLU B 1268 -4.46 -4.49 46.34
CA GLU B 1268 -5.27 -3.28 46.24
C GLU B 1268 -5.76 -3.09 44.82
N ILE B 1269 -4.85 -3.16 43.84
CA ILE B 1269 -5.24 -3.01 42.44
C ILE B 1269 -6.38 -3.97 42.10
N ILE B 1270 -6.19 -5.25 42.42
CA ILE B 1270 -7.20 -6.25 42.12
C ILE B 1270 -8.54 -5.83 42.70
N GLU B 1271 -8.53 -5.40 43.97
CA GLU B 1271 -9.77 -4.96 44.60
C GLU B 1271 -10.41 -3.85 43.80
N GLN B 1272 -9.62 -2.83 43.44
CA GLN B 1272 -10.17 -1.71 42.67
C GLN B 1272 -10.77 -2.19 41.36
N ILE B 1273 -10.18 -3.23 40.75
CA ILE B 1273 -10.77 -3.80 39.56
C ILE B 1273 -12.08 -4.50 39.90
N SER B 1274 -12.03 -5.37 40.92
CA SER B 1274 -13.20 -6.16 41.29
C SER B 1274 -14.42 -5.27 41.50
N GLU B 1275 -14.28 -4.30 42.42
CA GLU B 1275 -15.34 -3.33 42.66
C GLU B 1275 -15.86 -2.76 41.34
N PHE B 1276 -14.97 -2.24 40.51
CA PHE B 1276 -15.38 -1.68 39.23
C PHE B 1276 -16.17 -2.71 38.43
N SER B 1277 -15.62 -3.92 38.29
CA SER B 1277 -16.30 -4.95 37.53
C SER B 1277 -17.65 -5.30 38.13
N LYS B 1278 -17.78 -5.21 39.46
CA LYS B 1278 -19.06 -5.53 40.09
C LYS B 1278 -20.07 -4.41 39.91
N ARG B 1279 -19.59 -3.18 39.71
CA ARG B 1279 -20.50 -2.04 39.57
C ARG B 1279 -20.87 -1.76 38.12
N VAL B 1280 -20.04 -2.16 37.17
CA VAL B 1280 -20.18 -1.71 35.79
C VAL B 1280 -20.11 -2.87 34.81
N ILE B 1281 -19.09 -3.73 34.93
CA ILE B 1281 -18.85 -4.74 33.91
C ILE B 1281 -19.91 -5.84 33.96
N LEU B 1282 -20.16 -6.38 35.15
CA LEU B 1282 -21.21 -7.38 35.36
C LEU B 1282 -20.95 -8.65 34.54
N ALA B 1283 -19.80 -9.27 34.83
CA ALA B 1283 -19.41 -10.55 34.24
C ALA B 1283 -19.02 -11.47 35.39
N ASP B 1284 -20.03 -12.09 36.01
CA ASP B 1284 -19.81 -12.88 37.22
C ASP B 1284 -18.82 -14.01 36.98
N ALA B 1285 -19.06 -14.82 35.94
CA ALA B 1285 -18.19 -15.96 35.67
C ALA B 1285 -16.77 -15.51 35.35
N ASN B 1286 -16.62 -14.48 34.50
CA ASN B 1286 -15.30 -14.01 34.14
C ASN B 1286 -14.56 -13.44 35.34
N LEU B 1287 -15.25 -12.68 36.18
CA LEU B 1287 -14.60 -12.12 37.37
C LEU B 1287 -14.19 -13.21 38.34
N ASP B 1288 -15.03 -14.24 38.50
CA ASP B 1288 -14.67 -15.34 39.40
C ASP B 1288 -13.46 -16.11 38.86
N LYS B 1289 -13.44 -16.36 37.55
CA LYS B 1289 -12.29 -17.04 36.96
C LYS B 1289 -11.02 -16.20 37.09
N VAL B 1290 -11.14 -14.88 36.92
CA VAL B 1290 -9.99 -13.99 37.05
C VAL B 1290 -9.47 -13.98 38.49
N LEU B 1291 -10.38 -13.96 39.47
CA LEU B 1291 -9.97 -13.98 40.87
C LEU B 1291 -9.28 -15.30 41.21
N SER B 1292 -9.84 -16.42 40.73
CA SER B 1292 -9.19 -17.71 40.95
C SER B 1292 -7.81 -17.75 40.33
N ALA B 1293 -7.67 -17.19 39.12
CA ALA B 1293 -6.38 -17.16 38.45
C ALA B 1293 -5.37 -16.30 39.18
N TYR B 1294 -5.82 -15.15 39.72
CA TYR B 1294 -4.93 -14.30 40.48
C TYR B 1294 -4.47 -15.00 41.76
N ASN B 1295 -5.38 -15.68 42.45
CA ASN B 1295 -4.98 -16.44 43.63
C ASN B 1295 -4.10 -17.63 43.28
N LYS B 1296 -4.15 -18.10 42.02
CA LYS B 1296 -3.32 -19.24 41.64
C LYS B 1296 -1.85 -18.87 41.56
N HIS B 1297 -1.54 -17.69 41.02
CA HIS B 1297 -0.16 -17.30 40.74
C HIS B 1297 0.37 -16.27 41.73
N ARG B 1298 -0.03 -16.37 43.00
CA ARG B 1298 0.44 -15.39 43.99
C ARG B 1298 1.90 -15.60 44.36
N ASP B 1299 2.47 -16.77 44.07
CA ASP B 1299 3.88 -17.01 44.31
C ASP B 1299 4.74 -16.71 43.09
N LYS B 1300 4.14 -16.29 41.98
CA LYS B 1300 4.91 -15.88 40.81
C LYS B 1300 5.66 -14.58 41.12
N PRO B 1301 6.75 -14.32 40.39
CA PRO B 1301 7.49 -13.07 40.62
C PRO B 1301 6.60 -11.85 40.42
N ILE B 1302 6.96 -10.77 41.14
CA ILE B 1302 6.15 -9.56 41.12
C ILE B 1302 6.04 -9.00 39.71
N ARG B 1303 7.15 -9.05 38.95
CA ARG B 1303 7.17 -8.47 37.61
C ARG B 1303 6.14 -9.14 36.71
N GLU B 1304 6.10 -10.47 36.72
CA GLU B 1304 5.18 -11.19 35.85
C GLU B 1304 3.73 -11.00 36.28
N GLN B 1305 3.49 -10.98 37.59
CA GLN B 1305 2.14 -10.72 38.08
C GLN B 1305 1.66 -9.33 37.67
N ALA B 1306 2.55 -8.34 37.68
CA ALA B 1306 2.19 -7.00 37.23
C ALA B 1306 1.95 -6.99 35.73
N GLU B 1307 2.79 -7.68 34.96
CA GLU B 1307 2.61 -7.73 33.51
C GLU B 1307 1.28 -8.37 33.14
N ASN B 1308 0.81 -9.33 33.94
CA ASN B 1308 -0.48 -9.96 33.66
C ASN B 1308 -1.65 -9.14 34.20
N ILE B 1309 -1.44 -8.41 35.30
CA ILE B 1309 -2.45 -7.44 35.73
C ILE B 1309 -2.69 -6.40 34.65
N ILE B 1310 -1.62 -6.02 33.93
CA ILE B 1310 -1.77 -5.13 32.78
C ILE B 1310 -2.76 -5.72 31.78
N HIS B 1311 -2.69 -7.03 31.54
CA HIS B 1311 -3.65 -7.67 30.64
C HIS B 1311 -5.05 -7.64 31.24
N LEU B 1312 -5.16 -7.79 32.56
CA LEU B 1312 -6.46 -7.87 33.21
C LEU B 1312 -7.38 -6.70 32.90
N PHE B 1313 -6.84 -5.56 32.46
CA PHE B 1313 -7.67 -4.40 32.17
C PHE B 1313 -8.50 -4.54 30.91
N THR B 1314 -8.28 -5.59 30.10
CA THR B 1314 -9.16 -5.84 28.97
C THR B 1314 -10.60 -6.08 29.42
N LEU B 1315 -10.77 -6.65 30.61
CA LEU B 1315 -12.11 -6.87 31.15
C LEU B 1315 -12.83 -5.57 31.44
N THR B 1316 -12.09 -4.51 31.77
CA THR B 1316 -12.68 -3.23 32.14
C THR B 1316 -12.53 -2.15 31.08
N ASN B 1317 -11.80 -2.42 30.00
CA ASN B 1317 -11.56 -1.39 29.00
C ASN B 1317 -12.86 -0.96 28.33
N LEU B 1318 -12.91 0.33 27.99
CA LEU B 1318 -14.06 0.86 27.25
C LEU B 1318 -14.18 0.17 25.90
N GLY B 1319 -15.42 -0.05 25.47
CA GLY B 1319 -15.68 -0.53 24.13
C GLY B 1319 -16.09 -1.98 24.03
N ALA B 1320 -15.78 -2.61 22.90
CA ALA B 1320 -16.21 -3.97 22.65
C ALA B 1320 -15.50 -4.95 23.57
N PRO B 1321 -16.20 -5.93 24.12
CA PRO B 1321 -15.53 -6.94 24.94
C PRO B 1321 -14.52 -7.73 24.13
N ALA B 1322 -13.55 -8.30 24.84
CA ALA B 1322 -12.48 -9.04 24.20
C ALA B 1322 -11.98 -10.11 25.15
N ALA B 1323 -11.42 -11.17 24.57
CA ALA B 1323 -10.81 -12.25 25.33
C ALA B 1323 -9.36 -11.88 25.67
N PHE B 1324 -8.92 -12.26 26.87
CA PHE B 1324 -7.58 -11.93 27.31
C PHE B 1324 -7.02 -13.07 28.15
N LYS B 1325 -5.70 -13.15 28.20
CA LYS B 1325 -5.02 -14.20 28.97
C LYS B 1325 -4.40 -13.60 30.23
N TYR B 1326 -4.71 -14.19 31.37
CA TYR B 1326 -3.98 -13.94 32.61
C TYR B 1326 -3.08 -15.14 32.85
N PHE B 1327 -1.77 -14.92 32.73
CA PHE B 1327 -0.79 -16.01 32.70
C PHE B 1327 -1.18 -17.02 31.63
N ASP B 1328 -1.50 -18.24 32.03
CA ASP B 1328 -1.91 -19.26 31.07
C ASP B 1328 -3.42 -19.44 31.00
N THR B 1329 -4.19 -18.79 31.88
CA THR B 1329 -5.64 -18.92 31.86
C THR B 1329 -6.24 -17.96 30.84
N THR B 1330 -7.10 -18.48 29.99
CA THR B 1330 -7.78 -17.68 28.98
C THR B 1330 -9.16 -17.29 29.48
N ILE B 1331 -9.50 -16.01 29.36
CA ILE B 1331 -10.78 -15.47 29.76
C ILE B 1331 -11.49 -15.02 28.50
N ASP B 1332 -12.53 -15.75 28.11
CA ASP B 1332 -13.33 -15.39 26.94
C ASP B 1332 -14.22 -14.22 27.27
N ARG B 1333 -14.43 -13.35 26.27
CA ARG B 1333 -15.21 -12.14 26.48
C ARG B 1333 -16.64 -12.47 26.89
N LYS B 1334 -17.17 -11.68 27.83
CA LYS B 1334 -18.59 -11.67 28.13
C LYS B 1334 -19.24 -10.59 27.26
N ARG B 1335 -20.23 -10.99 26.47
CA ARG B 1335 -20.88 -10.09 25.54
C ARG B 1335 -22.24 -9.62 26.08
N TYR B 1336 -22.66 -8.46 25.62
CA TYR B 1336 -23.93 -7.85 25.99
C TYR B 1336 -24.87 -8.01 24.80
N THR B 1337 -25.39 -9.23 24.63
CA THR B 1337 -26.17 -9.62 23.47
C THR B 1337 -27.62 -9.13 23.53
N SER B 1338 -27.92 -8.18 24.40
CA SER B 1338 -29.27 -7.62 24.53
C SER B 1338 -29.18 -6.12 24.75
N THR B 1339 -30.07 -5.39 24.07
CA THR B 1339 -30.19 -3.94 24.22
C THR B 1339 -31.54 -3.55 24.81
N LYS B 1340 -32.17 -4.46 25.56
CA LYS B 1340 -33.48 -4.18 26.12
C LYS B 1340 -33.43 -3.12 27.21
N GLU B 1341 -32.34 -3.08 27.99
CA GLU B 1341 -32.28 -2.20 29.15
C GLU B 1341 -32.06 -0.73 28.75
N VAL B 1342 -31.36 -0.47 27.65
CA VAL B 1342 -31.12 0.91 27.26
C VAL B 1342 -32.40 1.61 26.83
N LEU B 1343 -33.45 0.85 26.51
CA LEU B 1343 -34.72 1.43 26.12
C LEU B 1343 -35.41 2.15 27.26
N ASP B 1344 -35.00 1.90 28.51
CA ASP B 1344 -35.50 2.61 29.68
C ASP B 1344 -34.38 3.33 30.42
N ALA B 1345 -33.21 3.46 29.79
CA ALA B 1345 -32.04 4.09 30.39
C ALA B 1345 -32.07 5.59 30.13
N THR B 1346 -30.94 6.25 30.35
CA THR B 1346 -30.79 7.67 30.02
C THR B 1346 -29.85 7.79 28.83
N LEU B 1347 -30.37 8.27 27.70
CA LEU B 1347 -29.55 8.48 26.52
C LEU B 1347 -28.81 9.81 26.66
N ILE B 1348 -27.51 9.80 26.36
CA ILE B 1348 -26.67 10.97 26.53
C ILE B 1348 -26.13 11.38 25.16
N HIS B 1349 -26.51 12.58 24.70
CA HIS B 1349 -25.93 13.19 23.51
C HIS B 1349 -24.80 14.10 23.95
N GLN B 1350 -23.58 13.80 23.51
CA GLN B 1350 -22.40 14.56 23.87
C GLN B 1350 -21.87 15.32 22.66
N SER B 1351 -21.44 16.55 22.88
CA SER B 1351 -20.70 17.26 21.84
C SER B 1351 -19.31 16.64 21.70
N ILE B 1352 -18.50 17.23 20.84
CA ILE B 1352 -17.22 16.60 20.48
C ILE B 1352 -16.26 16.58 21.67
N THR B 1353 -16.30 17.58 22.55
CA THR B 1353 -15.55 17.50 23.79
C THR B 1353 -16.31 16.81 24.91
N GLY B 1354 -17.60 16.57 24.73
CA GLY B 1354 -18.41 16.00 25.79
C GLY B 1354 -18.72 16.94 26.93
N LEU B 1355 -18.38 18.22 26.80
CA LEU B 1355 -18.70 19.18 27.84
C LEU B 1355 -20.18 19.57 27.80
N TYR B 1356 -20.73 19.76 26.61
CA TYR B 1356 -22.16 19.99 26.43
C TYR B 1356 -22.88 18.66 26.31
N GLU B 1357 -23.91 18.46 27.13
CA GLU B 1357 -24.66 17.21 27.14
C GLU B 1357 -26.14 17.49 26.94
N THR B 1358 -26.84 16.46 26.46
CA THR B 1358 -28.30 16.43 26.45
C THR B 1358 -28.73 15.05 26.92
N ARG B 1359 -29.43 14.99 28.05
CA ARG B 1359 -29.77 13.72 28.69
C ARG B 1359 -31.28 13.50 28.56
N ILE B 1360 -31.65 12.35 27.98
CA ILE B 1360 -33.04 12.03 27.69
C ILE B 1360 -33.41 10.78 28.48
N ASP B 1361 -34.39 10.92 29.36
CA ASP B 1361 -34.90 9.80 30.15
C ASP B 1361 -35.82 8.97 29.26
N LEU B 1362 -35.34 7.82 28.79
CA LEU B 1362 -36.12 6.99 27.87
C LEU B 1362 -37.23 6.22 28.56
N SER B 1363 -37.21 6.13 29.90
CA SER B 1363 -38.30 5.46 30.60
C SER B 1363 -39.60 6.24 30.53
N GLN B 1364 -39.57 7.50 30.10
CA GLN B 1364 -40.77 8.32 29.96
C GLN B 1364 -41.51 8.06 28.65
N LEU B 1365 -41.00 7.17 27.81
CA LEU B 1365 -41.58 6.91 26.49
C LEU B 1365 -42.21 5.53 26.47
N GLY B 1366 -43.42 5.44 25.95
CA GLY B 1366 -44.09 4.17 25.76
C GLY B 1366 -45.19 3.95 26.79
N GLY B 1367 -46.26 3.29 26.33
CA GLY B 1367 -47.38 3.00 27.19
C GLY B 1367 -48.70 2.89 26.44
#